data_5SKP
#
_entry.id   5SKP
#
_cell.length_a   135.910
_cell.length_b   135.910
_cell.length_c   236.750
_cell.angle_alpha   90.000
_cell.angle_beta   90.000
_cell.angle_gamma   120.000
#
_symmetry.space_group_name_H-M   'H 3'
#
loop_
_entity.id
_entity.type
_entity.pdbx_description
1 polymer "cAMP and cAMP-inhibited cGMP 3',5'-cyclic phosphodiesterase 10A"
2 non-polymer 'ZINC ION'
3 non-polymer 'MAGNESIUM ION'
4 non-polymer [4-(2-methoxyphenyl)piperazin-1-yl](3-methyl-1-phenyl-1H-thieno[2,3-c]pyrazol-5-yl)methanone
5 non-polymer GLYCEROL
6 water water
#
_entity_poly.entity_id   1
_entity_poly.type   'polypeptide(L)'
_entity_poly.pdbx_seq_one_letter_code
;GSSICTSEEWQGLMQFTLPVRLCKEIELFHFDIGPFENMWPGIFVYMVHRSCGTSCFELEKL(CME)RFIMSVKKNYRRV
PYHNWKHAVTVAHCMYAILQNNHTLFTDLERKGLLIACLCHDLDHRGFSNSYLQKFDHPLAALYSTSTMEQHHFSQTVSI
LQLEGHNIFSTLSSSEYEQVLEIIRKAIIATDLALYFGNRKQLEEMYQTGSLNLNNQSHRDRVIGLMMTACDLCSVTKLW
PVTKLTANDIYAEFWAEGDEMKKLGIQPIPMMDRDKKDEVPQGQLGFYNAVAIPCYTTLTQILPPTEPLLKACRDNLSQW
EKVIRGEETATWISSPSVAQKAAASED
;
_entity_poly.pdbx_strand_id   A,B,C,D
#
loop_
_chem_comp.id
_chem_comp.type
_chem_comp.name
_chem_comp.formula
GOL non-polymer GLYCEROL 'C3 H8 O3'
KI8 non-polymer [4-(2-methoxyphenyl)piperazin-1-yl](3-methyl-1-phenyl-1H-thieno[2,3-c]pyrazol-5-yl)methanone 'C24 H24 N4 O2 S'
MG non-polymer 'MAGNESIUM ION' 'Mg 2'
ZN non-polymer 'ZINC ION' 'Zn 2'
#
# COMPACT_ATOMS: atom_id res chain seq x y z
N GLN A 11 -39.78 16.32 -16.34
CA GLN A 11 -40.43 17.00 -15.16
C GLN A 11 -41.83 16.39 -14.95
N GLY A 12 -42.83 17.19 -14.52
CA GLY A 12 -42.69 18.51 -13.92
C GLY A 12 -43.35 18.61 -12.57
N LEU A 13 -44.01 17.51 -12.15
CA LEU A 13 -44.53 17.24 -10.78
C LEU A 13 -43.45 16.52 -9.96
N MET A 14 -42.19 16.70 -10.37
CA MET A 14 -40.99 16.08 -9.79
C MET A 14 -40.19 17.11 -8.97
N GLN A 15 -40.76 17.54 -7.85
CA GLN A 15 -40.10 18.36 -6.79
C GLN A 15 -38.99 17.58 -6.08
N PHE A 16 -37.73 18.00 -6.25
CA PHE A 16 -36.62 17.69 -5.30
C PHE A 16 -36.97 18.13 -3.87
N THR A 17 -36.63 17.25 -2.90
CA THR A 17 -36.75 17.50 -1.43
C THR A 17 -35.50 17.01 -0.71
N LEU A 18 -35.17 17.68 0.37
CA LEU A 18 -34.00 17.38 1.17
C LEU A 18 -34.48 16.87 2.51
N PRO A 19 -33.62 16.11 3.20
CA PRO A 19 -33.90 15.76 4.58
C PRO A 19 -34.22 17.01 5.38
N VAL A 20 -34.90 16.81 6.49
CA VAL A 20 -35.50 17.94 7.26
C VAL A 20 -34.40 18.92 7.69
N ARG A 21 -33.32 18.47 8.30
CA ARG A 21 -32.30 19.42 8.79
C ARG A 21 -31.80 20.29 7.64
N LEU A 22 -31.62 19.72 6.43
CA LEU A 22 -31.06 20.46 5.26
C LEU A 22 -32.14 21.39 4.71
N CYS A 23 -33.36 20.87 4.56
CA CYS A 23 -34.53 21.67 4.10
C CYS A 23 -34.59 22.97 4.90
N LYS A 24 -34.36 22.95 6.21
CA LYS A 24 -34.49 24.20 7.01
C LYS A 24 -33.22 25.02 6.96
N GLU A 25 -32.10 24.39 7.21
CA GLU A 25 -30.83 25.12 7.34
CA GLU A 25 -30.79 25.07 7.31
C GLU A 25 -30.37 25.65 5.95
N ILE A 26 -30.81 25.07 4.83
CA ILE A 26 -30.34 25.59 3.51
C ILE A 26 -30.85 27.02 3.28
N GLU A 27 -31.83 27.50 4.06
CA GLU A 27 -32.42 28.84 3.84
C GLU A 27 -31.57 29.88 4.54
N LEU A 28 -30.68 29.42 5.39
CA LEU A 28 -29.84 30.31 6.22
C LEU A 28 -28.52 30.64 5.54
N PHE A 29 -28.02 31.85 5.74
CA PHE A 29 -26.81 32.32 5.03
C PHE A 29 -25.65 31.40 5.42
N HIS A 30 -25.61 30.86 6.64
CA HIS A 30 -24.38 30.18 7.15
C HIS A 30 -24.42 28.67 6.91
N PHE A 31 -25.34 28.19 6.10
CA PHE A 31 -25.40 26.76 5.72
C PHE A 31 -24.10 26.27 5.10
N ASP A 32 -23.63 25.11 5.54
CA ASP A 32 -22.49 24.37 4.98
C ASP A 32 -23.10 23.22 4.15
N ILE A 33 -22.70 23.03 2.90
CA ILE A 33 -23.33 21.99 2.02
C ILE A 33 -22.89 20.56 2.42
N GLY A 34 -21.91 20.44 3.30
CA GLY A 34 -21.50 19.12 3.82
C GLY A 34 -20.48 18.41 2.94
N PRO A 35 -20.02 17.25 3.48
CA PRO A 35 -18.98 16.43 2.87
C PRO A 35 -19.44 15.35 1.89
N PHE A 36 -20.73 15.25 1.58
CA PHE A 36 -21.28 14.23 0.67
C PHE A 36 -21.44 14.82 -0.72
N GLU A 37 -20.36 14.68 -1.51
CA GLU A 37 -20.20 15.28 -2.84
CA GLU A 37 -20.20 15.29 -2.84
C GLU A 37 -21.41 14.93 -3.72
N ASN A 38 -21.95 13.71 -3.57
CA ASN A 38 -23.02 13.19 -4.46
C ASN A 38 -24.35 13.88 -4.15
N MET A 39 -24.46 14.59 -3.03
CA MET A 39 -25.70 15.36 -2.77
C MET A 39 -25.65 16.79 -3.32
N TRP A 40 -24.47 17.28 -3.77
CA TRP A 40 -24.34 18.70 -4.17
C TRP A 40 -25.16 19.01 -5.42
N PRO A 41 -25.18 18.17 -6.48
CA PRO A 41 -26.08 18.43 -7.61
C PRO A 41 -27.55 18.61 -7.21
N GLY A 42 -28.00 17.71 -6.36
CA GLY A 42 -29.36 17.73 -5.78
C GLY A 42 -29.65 19.03 -5.04
N ILE A 43 -28.70 19.48 -4.22
CA ILE A 43 -28.81 20.77 -3.48
C ILE A 43 -28.97 21.94 -4.47
N PHE A 44 -28.16 21.97 -5.51
CA PHE A 44 -28.21 23.05 -6.52
C PHE A 44 -29.56 23.09 -7.24
N VAL A 45 -30.06 21.95 -7.68
CA VAL A 45 -31.33 21.86 -8.43
C VAL A 45 -32.46 22.32 -7.50
N TYR A 46 -32.42 21.85 -6.25
CA TYR A 46 -33.36 22.33 -5.19
C TYR A 46 -33.40 23.85 -5.18
N MET A 47 -32.23 24.47 -5.17
CA MET A 47 -32.11 25.93 -5.04
C MET A 47 -32.66 26.60 -6.30
N VAL A 48 -32.32 26.09 -7.47
CA VAL A 48 -32.81 26.64 -8.75
C VAL A 48 -34.35 26.57 -8.74
N HIS A 49 -34.90 25.42 -8.38
CA HIS A 49 -36.37 25.19 -8.34
C HIS A 49 -37.08 26.22 -7.45
N ARG A 50 -36.52 26.57 -6.30
CA ARG A 50 -37.19 27.41 -5.29
C ARG A 50 -36.97 28.89 -5.63
N SER A 51 -35.82 29.19 -6.24
CA SER A 51 -35.25 30.54 -6.51
C SER A 51 -35.77 31.11 -7.84
N CYS A 52 -36.12 30.21 -8.75
CA CYS A 52 -36.34 30.53 -10.17
C CYS A 52 -37.69 29.96 -10.61
N GLY A 53 -37.95 28.70 -10.26
CA GLY A 53 -39.16 27.94 -10.64
C GLY A 53 -38.77 26.54 -11.10
N THR A 54 -39.67 25.56 -11.04
CA THR A 54 -39.46 24.20 -11.64
C THR A 54 -39.48 24.24 -13.17
N SER A 55 -39.94 25.36 -13.73
CA SER A 55 -40.19 25.62 -15.17
C SER A 55 -39.01 26.34 -15.86
N CYS A 56 -38.09 26.98 -15.14
CA CYS A 56 -37.07 27.84 -15.78
CA CYS A 56 -37.00 27.82 -15.70
C CYS A 56 -36.11 26.98 -16.63
N PHE A 57 -35.83 25.72 -16.27
CA PHE A 57 -34.85 24.87 -16.97
C PHE A 57 -35.40 23.47 -17.17
N GLU A 58 -35.02 22.82 -18.26
CA GLU A 58 -35.39 21.42 -18.54
C GLU A 58 -34.51 20.53 -17.64
N LEU A 59 -35.13 19.81 -16.70
CA LEU A 59 -34.44 18.94 -15.74
C LEU A 59 -33.30 18.17 -16.42
N GLU A 60 -33.59 17.45 -17.49
CA GLU A 60 -32.61 16.56 -18.17
C GLU A 60 -31.36 17.36 -18.60
N LYS A 61 -31.58 18.54 -19.19
CA LYS A 61 -30.51 19.44 -19.68
C LYS A 61 -29.76 20.00 -18.47
N LEU A 62 -30.48 20.43 -17.45
CA LEU A 62 -29.90 21.08 -16.26
C LEU A 62 -28.93 20.09 -15.61
N CME A 63 -29.33 18.82 -15.52
CA CME A 63 -28.55 17.76 -14.84
CB CME A 63 -29.37 16.53 -14.59
SG CME A 63 -30.44 16.70 -13.13
SD CME A 63 -29.12 16.86 -11.51
CE CME A 63 -29.04 15.21 -10.77
CZ CME A 63 -29.36 15.26 -9.28
OH CME A 63 -29.35 13.97 -8.66
C CME A 63 -27.30 17.52 -15.65
O CME A 63 -26.18 17.47 -15.07
N ARG A 64 -27.47 17.46 -16.97
CA ARG A 64 -26.36 17.22 -17.90
C ARG A 64 -25.37 18.38 -17.78
N PHE A 65 -25.84 19.62 -17.76
CA PHE A 65 -24.99 20.83 -17.60
C PHE A 65 -24.20 20.79 -16.27
N ILE A 66 -24.90 20.58 -15.16
CA ILE A 66 -24.30 20.51 -13.79
C ILE A 66 -23.15 19.49 -13.77
N MET A 67 -23.35 18.32 -14.36
CA MET A 67 -22.34 17.25 -14.34
C MET A 67 -21.15 17.61 -15.25
N SER A 68 -21.35 18.31 -16.37
CA SER A 68 -20.19 18.77 -17.19
C SER A 68 -19.46 19.90 -16.44
N VAL A 69 -20.20 20.76 -15.72
CA VAL A 69 -19.54 21.85 -14.97
C VAL A 69 -18.66 21.15 -13.95
N LYS A 70 -19.23 20.20 -13.22
CA LYS A 70 -18.48 19.49 -12.17
C LYS A 70 -17.19 18.90 -12.76
N LYS A 71 -17.30 18.20 -13.87
CA LYS A 71 -16.15 17.56 -14.55
C LYS A 71 -15.07 18.61 -14.84
N ASN A 72 -15.41 19.87 -15.04
CA ASN A 72 -14.44 20.90 -15.52
C ASN A 72 -13.85 21.73 -14.38
N TYR A 73 -14.23 21.45 -13.14
CA TYR A 73 -13.52 21.87 -11.90
C TYR A 73 -12.44 20.84 -11.60
N ARG A 74 -11.31 21.30 -11.11
CA ARG A 74 -10.13 20.47 -10.85
C ARG A 74 -10.02 20.14 -9.36
N ARG A 75 -9.19 19.16 -9.07
CA ARG A 75 -9.03 18.59 -7.71
C ARG A 75 -8.01 19.43 -6.95
N VAL A 76 -8.25 20.71 -6.77
CA VAL A 76 -7.33 21.66 -6.11
C VAL A 76 -7.89 21.83 -4.70
N PRO A 77 -7.08 22.29 -3.72
CA PRO A 77 -7.55 22.30 -2.33
C PRO A 77 -8.78 23.20 -2.06
N TYR A 78 -8.93 24.31 -2.79
CA TYR A 78 -9.89 25.38 -2.46
C TYR A 78 -10.78 25.70 -3.66
N HIS A 79 -10.22 26.06 -4.81
CA HIS A 79 -10.96 26.48 -6.03
C HIS A 79 -11.51 25.26 -6.78
N ASN A 80 -12.38 24.53 -6.13
CA ASN A 80 -12.97 23.24 -6.57
C ASN A 80 -14.51 23.28 -6.65
N TRP A 81 -15.06 22.17 -7.02
CA TRP A 81 -16.51 21.98 -7.19
C TRP A 81 -17.28 22.39 -5.92
N LYS A 82 -16.80 22.02 -4.73
CA LYS A 82 -17.43 22.41 -3.43
C LYS A 82 -17.50 23.94 -3.30
N HIS A 83 -16.47 24.67 -3.73
CA HIS A 83 -16.47 26.16 -3.72
C HIS A 83 -17.55 26.69 -4.63
N ALA A 84 -17.65 26.12 -5.83
CA ALA A 84 -18.69 26.46 -6.83
C ALA A 84 -20.09 26.43 -6.18
N VAL A 85 -20.39 25.35 -5.50
CA VAL A 85 -21.76 25.07 -5.01
C VAL A 85 -21.95 25.90 -3.76
N THR A 86 -20.93 26.09 -2.99
CA THR A 86 -20.98 26.99 -1.79
C THR A 86 -21.28 28.43 -2.19
N VAL A 87 -20.64 28.93 -3.25
CA VAL A 87 -20.83 30.34 -3.72
C VAL A 87 -22.27 30.46 -4.26
N ALA A 88 -22.77 29.46 -4.96
CA ALA A 88 -24.17 29.44 -5.48
C ALA A 88 -25.18 29.40 -4.32
N HIS A 89 -24.88 28.67 -3.26
CA HIS A 89 -25.77 28.63 -2.09
C HIS A 89 -25.83 30.06 -1.48
N CYS A 90 -24.73 30.80 -1.34
CA CYS A 90 -24.82 32.17 -0.75
C CYS A 90 -25.67 33.07 -1.66
N MET A 91 -25.55 32.93 -2.98
CA MET A 91 -26.35 33.74 -3.92
C MET A 91 -27.82 33.34 -3.72
N TYR A 92 -28.10 32.06 -3.50
CA TYR A 92 -29.49 31.54 -3.31
C TYR A 92 -30.10 32.24 -2.07
N ALA A 93 -29.36 32.30 -0.95
CA ALA A 93 -29.80 32.94 0.33
C ALA A 93 -30.08 34.43 0.10
N ILE A 94 -29.25 35.10 -0.71
CA ILE A 94 -29.45 36.56 -1.01
C ILE A 94 -30.73 36.73 -1.84
N LEU A 95 -30.85 35.97 -2.91
CA LEU A 95 -32.05 36.06 -3.78
C LEU A 95 -33.31 35.78 -2.96
N GLN A 96 -33.29 34.80 -2.07
CA GLN A 96 -34.54 34.32 -1.40
C GLN A 96 -34.96 35.30 -0.31
N ASN A 97 -34.03 36.08 0.21
CA ASN A 97 -34.25 37.16 1.21
C ASN A 97 -34.59 38.51 0.51
N ASN A 98 -34.51 38.61 -0.82
CA ASN A 98 -34.76 39.86 -1.60
C ASN A 98 -35.61 39.52 -2.84
N HIS A 99 -36.62 38.68 -2.62
CA HIS A 99 -37.61 38.10 -3.58
C HIS A 99 -37.85 39.07 -4.73
N THR A 100 -38.43 40.21 -4.41
CA THR A 100 -39.08 41.10 -5.39
C THR A 100 -38.07 41.99 -6.12
N LEU A 101 -36.80 42.04 -5.72
CA LEU A 101 -35.83 43.02 -6.27
C LEU A 101 -35.22 42.52 -7.58
N PHE A 102 -35.45 41.28 -7.99
CA PHE A 102 -34.67 40.76 -9.15
C PHE A 102 -35.55 40.30 -10.29
N THR A 103 -35.03 40.47 -11.50
CA THR A 103 -35.75 40.08 -12.74
C THR A 103 -35.70 38.56 -12.85
N ASP A 104 -36.52 38.03 -13.74
CA ASP A 104 -36.65 36.58 -14.02
C ASP A 104 -35.33 36.13 -14.66
N LEU A 105 -34.77 36.96 -15.54
CA LEU A 105 -33.49 36.66 -16.23
C LEU A 105 -32.35 36.62 -15.19
N GLU A 106 -32.39 37.53 -14.23
CA GLU A 106 -31.31 37.67 -13.22
C GLU A 106 -31.31 36.40 -12.35
N ARG A 107 -32.48 35.92 -11.97
CA ARG A 107 -32.62 34.76 -11.04
C ARG A 107 -31.99 33.53 -11.72
N LYS A 108 -32.36 33.33 -12.98
CA LYS A 108 -31.83 32.29 -13.90
C LYS A 108 -30.31 32.35 -13.99
N GLY A 109 -29.77 33.51 -14.37
CA GLY A 109 -28.36 33.65 -14.73
C GLY A 109 -27.42 33.62 -13.54
N LEU A 110 -27.81 34.16 -12.38
CA LEU A 110 -26.90 34.37 -11.24
C LEU A 110 -26.52 33.04 -10.57
N LEU A 111 -27.42 32.09 -10.46
CA LEU A 111 -27.08 30.80 -9.80
C LEU A 111 -26.14 30.05 -10.75
N ILE A 112 -26.40 30.18 -12.05
CA ILE A 112 -25.53 29.58 -13.09
C ILE A 112 -24.17 30.29 -13.04
N ALA A 113 -24.12 31.61 -12.96
CA ALA A 113 -22.85 32.36 -12.96
C ALA A 113 -22.02 31.83 -11.79
N CYS A 114 -22.64 31.67 -10.63
CA CYS A 114 -21.99 31.29 -9.36
C CYS A 114 -21.41 29.88 -9.50
N LEU A 115 -22.19 28.95 -10.08
CA LEU A 115 -21.72 27.57 -10.26
C LEU A 115 -20.51 27.55 -11.23
N CYS A 116 -20.45 28.47 -12.19
CA CYS A 116 -19.41 28.48 -13.26
C CYS A 116 -18.24 29.42 -12.97
N HIS A 117 -18.28 30.22 -11.86
CA HIS A 117 -17.43 31.44 -11.76
C HIS A 117 -15.94 31.11 -11.65
N ASP A 118 -15.56 29.88 -11.30
CA ASP A 118 -14.14 29.48 -11.21
C ASP A 118 -13.86 28.21 -12.05
N LEU A 119 -14.70 27.89 -13.04
CA LEU A 119 -14.44 26.82 -14.02
C LEU A 119 -12.96 26.72 -14.45
N ASP A 120 -12.43 25.51 -14.27
CA ASP A 120 -11.09 25.09 -14.75
C ASP A 120 -10.03 25.92 -14.04
N HIS A 121 -10.28 26.35 -12.79
CA HIS A 121 -9.26 27.01 -11.97
C HIS A 121 -8.13 26.02 -11.69
N ARG A 122 -6.89 26.49 -11.70
CA ARG A 122 -5.71 25.63 -11.48
C ARG A 122 -5.11 25.85 -10.11
N GLY A 123 -5.66 26.74 -9.27
CA GLY A 123 -5.14 27.02 -7.91
C GLY A 123 -4.07 28.10 -7.91
N PHE A 124 -4.02 28.92 -8.96
CA PHE A 124 -3.02 30.00 -9.10
C PHE A 124 -3.74 31.30 -9.46
N SER A 125 -3.22 32.38 -8.91
CA SER A 125 -3.70 33.77 -9.11
C SER A 125 -3.32 34.24 -10.51
N ASN A 126 -3.99 35.33 -10.92
CA ASN A 126 -3.73 36.04 -12.18
C ASN A 126 -2.24 36.46 -12.17
N SER A 127 -1.73 36.94 -11.02
CA SER A 127 -0.32 37.38 -10.86
C SER A 127 0.62 36.28 -11.29
N TYR A 128 0.41 35.07 -10.73
CA TYR A 128 1.33 33.93 -11.03
C TYR A 128 1.33 33.61 -12.54
N LEU A 129 0.15 33.60 -13.16
CA LEU A 129 0.00 33.33 -14.62
C LEU A 129 0.87 34.35 -15.38
N GLN A 130 0.83 35.62 -14.95
CA GLN A 130 1.54 36.75 -15.59
C GLN A 130 3.04 36.54 -15.39
N LYS A 131 3.52 36.22 -14.20
CA LYS A 131 4.96 36.00 -14.03
C LYS A 131 5.41 34.68 -14.68
N PHE A 132 4.55 33.68 -14.81
CA PHE A 132 4.95 32.41 -15.45
C PHE A 132 5.04 32.64 -16.96
N ASP A 133 4.29 33.63 -17.46
CA ASP A 133 4.11 33.90 -18.91
C ASP A 133 3.19 32.80 -19.49
N HIS A 134 2.08 32.52 -18.80
CA HIS A 134 1.13 31.48 -19.25
C HIS A 134 0.43 32.01 -20.49
N PRO A 135 0.16 31.16 -21.49
CA PRO A 135 -0.59 31.55 -22.69
C PRO A 135 -1.90 32.29 -22.40
N LEU A 136 -2.61 31.92 -21.33
CA LEU A 136 -3.87 32.62 -20.93
C LEU A 136 -3.60 34.09 -20.65
N ALA A 137 -2.41 34.44 -20.18
CA ALA A 137 -2.09 35.84 -19.81
C ALA A 137 -1.87 36.62 -21.10
N ALA A 138 -1.46 35.97 -22.19
CA ALA A 138 -1.29 36.61 -23.51
C ALA A 138 -2.66 36.77 -24.16
N LEU A 139 -3.54 35.80 -24.00
CA LEU A 139 -4.91 35.87 -24.56
C LEU A 139 -5.77 36.91 -23.81
N TYR A 140 -5.59 37.06 -22.49
CA TYR A 140 -6.42 37.95 -21.63
C TYR A 140 -5.51 38.74 -20.69
N SER A 141 -5.28 40.02 -21.00
CA SER A 141 -4.32 40.92 -20.28
C SER A 141 -4.85 41.28 -18.90
N THR A 142 -6.15 41.41 -18.70
CA THR A 142 -6.67 41.64 -17.33
C THR A 142 -7.76 40.61 -17.02
N SER A 143 -8.03 40.45 -15.73
CA SER A 143 -9.02 39.47 -15.19
C SER A 143 -8.76 38.11 -15.89
N THR A 144 -7.49 37.70 -15.96
CA THR A 144 -7.05 36.59 -16.84
C THR A 144 -7.93 35.34 -16.56
N MET A 145 -7.93 34.84 -15.31
CA MET A 145 -8.62 33.57 -15.03
C MET A 145 -10.12 33.78 -15.23
N GLU A 146 -10.61 34.98 -14.95
CA GLU A 146 -12.07 35.22 -15.01
C GLU A 146 -12.56 35.22 -16.48
N GLN A 147 -11.76 35.67 -17.44
CA GLN A 147 -12.18 35.63 -18.86
C GLN A 147 -12.15 34.16 -19.27
N HIS A 148 -11.18 33.44 -18.75
CA HIS A 148 -11.11 31.96 -18.98
C HIS A 148 -12.36 31.29 -18.45
N HIS A 149 -12.72 31.54 -17.18
CA HIS A 149 -13.93 30.91 -16.59
C HIS A 149 -15.16 31.21 -17.44
N PHE A 150 -15.35 32.44 -17.90
CA PHE A 150 -16.53 32.74 -18.73
C PHE A 150 -16.51 31.91 -20.04
N SER A 151 -15.34 31.86 -20.69
CA SER A 151 -15.06 31.06 -21.92
C SER A 151 -15.48 29.61 -21.72
N GLN A 152 -15.04 29.00 -20.62
CA GLN A 152 -15.40 27.60 -20.28
C GLN A 152 -16.90 27.51 -20.09
N THR A 153 -17.54 28.53 -19.55
CA THR A 153 -19.02 28.50 -19.38
C THR A 153 -19.72 28.41 -20.73
N VAL A 154 -19.33 29.26 -21.68
CA VAL A 154 -19.94 29.30 -23.04
C VAL A 154 -19.66 27.96 -23.74
N SER A 155 -18.46 27.45 -23.65
CA SER A 155 -18.07 26.12 -24.19
C SER A 155 -19.06 25.04 -23.76
N ILE A 156 -19.38 25.01 -22.47
CA ILE A 156 -20.20 23.93 -21.89
C ILE A 156 -21.64 24.17 -22.35
N LEU A 157 -22.11 25.42 -22.36
CA LEU A 157 -23.50 25.76 -22.85
C LEU A 157 -23.65 25.30 -24.31
N GLN A 158 -22.54 25.18 -25.04
CA GLN A 158 -22.57 24.88 -26.49
C GLN A 158 -22.41 23.39 -26.77
N LEU A 159 -22.22 22.55 -25.76
CA LEU A 159 -22.23 21.07 -25.91
C LEU A 159 -23.65 20.64 -26.29
N GLU A 160 -23.77 19.53 -27.01
CA GLU A 160 -25.07 18.97 -27.39
C GLU A 160 -25.83 18.61 -26.12
N GLY A 161 -27.09 19.02 -26.06
CA GLY A 161 -28.02 18.71 -24.98
C GLY A 161 -27.72 19.51 -23.71
N HIS A 162 -26.87 20.53 -23.80
CA HIS A 162 -26.42 21.34 -22.62
C HIS A 162 -27.01 22.74 -22.70
N ASN A 163 -27.90 23.04 -23.66
CA ASN A 163 -28.38 24.45 -23.73
C ASN A 163 -29.62 24.62 -22.86
N ILE A 164 -29.36 25.03 -21.62
CA ILE A 164 -30.37 25.17 -20.54
C ILE A 164 -31.17 26.42 -20.84
N PHE A 165 -30.73 27.24 -21.80
CA PHE A 165 -31.36 28.58 -22.09
C PHE A 165 -32.19 28.47 -23.38
N SER A 166 -32.35 27.24 -23.88
CA SER A 166 -32.88 26.96 -25.23
C SER A 166 -34.23 27.64 -25.46
N THR A 167 -35.06 27.86 -24.44
CA THR A 167 -36.40 28.51 -24.57
C THR A 167 -36.27 30.04 -24.69
N LEU A 168 -35.17 30.66 -24.26
CA LEU A 168 -35.12 32.15 -24.22
C LEU A 168 -35.17 32.62 -25.67
N SER A 169 -35.68 33.82 -25.96
CA SER A 169 -35.50 34.48 -27.29
C SER A 169 -34.01 34.76 -27.49
N SER A 170 -33.68 35.15 -28.71
CA SER A 170 -32.34 35.60 -29.12
C SER A 170 -31.88 36.70 -28.15
N SER A 171 -32.83 37.57 -27.79
CA SER A 171 -32.62 38.82 -27.01
C SER A 171 -32.26 38.48 -25.58
N GLU A 172 -33.14 37.69 -24.98
CA GLU A 172 -33.09 37.26 -23.59
C GLU A 172 -31.85 36.38 -23.41
N TYR A 173 -31.46 35.67 -24.45
CA TYR A 173 -30.28 34.77 -24.43
C TYR A 173 -29.05 35.64 -24.34
N GLU A 174 -28.94 36.68 -25.18
CA GLU A 174 -27.80 37.64 -25.12
C GLU A 174 -27.81 38.40 -23.77
N GLN A 175 -28.97 38.80 -23.28
CA GLN A 175 -29.07 39.46 -21.95
C GLN A 175 -28.56 38.52 -20.84
N VAL A 176 -29.06 37.30 -20.75
CA VAL A 176 -28.66 36.32 -19.68
C VAL A 176 -27.14 36.02 -19.80
N LEU A 177 -26.55 35.90 -21.01
CA LEU A 177 -25.12 35.56 -21.14
C LEU A 177 -24.29 36.78 -20.75
N GLU A 178 -24.85 37.98 -20.91
CA GLU A 178 -24.21 39.25 -20.49
C GLU A 178 -24.27 39.44 -18.96
N ILE A 179 -25.40 39.18 -18.30
CA ILE A 179 -25.42 39.02 -16.81
C ILE A 179 -24.30 38.05 -16.36
N ILE A 180 -24.19 36.88 -16.98
CA ILE A 180 -23.24 35.82 -16.50
C ILE A 180 -21.81 36.35 -16.70
N ARG A 181 -21.51 36.95 -17.85
CA ARG A 181 -20.14 37.44 -18.17
C ARG A 181 -19.77 38.48 -17.08
N LYS A 182 -20.63 39.47 -16.88
CA LYS A 182 -20.34 40.60 -15.95
C LYS A 182 -20.21 40.02 -14.54
N ALA A 183 -21.05 39.04 -14.20
CA ALA A 183 -21.05 38.48 -12.84
C ALA A 183 -19.72 37.76 -12.61
N ILE A 184 -19.23 37.03 -13.61
CA ILE A 184 -18.01 36.23 -13.45
C ILE A 184 -16.79 37.17 -13.43
N ILE A 185 -16.72 38.21 -14.29
CA ILE A 185 -15.60 39.20 -14.35
C ILE A 185 -15.47 39.88 -12.97
N ALA A 186 -16.60 40.16 -12.33
CA ALA A 186 -16.66 40.86 -11.04
C ALA A 186 -15.97 40.07 -9.92
N THR A 187 -15.83 38.77 -10.08
CA THR A 187 -15.17 37.91 -9.06
C THR A 187 -13.67 38.18 -9.05
N ASP A 188 -13.16 38.96 -9.99
CA ASP A 188 -11.74 39.39 -9.94
C ASP A 188 -11.64 40.38 -8.79
N LEU A 189 -11.12 39.98 -7.65
CA LEU A 189 -11.00 40.89 -6.48
C LEU A 189 -10.26 42.20 -6.81
N ALA A 190 -9.36 42.28 -7.81
CA ALA A 190 -8.67 43.53 -8.17
C ALA A 190 -9.74 44.58 -8.49
N LEU A 191 -10.91 44.15 -9.01
CA LEU A 191 -11.98 45.06 -9.50
C LEU A 191 -12.95 45.42 -8.36
N TYR A 192 -12.99 44.64 -7.30
CA TYR A 192 -13.91 44.81 -6.15
C TYR A 192 -13.76 46.21 -5.53
N PHE A 193 -12.53 46.65 -5.33
CA PHE A 193 -12.20 47.85 -4.49
C PHE A 193 -12.88 49.09 -5.05
N GLY A 194 -12.74 49.36 -6.34
CA GLY A 194 -13.36 50.52 -6.98
C GLY A 194 -14.84 50.30 -7.14
N ASN A 195 -15.27 49.06 -7.36
CA ASN A 195 -16.71 48.79 -7.47
C ASN A 195 -17.34 49.20 -6.14
N ARG A 196 -16.78 48.75 -5.03
CA ARG A 196 -17.42 49.04 -3.74
C ARG A 196 -17.28 50.53 -3.41
N LYS A 197 -16.17 51.20 -3.72
CA LYS A 197 -16.03 52.68 -3.49
C LYS A 197 -17.17 53.38 -4.23
N GLN A 198 -17.45 53.02 -5.46
CA GLN A 198 -18.42 53.76 -6.28
C GLN A 198 -19.78 53.54 -5.67
N LEU A 199 -20.05 52.32 -5.23
CA LEU A 199 -21.35 52.00 -4.63
C LEU A 199 -21.52 52.78 -3.32
N GLU A 200 -20.48 52.81 -2.50
CA GLU A 200 -20.57 53.51 -1.20
CA GLU A 200 -20.44 53.55 -1.21
C GLU A 200 -20.92 54.98 -1.49
N GLU A 201 -20.21 55.64 -2.42
CA GLU A 201 -20.48 57.08 -2.79
C GLU A 201 -21.90 57.21 -3.32
N MET A 202 -22.34 56.31 -4.20
CA MET A 202 -23.68 56.40 -4.82
C MET A 202 -24.76 56.26 -3.75
N TYR A 203 -24.54 55.39 -2.78
CA TYR A 203 -25.55 55.12 -1.72
C TYR A 203 -25.68 56.35 -0.80
N GLN A 204 -24.56 57.00 -0.50
CA GLN A 204 -24.47 58.12 0.47
C GLN A 204 -24.96 59.44 -0.13
N THR A 205 -24.65 59.73 -1.39
CA THR A 205 -25.18 60.91 -2.11
C THR A 205 -26.59 60.58 -2.61
N GLY A 206 -27.12 59.38 -2.36
CA GLY A 206 -28.50 59.02 -2.73
C GLY A 206 -28.74 58.95 -4.24
N SER A 207 -27.67 58.90 -5.03
CA SER A 207 -27.74 58.76 -6.49
C SER A 207 -28.03 57.28 -6.93
N LEU A 208 -28.03 56.30 -6.01
CA LEU A 208 -28.17 54.87 -6.37
C LEU A 208 -29.57 54.60 -6.89
N ASN A 209 -29.64 54.08 -8.10
CA ASN A 209 -30.92 53.90 -8.83
C ASN A 209 -30.96 52.49 -9.44
N LEU A 210 -31.67 51.54 -8.82
CA LEU A 210 -31.71 50.14 -9.32
C LEU A 210 -32.39 50.07 -10.71
N ASN A 211 -32.95 51.16 -11.23
CA ASN A 211 -33.54 51.23 -12.60
C ASN A 211 -32.43 51.55 -13.61
N ASN A 212 -31.31 52.04 -13.15
CA ASN A 212 -30.13 52.24 -14.00
C ASN A 212 -29.42 50.90 -14.14
N GLN A 213 -29.47 50.30 -15.32
CA GLN A 213 -28.78 49.03 -15.66
C GLN A 213 -27.32 49.10 -15.18
N SER A 214 -26.65 50.20 -15.39
CA SER A 214 -25.22 50.37 -15.02
C SER A 214 -25.06 50.30 -13.48
N HIS A 215 -26.11 50.65 -12.74
CA HIS A 215 -26.11 50.58 -11.25
C HIS A 215 -26.37 49.12 -10.83
N ARG A 216 -27.37 48.49 -11.42
CA ARG A 216 -27.67 47.07 -11.16
C ARG A 216 -26.41 46.23 -11.35
N ASP A 217 -25.73 46.44 -12.46
CA ASP A 217 -24.44 45.78 -12.74
C ASP A 217 -23.53 45.86 -11.54
N ARG A 218 -23.37 47.05 -10.95
CA ARG A 218 -22.40 47.24 -9.83
C ARG A 218 -22.86 46.42 -8.62
N VAL A 219 -24.16 46.47 -8.37
CA VAL A 219 -24.82 45.81 -7.20
C VAL A 219 -24.64 44.29 -7.37
N ILE A 220 -24.89 43.76 -8.58
CA ILE A 220 -24.62 42.32 -8.83
C ILE A 220 -23.13 41.99 -8.71
N GLY A 221 -22.27 42.82 -9.21
CA GLY A 221 -20.84 42.73 -8.89
C GLY A 221 -20.58 42.54 -7.42
N LEU A 222 -21.24 43.31 -6.55
CA LEU A 222 -20.91 43.29 -5.10
C LEU A 222 -21.45 42.00 -4.50
N MET A 223 -22.66 41.60 -4.88
CA MET A 223 -23.25 40.31 -4.51
C MET A 223 -22.27 39.19 -4.85
N MET A 224 -21.62 39.25 -6.01
CA MET A 224 -20.68 38.21 -6.49
C MET A 224 -19.46 38.17 -5.56
N THR A 225 -18.94 39.32 -5.14
CA THR A 225 -17.79 39.33 -4.22
C THR A 225 -18.25 38.70 -2.89
N ALA A 226 -19.42 39.13 -2.42
CA ALA A 226 -19.97 38.65 -1.13
C ALA A 226 -20.08 37.13 -1.15
N CYS A 227 -20.61 36.57 -2.22
CA CYS A 227 -20.90 35.13 -2.30
C CYS A 227 -19.55 34.42 -2.37
N ASP A 228 -18.68 34.94 -3.21
CA ASP A 228 -17.32 34.38 -3.40
C ASP A 228 -16.52 34.34 -2.11
N LEU A 229 -16.65 35.33 -1.23
CA LEU A 229 -15.84 35.38 0.02
C LEU A 229 -16.61 34.67 1.16
N CYS A 230 -17.75 34.01 0.88
CA CYS A 230 -18.75 33.66 1.92
C CYS A 230 -18.19 32.64 2.93
N SER A 231 -16.99 32.12 2.77
CA SER A 231 -16.41 31.23 3.82
C SER A 231 -16.22 32.04 5.13
N VAL A 232 -16.09 33.38 5.03
CA VAL A 232 -15.87 34.26 6.23
C VAL A 232 -17.20 34.52 6.95
N THR A 233 -18.33 34.00 6.44
CA THR A 233 -19.69 34.24 6.98
C THR A 233 -20.27 32.98 7.59
N LYS A 234 -19.43 31.94 7.71
CA LYS A 234 -19.82 30.60 8.21
C LYS A 234 -19.58 30.57 9.72
N LEU A 235 -20.01 29.49 10.33
CA LEU A 235 -19.69 29.22 11.76
C LEU A 235 -18.19 28.98 11.85
N TRP A 236 -17.60 29.44 12.96
CA TRP A 236 -16.13 29.52 13.16
C TRP A 236 -15.44 28.21 12.74
N PRO A 237 -15.92 27.01 13.09
CA PRO A 237 -15.18 25.78 12.71
C PRO A 237 -15.10 25.55 11.20
N VAL A 238 -16.18 25.93 10.48
CA VAL A 238 -16.19 25.93 8.98
C VAL A 238 -15.17 26.94 8.45
N THR A 239 -15.21 28.19 8.94
CA THR A 239 -14.32 29.31 8.55
C THR A 239 -12.86 28.91 8.78
N LYS A 240 -12.59 28.39 9.96
CA LYS A 240 -11.23 28.04 10.34
C LYS A 240 -10.71 26.92 9.44
N LEU A 241 -11.52 25.92 9.13
CA LEU A 241 -11.02 24.75 8.40
C LEU A 241 -10.94 25.11 6.93
N THR A 242 -11.82 25.94 6.38
CA THR A 242 -11.68 26.46 4.99
C THR A 242 -10.37 27.25 4.83
N ALA A 243 -9.97 28.05 5.83
CA ALA A 243 -8.75 28.89 5.70
C ALA A 243 -7.54 28.00 5.37
N ASN A 244 -7.50 26.79 5.95
CA ASN A 244 -6.46 25.76 5.69
C ASN A 244 -6.41 25.43 4.20
N ASP A 245 -7.56 25.22 3.56
CA ASP A 245 -7.60 24.98 2.11
C ASP A 245 -7.13 26.22 1.35
N ILE A 246 -7.57 27.40 1.76
CA ILE A 246 -7.22 28.63 1.05
C ILE A 246 -5.71 28.73 1.04
N TYR A 247 -5.10 28.55 2.21
CA TYR A 247 -3.65 28.80 2.36
C TYR A 247 -2.86 27.66 1.70
N ALA A 248 -3.42 26.46 1.60
CA ALA A 248 -2.70 25.32 0.95
C ALA A 248 -2.48 25.69 -0.52
N GLU A 249 -3.41 26.40 -1.14
CA GLU A 249 -3.22 26.94 -2.52
C GLU A 249 -2.21 28.08 -2.46
N PHE A 250 -2.41 29.03 -1.57
CA PHE A 250 -1.48 30.20 -1.49
C PHE A 250 -0.05 29.71 -1.39
N TRP A 251 0.23 28.72 -0.54
CA TRP A 251 1.63 28.31 -0.25
C TRP A 251 2.27 27.54 -1.43
N ALA A 252 1.48 26.71 -2.15
CA ALA A 252 1.88 26.08 -3.42
C ALA A 252 2.28 27.15 -4.41
N GLU A 253 1.48 28.21 -4.56
CA GLU A 253 1.77 29.33 -5.48
C GLU A 253 3.07 29.97 -5.04
N GLY A 254 3.24 30.14 -3.74
CA GLY A 254 4.47 30.74 -3.18
C GLY A 254 5.67 29.90 -3.56
N ASP A 255 5.53 28.58 -3.46
CA ASP A 255 6.64 27.66 -3.81
C ASP A 255 6.98 27.87 -5.30
N GLU A 256 5.96 27.97 -6.14
CA GLU A 256 6.11 28.13 -7.61
C GLU A 256 6.75 29.50 -7.93
N MET A 257 6.42 30.55 -7.17
CA MET A 257 7.10 31.89 -7.27
C MET A 257 8.61 31.66 -6.99
N LYS A 258 8.94 31.01 -5.89
CA LYS A 258 10.35 30.76 -5.53
C LYS A 258 11.06 30.01 -6.66
N LYS A 259 10.40 29.08 -7.32
CA LYS A 259 10.95 28.36 -8.49
C LYS A 259 11.19 29.28 -9.69
N LEU A 260 10.45 30.37 -9.87
CA LEU A 260 10.75 31.37 -10.91
C LEU A 260 11.84 32.35 -10.42
N GLY A 261 12.36 32.23 -9.20
CA GLY A 261 13.39 33.12 -8.61
C GLY A 261 12.79 34.40 -8.03
N ILE A 262 11.56 34.34 -7.51
CA ILE A 262 10.75 35.50 -7.06
C ILE A 262 10.35 35.23 -5.60
N GLN A 263 10.75 36.09 -4.67
CA GLN A 263 10.28 36.02 -3.25
C GLN A 263 8.78 36.19 -3.32
N PRO A 264 7.95 35.25 -2.86
CA PRO A 264 6.51 35.50 -2.86
C PRO A 264 6.14 36.54 -1.78
N ILE A 265 4.96 37.15 -1.87
CA ILE A 265 4.42 37.95 -0.73
C ILE A 265 4.30 37.03 0.49
N PRO A 266 4.34 37.54 1.74
CA PRO A 266 4.28 36.67 2.92
C PRO A 266 3.05 35.72 2.97
N MET A 267 1.88 36.23 2.55
CA MET A 267 0.60 35.49 2.48
C MET A 267 0.83 34.12 1.82
N MET A 268 1.73 34.05 0.85
CA MET A 268 2.00 32.85 0.02
C MET A 268 3.29 32.14 0.51
N ASP A 269 3.98 32.68 1.50
CA ASP A 269 5.26 32.07 1.91
C ASP A 269 4.93 31.11 3.05
N ARG A 270 5.15 29.81 2.85
CA ARG A 270 4.76 28.79 3.87
C ARG A 270 5.74 28.83 5.04
N ASP A 271 6.86 29.52 4.87
CA ASP A 271 7.82 29.75 5.98
C ASP A 271 7.32 30.84 6.92
N LYS A 272 6.23 31.55 6.56
CA LYS A 272 5.65 32.68 7.33
C LYS A 272 4.22 32.34 7.76
N LYS A 273 4.00 31.05 8.09
CA LYS A 273 2.71 30.48 8.59
C LYS A 273 2.20 31.21 9.85
N ASP A 274 3.14 31.54 10.74
CA ASP A 274 2.93 32.36 11.97
C ASP A 274 2.13 33.62 11.66
N GLU A 275 2.21 34.21 10.45
CA GLU A 275 1.61 35.56 10.18
C GLU A 275 0.15 35.44 9.70
N VAL A 276 -0.37 34.22 9.64
CA VAL A 276 -1.71 33.92 9.04
C VAL A 276 -2.79 34.72 9.79
N PRO A 277 -2.89 34.58 11.13
CA PRO A 277 -3.94 35.27 11.89
C PRO A 277 -3.93 36.79 11.69
N GLN A 278 -2.74 37.41 11.67
CA GLN A 278 -2.63 38.86 11.41
C GLN A 278 -3.09 39.18 9.95
N GLY A 279 -2.69 38.33 8.99
CA GLY A 279 -3.16 38.35 7.58
C GLY A 279 -4.67 38.26 7.43
N GLN A 280 -5.32 37.41 8.20
CA GLN A 280 -6.81 37.32 8.19
C GLN A 280 -7.43 38.62 8.70
N LEU A 281 -6.92 39.18 9.81
CA LEU A 281 -7.37 40.52 10.31
C LEU A 281 -7.34 41.57 9.19
N GLY A 282 -6.21 41.65 8.44
CA GLY A 282 -6.06 42.66 7.36
C GLY A 282 -7.13 42.50 6.32
N PHE A 283 -7.34 41.23 5.95
CA PHE A 283 -8.33 40.86 4.91
C PHE A 283 -9.75 41.17 5.39
N TYR A 284 -10.09 40.80 6.64
CA TYR A 284 -11.43 41.10 7.18
C TYR A 284 -11.66 42.64 7.13
N ASN A 285 -10.67 43.38 7.65
CA ASN A 285 -10.71 44.89 7.78
C ASN A 285 -10.68 45.59 6.39
N ALA A 286 -9.80 45.16 5.48
CA ALA A 286 -9.63 45.81 4.14
C ALA A 286 -10.63 45.31 3.12
N VAL A 287 -11.14 44.09 3.28
CA VAL A 287 -12.00 43.52 2.20
C VAL A 287 -13.37 43.10 2.66
N ALA A 288 -13.40 42.06 3.50
CA ALA A 288 -14.63 41.33 3.88
C ALA A 288 -15.62 42.31 4.55
N ILE A 289 -15.18 43.01 5.60
CA ILE A 289 -16.13 43.85 6.45
C ILE A 289 -16.72 44.97 5.58
N PRO A 290 -15.89 45.73 4.87
CA PRO A 290 -16.40 46.73 3.91
C PRO A 290 -17.38 46.17 2.87
N CYS A 291 -17.08 44.95 2.37
CA CYS A 291 -17.93 44.29 1.36
C CYS A 291 -19.34 44.09 1.93
N TYR A 292 -19.45 43.40 3.06
CA TYR A 292 -20.77 43.04 3.64
C TYR A 292 -21.48 44.28 4.19
N THR A 293 -20.72 45.25 4.68
CA THR A 293 -21.26 46.57 5.17
C THR A 293 -22.02 47.31 4.07
N THR A 294 -21.33 47.56 2.95
CA THR A 294 -21.95 48.24 1.78
C THR A 294 -23.08 47.38 1.26
N LEU A 295 -22.96 46.03 1.31
CA LEU A 295 -23.98 45.11 0.76
C LEU A 295 -25.22 45.26 1.61
N THR A 296 -25.03 45.29 2.93
CA THR A 296 -26.15 45.41 3.92
C THR A 296 -26.83 46.80 3.80
N GLN A 297 -26.10 47.85 3.46
CA GLN A 297 -26.69 49.19 3.17
C GLN A 297 -27.58 49.08 1.96
N ILE A 298 -27.14 48.41 0.89
CA ILE A 298 -27.93 48.40 -0.36
C ILE A 298 -29.11 47.46 -0.19
N LEU A 299 -28.88 46.34 0.50
CA LEU A 299 -29.82 45.19 0.60
C LEU A 299 -29.86 44.78 2.08
N PRO A 300 -30.68 45.50 2.86
CA PRO A 300 -30.81 45.30 4.28
C PRO A 300 -30.97 43.85 4.74
N PRO A 301 -31.77 42.99 4.12
CA PRO A 301 -31.86 41.60 4.58
C PRO A 301 -30.60 40.71 4.46
N THR A 302 -29.48 41.22 3.96
CA THR A 302 -28.23 40.45 3.88
C THR A 302 -27.43 40.66 5.15
N GLU A 303 -28.05 41.28 6.15
CA GLU A 303 -27.30 41.70 7.36
C GLU A 303 -26.67 40.50 8.10
N PRO A 304 -27.28 39.30 8.07
CA PRO A 304 -26.64 38.15 8.74
C PRO A 304 -25.23 37.86 8.22
N LEU A 305 -24.93 38.16 6.93
CA LEU A 305 -23.56 37.95 6.38
C LEU A 305 -22.59 38.89 7.10
N LEU A 306 -22.97 40.15 7.29
CA LEU A 306 -22.09 41.12 8.03
C LEU A 306 -21.88 40.68 9.47
N LYS A 307 -22.96 40.23 10.11
CA LYS A 307 -22.94 39.85 11.53
C LYS A 307 -22.00 38.61 11.70
N ALA A 308 -22.17 37.60 10.84
CA ALA A 308 -21.30 36.39 10.88
C ALA A 308 -19.84 36.77 10.56
N CYS A 309 -19.62 37.70 9.63
CA CYS A 309 -18.26 38.14 9.29
C CYS A 309 -17.62 38.76 10.55
N ARG A 310 -18.32 39.70 11.19
CA ARG A 310 -17.77 40.37 12.40
CA ARG A 310 -17.88 40.37 12.44
C ARG A 310 -17.51 39.29 13.47
N ASP A 311 -18.36 38.27 13.59
CA ASP A 311 -18.13 37.20 14.63
C ASP A 311 -16.79 36.51 14.36
N ASN A 312 -16.49 36.21 13.09
CA ASN A 312 -15.25 35.51 12.67
C ASN A 312 -14.05 36.47 12.85
N LEU A 313 -14.21 37.77 12.60
CA LEU A 313 -13.08 38.73 12.84
C LEU A 313 -12.65 38.55 14.29
N SER A 314 -13.65 38.53 15.16
CA SER A 314 -13.42 38.52 16.61
C SER A 314 -12.82 37.17 17.00
N GLN A 315 -13.19 36.08 16.33
CA GLN A 315 -12.51 34.78 16.53
C GLN A 315 -11.03 34.88 16.13
N TRP A 316 -10.67 35.57 15.04
CA TRP A 316 -9.23 35.69 14.65
C TRP A 316 -8.51 36.59 15.68
N GLU A 317 -9.18 37.62 16.19
CA GLU A 317 -8.53 38.39 17.30
C GLU A 317 -8.24 37.45 18.48
N LYS A 318 -9.18 36.58 18.84
CA LYS A 318 -8.93 35.58 19.90
C LYS A 318 -7.74 34.68 19.55
N VAL A 319 -7.54 34.33 18.28
CA VAL A 319 -6.38 33.46 17.95
C VAL A 319 -5.09 34.23 18.26
N ILE A 320 -5.03 35.50 17.88
CA ILE A 320 -3.79 36.32 18.10
C ILE A 320 -3.54 36.40 19.61
N ARG A 321 -4.58 36.60 20.43
CA ARG A 321 -4.42 36.79 21.89
C ARG A 321 -4.14 35.45 22.59
N GLY A 322 -3.83 34.41 21.83
CA GLY A 322 -3.61 33.06 22.39
C GLY A 322 -4.80 32.56 23.19
N GLU A 323 -5.98 33.21 23.17
CA GLU A 323 -7.26 32.66 23.73
C GLU A 323 -7.78 31.53 22.80
N GLU A 324 -6.96 31.11 21.82
CA GLU A 324 -7.10 29.91 20.94
C GLU A 324 -6.16 30.06 19.75
N GLN B 11 -10.20 -25.24 -19.74
CA GLN B 11 -9.60 -24.08 -19.02
C GLN B 11 -10.24 -23.95 -17.62
N GLY B 12 -10.08 -24.98 -16.76
CA GLY B 12 -10.61 -25.02 -15.37
C GLY B 12 -9.72 -25.81 -14.41
N LEU B 13 -8.59 -26.30 -14.92
CA LEU B 13 -7.42 -26.76 -14.14
C LEU B 13 -6.38 -25.61 -14.07
N MET B 14 -6.85 -24.35 -13.93
CA MET B 14 -6.03 -23.12 -13.80
C MET B 14 -5.90 -22.76 -12.32
N GLN B 15 -5.07 -23.47 -11.56
CA GLN B 15 -4.78 -23.07 -10.16
C GLN B 15 -4.17 -21.66 -10.21
N PHE B 16 -4.60 -20.76 -9.35
CA PHE B 16 -3.88 -19.47 -9.15
C PHE B 16 -2.66 -19.77 -8.32
N THR B 17 -1.55 -19.11 -8.62
CA THR B 17 -0.29 -19.26 -7.84
C THR B 17 0.19 -17.89 -7.38
N LEU B 18 0.98 -17.90 -6.34
CA LEU B 18 1.55 -16.69 -5.75
C LEU B 18 3.07 -16.83 -5.72
N PRO B 19 3.82 -15.72 -5.76
CA PRO B 19 5.26 -15.77 -5.48
C PRO B 19 5.51 -16.49 -4.14
N VAL B 20 6.67 -17.14 -4.00
CA VAL B 20 7.02 -18.02 -2.86
C VAL B 20 6.76 -17.30 -1.54
N ARG B 21 7.29 -16.09 -1.34
CA ARG B 21 7.14 -15.37 -0.06
C ARG B 21 5.65 -15.16 0.28
N LEU B 22 4.77 -14.89 -0.68
CA LEU B 22 3.33 -14.67 -0.38
C LEU B 22 2.69 -16.03 -0.11
N CYS B 23 3.00 -17.01 -0.93
CA CYS B 23 2.36 -18.35 -0.84
CA CYS B 23 2.42 -18.38 -0.84
C CYS B 23 2.54 -18.87 0.61
N LYS B 24 3.70 -18.63 1.22
CA LYS B 24 4.06 -19.08 2.58
C LYS B 24 3.44 -18.15 3.65
N GLU B 25 3.46 -16.84 3.45
CA GLU B 25 3.10 -15.83 4.47
C GLU B 25 1.55 -15.77 4.60
N ILE B 26 0.84 -16.09 3.53
CA ILE B 26 -0.63 -15.84 3.45
C ILE B 26 -1.36 -16.76 4.42
N GLU B 27 -0.70 -17.85 4.84
CA GLU B 27 -1.36 -18.87 5.67
C GLU B 27 -1.24 -18.39 7.11
N LEU B 28 -0.42 -17.36 7.37
CA LEU B 28 -0.29 -16.70 8.69
C LEU B 28 -1.37 -15.63 8.92
N PHE B 29 -1.83 -15.54 10.15
CA PHE B 29 -2.86 -14.57 10.57
C PHE B 29 -2.32 -13.15 10.41
N HIS B 30 -1.01 -12.94 10.55
CA HIS B 30 -0.44 -11.57 10.59
C HIS B 30 0.03 -11.09 9.19
N PHE B 31 -0.34 -11.82 8.14
CA PHE B 31 0.00 -11.53 6.72
C PHE B 31 -0.54 -10.14 6.39
N ASP B 32 0.26 -9.39 5.68
CA ASP B 32 -0.10 -8.06 5.14
C ASP B 32 -0.13 -8.23 3.62
N ILE B 33 -1.20 -7.77 2.98
CA ILE B 33 -1.41 -8.01 1.53
C ILE B 33 -0.52 -7.11 0.65
N GLY B 34 0.20 -6.20 1.23
CA GLY B 34 1.16 -5.44 0.45
C GLY B 34 0.55 -4.22 -0.24
N PRO B 35 1.43 -3.34 -0.75
CA PRO B 35 1.01 -2.12 -1.43
C PRO B 35 0.67 -2.21 -2.93
N PHE B 36 0.81 -3.38 -3.54
CA PHE B 36 0.52 -3.54 -4.98
C PHE B 36 -0.96 -3.89 -5.16
N GLU B 37 -1.79 -2.88 -5.45
CA GLU B 37 -3.26 -2.99 -5.63
C GLU B 37 -3.63 -4.03 -6.66
N ASN B 38 -2.85 -4.11 -7.77
CA ASN B 38 -3.14 -4.99 -8.92
C ASN B 38 -2.99 -6.47 -8.53
N MET B 39 -2.33 -6.79 -7.42
CA MET B 39 -2.19 -8.18 -6.95
C MET B 39 -3.36 -8.62 -6.07
N TRP B 40 -4.14 -7.69 -5.56
CA TRP B 40 -5.13 -8.03 -4.51
C TRP B 40 -6.19 -8.95 -5.12
N PRO B 41 -6.75 -8.71 -6.33
CA PRO B 41 -7.76 -9.63 -6.82
C PRO B 41 -7.23 -11.05 -6.92
N GLY B 42 -5.97 -11.19 -7.31
CA GLY B 42 -5.37 -12.52 -7.52
C GLY B 42 -5.27 -13.22 -6.19
N ILE B 43 -4.85 -12.51 -5.14
CA ILE B 43 -4.79 -12.96 -3.71
C ILE B 43 -6.18 -13.42 -3.27
N PHE B 44 -7.20 -12.66 -3.58
CA PHE B 44 -8.58 -13.04 -3.16
C PHE B 44 -8.99 -14.36 -3.84
N VAL B 45 -8.85 -14.45 -5.17
CA VAL B 45 -9.25 -15.65 -5.97
C VAL B 45 -8.44 -16.84 -5.46
N TYR B 46 -7.14 -16.65 -5.23
CA TYR B 46 -6.30 -17.71 -4.62
C TYR B 46 -6.96 -18.17 -3.31
N MET B 47 -7.41 -17.20 -2.49
CA MET B 47 -8.02 -17.57 -1.17
C MET B 47 -9.29 -18.38 -1.41
N VAL B 48 -10.14 -17.98 -2.34
CA VAL B 48 -11.41 -18.69 -2.64
C VAL B 48 -11.11 -20.14 -3.09
N HIS B 49 -10.08 -20.35 -3.91
CA HIS B 49 -9.82 -21.64 -4.58
C HIS B 49 -9.32 -22.64 -3.53
N ARG B 50 -8.42 -22.21 -2.65
CA ARG B 50 -7.88 -23.05 -1.57
C ARG B 50 -8.90 -23.21 -0.43
N SER B 51 -9.86 -22.30 -0.31
CA SER B 51 -10.79 -22.25 0.84
C SER B 51 -12.08 -23.01 0.55
N CYS B 52 -12.62 -22.89 -0.65
CA CYS B 52 -13.88 -23.63 -0.89
C CYS B 52 -13.81 -24.40 -2.19
N GLY B 53 -12.83 -24.12 -3.06
CA GLY B 53 -12.60 -24.95 -4.25
C GLY B 53 -12.57 -24.18 -5.57
N THR B 54 -11.93 -24.82 -6.56
CA THR B 54 -11.75 -24.34 -7.96
C THR B 54 -13.09 -24.24 -8.66
N SER B 55 -14.07 -24.96 -8.14
CA SER B 55 -15.39 -25.24 -8.74
C SER B 55 -16.47 -24.40 -8.07
N CYS B 56 -16.16 -23.77 -6.94
CA CYS B 56 -17.10 -22.94 -6.13
C CYS B 56 -17.71 -21.86 -7.04
N PHE B 57 -16.91 -21.32 -7.96
CA PHE B 57 -17.29 -20.14 -8.77
C PHE B 57 -16.75 -20.24 -10.20
N GLU B 58 -17.57 -19.85 -11.14
CA GLU B 58 -17.17 -19.69 -12.56
C GLU B 58 -16.17 -18.53 -12.54
N LEU B 59 -14.93 -18.79 -12.96
CA LEU B 59 -13.83 -17.82 -12.83
C LEU B 59 -14.15 -16.51 -13.50
N GLU B 60 -14.74 -16.53 -14.70
CA GLU B 60 -15.01 -15.29 -15.46
CA GLU B 60 -15.03 -15.30 -15.47
C GLU B 60 -15.93 -14.39 -14.64
N LYS B 61 -17.10 -14.92 -14.19
CA LYS B 61 -18.12 -14.23 -13.33
C LYS B 61 -17.47 -13.70 -12.03
N LEU B 62 -16.73 -14.54 -11.33
CA LEU B 62 -16.02 -14.15 -10.08
C LEU B 62 -15.12 -12.93 -10.33
N CME B 63 -14.31 -12.96 -11.38
CA CME B 63 -13.37 -11.85 -11.71
CB CME B 63 -12.33 -12.24 -12.76
SG CME B 63 -10.96 -13.28 -12.16
SD CME B 63 -9.91 -11.95 -10.87
CE CME B 63 -8.63 -11.03 -11.78
CZ CME B 63 -7.27 -11.70 -11.82
OH CME B 63 -6.70 -11.58 -13.11
C CME B 63 -14.19 -10.60 -12.07
O CME B 63 -13.83 -9.52 -11.68
N ARG B 64 -15.33 -10.75 -12.71
CA ARG B 64 -16.17 -9.58 -13.06
C ARG B 64 -16.81 -9.02 -11.76
N PHE B 65 -17.17 -9.92 -10.83
CA PHE B 65 -17.78 -9.55 -9.53
C PHE B 65 -16.77 -8.73 -8.72
N ILE B 66 -15.55 -9.25 -8.62
CA ILE B 66 -14.46 -8.65 -7.84
C ILE B 66 -14.22 -7.20 -8.34
N MET B 67 -14.18 -7.00 -9.66
CA MET B 67 -13.77 -5.71 -10.25
C MET B 67 -14.89 -4.70 -10.04
N SER B 68 -16.14 -5.13 -10.12
CA SER B 68 -17.29 -4.25 -9.79
C SER B 68 -17.30 -3.89 -8.30
N VAL B 69 -16.99 -4.85 -7.40
CA VAL B 69 -16.86 -4.55 -5.94
C VAL B 69 -15.75 -3.52 -5.74
N LYS B 70 -14.55 -3.75 -6.28
CA LYS B 70 -13.44 -2.76 -6.17
C LYS B 70 -13.91 -1.32 -6.47
N LYS B 71 -14.49 -1.17 -7.64
CA LYS B 71 -14.95 0.10 -8.20
C LYS B 71 -15.99 0.76 -7.27
N ASN B 72 -16.65 0.02 -6.42
CA ASN B 72 -17.73 0.55 -5.54
C ASN B 72 -17.21 0.78 -4.12
N TYR B 73 -15.90 0.67 -3.93
CA TYR B 73 -15.19 1.23 -2.74
C TYR B 73 -14.60 2.59 -3.13
N ARG B 74 -14.51 3.47 -2.16
CA ARG B 74 -14.09 4.86 -2.37
C ARG B 74 -12.65 5.00 -1.93
N ARG B 75 -12.06 6.11 -2.30
CA ARG B 75 -10.64 6.43 -2.01
C ARG B 75 -10.60 7.13 -0.66
N VAL B 76 -10.93 6.41 0.37
CA VAL B 76 -10.89 6.95 1.75
C VAL B 76 -9.66 6.39 2.45
N PRO B 77 -9.20 7.02 3.56
CA PRO B 77 -7.93 6.62 4.17
C PRO B 77 -7.91 5.18 4.71
N TYR B 78 -9.04 4.70 5.20
CA TYR B 78 -9.10 3.39 5.90
C TYR B 78 -10.17 2.48 5.31
N HIS B 79 -11.44 2.89 5.23
CA HIS B 79 -12.56 2.01 4.79
C HIS B 79 -12.59 1.89 3.26
N ASN B 80 -11.50 1.37 2.73
CA ASN B 80 -11.23 1.27 1.28
C ASN B 80 -11.07 -0.19 0.84
N TRP B 81 -10.71 -0.39 -0.44
CA TRP B 81 -10.58 -1.71 -1.10
C TRP B 81 -9.56 -2.56 -0.35
N LYS B 82 -8.50 -1.92 0.12
CA LYS B 82 -7.43 -2.66 0.81
C LYS B 82 -7.99 -3.27 2.10
N HIS B 83 -8.81 -2.50 2.85
CA HIS B 83 -9.45 -2.97 4.09
C HIS B 83 -10.31 -4.18 3.72
N ALA B 84 -11.07 -4.12 2.63
CA ALA B 84 -11.99 -5.22 2.23
C ALA B 84 -11.20 -6.51 2.07
N VAL B 85 -10.11 -6.48 1.31
CA VAL B 85 -9.29 -7.68 1.04
C VAL B 85 -8.59 -8.16 2.32
N THR B 86 -8.11 -7.25 3.13
CA THR B 86 -7.46 -7.57 4.40
C THR B 86 -8.43 -8.33 5.29
N VAL B 87 -9.67 -7.88 5.36
CA VAL B 87 -10.69 -8.52 6.24
C VAL B 87 -10.99 -9.91 5.66
N ALA B 88 -11.07 -10.06 4.33
CA ALA B 88 -11.30 -11.39 3.73
C ALA B 88 -10.12 -12.32 4.05
N HIS B 89 -8.86 -11.83 3.99
CA HIS B 89 -7.65 -12.62 4.32
C HIS B 89 -7.70 -13.12 5.77
N CYS B 90 -8.11 -12.29 6.73
CA CYS B 90 -8.31 -12.79 8.12
C CYS B 90 -9.34 -13.93 8.11
N MET B 91 -10.45 -13.79 7.39
CA MET B 91 -11.48 -14.83 7.41
C MET B 91 -10.91 -16.11 6.78
N TYR B 92 -10.13 -15.95 5.72
CA TYR B 92 -9.53 -17.09 5.02
C TYR B 92 -8.71 -17.87 6.04
N ALA B 93 -7.90 -17.20 6.84
CA ALA B 93 -7.00 -17.80 7.85
C ALA B 93 -7.84 -18.54 8.90
N ILE B 94 -8.94 -17.96 9.34
CA ILE B 94 -9.82 -18.61 10.35
C ILE B 94 -10.39 -19.89 9.72
N LEU B 95 -10.95 -19.78 8.51
CA LEU B 95 -11.57 -20.95 7.82
C LEU B 95 -10.53 -22.04 7.55
N GLN B 96 -9.32 -21.66 7.16
CA GLN B 96 -8.29 -22.65 6.78
C GLN B 96 -7.86 -23.42 8.03
N ASN B 97 -7.89 -22.82 9.22
CA ASN B 97 -7.49 -23.46 10.50
C ASN B 97 -8.66 -24.13 11.22
N ASN B 98 -9.86 -24.13 10.65
CA ASN B 98 -11.05 -24.74 11.28
C ASN B 98 -11.90 -25.31 10.18
N HIS B 99 -11.30 -25.99 9.21
CA HIS B 99 -11.97 -26.17 7.88
C HIS B 99 -13.20 -27.10 7.99
N THR B 100 -13.22 -28.07 8.90
CA THR B 100 -14.34 -29.03 9.01
C THR B 100 -15.54 -28.44 9.75
N LEU B 101 -15.39 -27.34 10.48
CA LEU B 101 -16.51 -26.70 11.25
C LEU B 101 -17.57 -26.09 10.31
N PHE B 102 -17.24 -25.73 9.08
CA PHE B 102 -18.12 -24.89 8.25
C PHE B 102 -18.60 -25.63 7.01
N THR B 103 -19.82 -25.32 6.62
CA THR B 103 -20.44 -25.92 5.43
C THR B 103 -19.90 -25.26 4.18
N ASP B 104 -20.33 -25.83 3.04
CA ASP B 104 -19.82 -25.42 1.72
CA ASP B 104 -19.86 -25.43 1.69
C ASP B 104 -20.36 -24.00 1.42
N LEU B 105 -21.67 -23.79 1.68
CA LEU B 105 -22.35 -22.48 1.59
C LEU B 105 -21.64 -21.46 2.48
N GLU B 106 -21.30 -21.80 3.72
CA GLU B 106 -20.68 -20.84 4.65
C GLU B 106 -19.34 -20.41 4.06
N ARG B 107 -18.52 -21.33 3.55
CA ARG B 107 -17.14 -20.98 3.06
C ARG B 107 -17.26 -20.01 1.86
N LYS B 108 -18.23 -20.25 0.99
CA LYS B 108 -18.61 -19.36 -0.12
C LYS B 108 -19.07 -17.97 0.34
N GLY B 109 -20.07 -17.96 1.24
CA GLY B 109 -20.79 -16.79 1.77
C GLY B 109 -19.83 -15.83 2.47
N LEU B 110 -18.89 -16.37 3.24
CA LEU B 110 -18.16 -15.61 4.25
C LEU B 110 -16.99 -14.84 3.62
N LEU B 111 -16.29 -15.43 2.64
CA LEU B 111 -15.22 -14.65 1.95
C LEU B 111 -15.87 -13.54 1.12
N ILE B 112 -17.01 -13.78 0.48
CA ILE B 112 -17.76 -12.76 -0.31
C ILE B 112 -18.27 -11.68 0.64
N ALA B 113 -18.87 -12.10 1.75
CA ALA B 113 -19.35 -11.18 2.79
C ALA B 113 -18.21 -10.24 3.21
N CYS B 114 -17.03 -10.77 3.50
CA CYS B 114 -15.89 -9.94 3.97
C CYS B 114 -15.49 -8.94 2.88
N LEU B 115 -15.41 -9.37 1.62
CA LEU B 115 -14.98 -8.48 0.51
C LEU B 115 -15.98 -7.34 0.34
N CYS B 116 -17.27 -7.61 0.50
CA CYS B 116 -18.39 -6.65 0.32
C CYS B 116 -18.73 -5.84 1.58
N HIS B 117 -18.17 -6.16 2.74
CA HIS B 117 -18.77 -5.71 4.04
C HIS B 117 -18.69 -4.21 4.24
N ASP B 118 -17.85 -3.44 3.51
CA ASP B 118 -17.83 -1.97 3.72
C ASP B 118 -18.16 -1.24 2.40
N LEU B 119 -18.85 -1.92 1.46
CA LEU B 119 -19.07 -1.41 0.09
C LEU B 119 -19.64 0.03 0.17
N ASP B 120 -19.02 0.95 -0.57
CA ASP B 120 -19.47 2.34 -0.77
C ASP B 120 -19.44 3.12 0.55
N HIS B 121 -18.58 2.72 1.50
CA HIS B 121 -18.23 3.51 2.71
C HIS B 121 -17.72 4.91 2.31
N ARG B 122 -18.08 5.93 3.09
CA ARG B 122 -17.78 7.34 2.78
C ARG B 122 -16.79 7.87 3.79
N GLY B 123 -16.40 6.99 4.73
CA GLY B 123 -15.37 7.25 5.76
C GLY B 123 -16.00 7.86 7.01
N PHE B 124 -17.33 7.75 7.13
CA PHE B 124 -18.09 8.37 8.25
C PHE B 124 -18.88 7.29 8.99
N SER B 125 -19.04 7.47 10.30
CA SER B 125 -19.78 6.56 11.20
C SER B 125 -21.29 6.72 11.02
N ASN B 126 -22.04 5.74 11.51
CA ASN B 126 -23.52 5.77 11.55
C ASN B 126 -23.99 7.01 12.35
N SER B 127 -23.31 7.34 13.43
CA SER B 127 -23.66 8.55 14.24
C SER B 127 -23.54 9.77 13.37
N TYR B 128 -22.44 9.94 12.64
CA TYR B 128 -22.29 11.16 11.80
C TYR B 128 -23.47 11.24 10.81
N LEU B 129 -23.77 10.19 10.06
CA LEU B 129 -24.88 10.19 9.07
C LEU B 129 -26.20 10.56 9.79
N GLN B 130 -26.44 10.04 10.98
CA GLN B 130 -27.63 10.41 11.81
C GLN B 130 -27.59 11.94 12.11
N LYS B 131 -26.50 12.48 12.63
CA LYS B 131 -26.46 13.93 12.98
C LYS B 131 -26.56 14.80 11.73
N PHE B 132 -25.98 14.39 10.60
CA PHE B 132 -26.01 15.16 9.35
C PHE B 132 -27.42 15.10 8.76
N ASP B 133 -28.17 14.04 9.11
CA ASP B 133 -29.51 13.79 8.54
C ASP B 133 -29.26 13.41 7.07
N HIS B 134 -28.34 12.49 6.81
CA HIS B 134 -28.13 11.82 5.50
C HIS B 134 -29.37 11.03 5.09
N PRO B 135 -29.78 11.05 3.80
CA PRO B 135 -30.87 10.20 3.30
C PRO B 135 -30.75 8.73 3.77
N LEU B 136 -29.55 8.17 3.88
CA LEU B 136 -29.37 6.75 4.27
C LEU B 136 -29.83 6.56 5.72
N ALA B 137 -29.76 7.56 6.59
CA ALA B 137 -30.25 7.46 7.99
C ALA B 137 -31.77 7.37 8.07
N ALA B 138 -32.49 7.86 7.06
CA ALA B 138 -33.97 7.82 7.03
C ALA B 138 -34.42 6.44 6.54
N LEU B 139 -33.65 5.91 5.62
CA LEU B 139 -33.88 4.62 4.97
C LEU B 139 -33.55 3.50 5.96
N TYR B 140 -32.58 3.70 6.84
CA TYR B 140 -32.01 2.63 7.69
C TYR B 140 -31.71 3.21 9.07
N SER B 141 -32.68 3.09 9.96
CA SER B 141 -32.66 3.76 11.28
C SER B 141 -31.57 3.13 12.16
N THR B 142 -31.28 1.85 12.01
CA THR B 142 -30.17 1.20 12.75
C THR B 142 -29.26 0.49 11.78
N SER B 143 -28.05 0.30 12.25
CA SER B 143 -26.96 -0.29 11.46
C SER B 143 -26.97 0.34 10.06
N THR B 144 -26.92 1.68 9.98
CA THR B 144 -27.27 2.43 8.75
C THR B 144 -26.32 2.03 7.62
N MET B 145 -25.00 2.18 7.82
CA MET B 145 -24.05 1.88 6.73
C MET B 145 -24.10 0.40 6.42
N GLU B 146 -24.24 -0.44 7.43
CA GLU B 146 -24.18 -1.90 7.22
C GLU B 146 -25.37 -2.37 6.35
N GLN B 147 -26.56 -1.83 6.54
CA GLN B 147 -27.72 -2.20 5.69
C GLN B 147 -27.45 -1.67 4.26
N HIS B 148 -26.76 -0.54 4.15
CA HIS B 148 -26.34 0.02 2.85
C HIS B 148 -25.31 -0.88 2.17
N HIS B 149 -24.32 -1.38 2.91
CA HIS B 149 -23.29 -2.27 2.35
C HIS B 149 -23.99 -3.51 1.78
N PHE B 150 -24.98 -4.02 2.49
CA PHE B 150 -25.63 -5.28 2.08
C PHE B 150 -26.40 -4.98 0.76
N SER B 151 -27.06 -3.84 0.71
CA SER B 151 -27.91 -3.45 -0.44
C SER B 151 -27.02 -3.27 -1.68
N GLN B 152 -25.83 -2.73 -1.52
CA GLN B 152 -24.83 -2.59 -2.60
C GLN B 152 -24.38 -3.97 -3.06
N THR B 153 -24.25 -4.92 -2.13
CA THR B 153 -23.78 -6.29 -2.42
C THR B 153 -24.82 -6.94 -3.33
N VAL B 154 -26.11 -6.78 -3.01
CA VAL B 154 -27.22 -7.37 -3.82
C VAL B 154 -27.26 -6.69 -5.21
N SER B 155 -27.11 -5.37 -5.27
CA SER B 155 -27.09 -4.62 -6.56
C SER B 155 -26.01 -5.18 -7.49
N ILE B 156 -24.81 -5.38 -6.99
CA ILE B 156 -23.72 -5.94 -7.83
C ILE B 156 -24.05 -7.37 -8.27
N LEU B 157 -24.59 -8.22 -7.41
CA LEU B 157 -24.92 -9.62 -7.79
C LEU B 157 -25.97 -9.68 -8.92
N GLN B 158 -26.74 -8.61 -9.13
CA GLN B 158 -27.85 -8.52 -10.12
C GLN B 158 -27.43 -7.86 -11.45
N LEU B 159 -26.24 -7.28 -11.51
CA LEU B 159 -25.56 -6.84 -12.74
C LEU B 159 -25.42 -8.03 -13.68
N GLU B 160 -25.61 -7.80 -14.98
CA GLU B 160 -25.50 -8.87 -16.00
C GLU B 160 -24.11 -9.49 -15.88
N GLY B 161 -24.07 -10.82 -15.88
CA GLY B 161 -22.88 -11.68 -15.77
C GLY B 161 -22.16 -11.56 -14.42
N HIS B 162 -22.84 -11.04 -13.39
CA HIS B 162 -22.19 -10.88 -12.06
C HIS B 162 -22.71 -11.91 -11.07
N ASN B 163 -23.65 -12.77 -11.47
CA ASN B 163 -24.26 -13.66 -10.45
C ASN B 163 -23.44 -14.92 -10.26
N ILE B 164 -22.53 -14.83 -9.28
CA ILE B 164 -21.52 -15.87 -8.95
C ILE B 164 -22.18 -17.07 -8.29
N PHE B 165 -23.46 -16.96 -7.94
CA PHE B 165 -24.21 -18.02 -7.22
C PHE B 165 -25.20 -18.66 -8.21
N SER B 166 -25.02 -18.43 -9.51
CA SER B 166 -26.00 -18.84 -10.57
C SER B 166 -26.26 -20.36 -10.47
N THR B 167 -25.30 -21.19 -10.12
CA THR B 167 -25.48 -22.69 -10.03
C THR B 167 -26.31 -23.18 -8.83
N LEU B 168 -26.57 -22.37 -7.78
CA LEU B 168 -27.25 -22.80 -6.52
C LEU B 168 -28.76 -22.89 -6.79
N SER B 169 -29.53 -23.70 -6.06
CA SER B 169 -31.03 -23.63 -6.08
C SER B 169 -31.54 -22.30 -5.49
N SER B 170 -32.76 -21.85 -5.85
CA SER B 170 -33.55 -20.81 -5.13
C SER B 170 -33.29 -20.86 -3.62
N SER B 171 -33.38 -22.07 -3.08
CA SER B 171 -33.19 -22.42 -1.66
C SER B 171 -31.81 -22.05 -1.20
N GLU B 172 -30.79 -22.67 -1.80
CA GLU B 172 -29.40 -22.38 -1.38
C GLU B 172 -29.14 -20.88 -1.60
N TYR B 173 -29.58 -20.30 -2.71
CA TYR B 173 -29.28 -18.91 -3.05
C TYR B 173 -29.81 -18.07 -1.90
N GLU B 174 -31.05 -18.30 -1.47
CA GLU B 174 -31.69 -17.55 -0.37
C GLU B 174 -30.84 -17.70 0.91
N GLN B 175 -30.29 -18.87 1.09
CA GLN B 175 -29.53 -19.23 2.29
C GLN B 175 -28.18 -18.53 2.33
N VAL B 176 -27.42 -18.58 1.24
CA VAL B 176 -26.07 -17.94 1.15
C VAL B 176 -26.29 -16.41 1.22
N LEU B 177 -27.39 -15.85 0.71
CA LEU B 177 -27.67 -14.39 0.84
C LEU B 177 -28.03 -14.05 2.29
N GLU B 178 -28.65 -14.97 3.04
CA GLU B 178 -28.91 -14.73 4.50
CA GLU B 178 -28.90 -14.75 4.51
C GLU B 178 -27.60 -14.84 5.31
N ILE B 179 -26.67 -15.73 4.97
CA ILE B 179 -25.33 -15.76 5.62
C ILE B 179 -24.69 -14.39 5.45
N ILE B 180 -24.70 -13.88 4.20
CA ILE B 180 -24.00 -12.63 3.80
C ILE B 180 -24.66 -11.47 4.54
N ARG B 181 -25.98 -11.41 4.56
CA ARG B 181 -26.70 -10.31 5.23
C ARG B 181 -26.37 -10.26 6.74
N LYS B 182 -26.51 -11.37 7.43
CA LYS B 182 -26.22 -11.42 8.87
C LYS B 182 -24.74 -11.13 9.11
N ALA B 183 -23.85 -11.64 8.24
CA ALA B 183 -22.41 -11.42 8.47
C ALA B 183 -22.13 -9.93 8.32
N ILE B 184 -22.74 -9.28 7.34
CA ILE B 184 -22.42 -7.84 7.07
C ILE B 184 -23.01 -6.99 8.21
N ILE B 185 -24.25 -7.26 8.60
CA ILE B 185 -24.87 -6.53 9.75
C ILE B 185 -24.04 -6.66 11.02
N ALA B 186 -23.43 -7.83 11.26
CA ALA B 186 -22.63 -8.11 12.46
C ALA B 186 -21.43 -7.15 12.56
N THR B 187 -20.94 -6.62 11.43
CA THR B 187 -19.79 -5.70 11.44
C THR B 187 -20.13 -4.35 12.08
N ASP B 188 -21.39 -4.12 12.38
CA ASP B 188 -21.79 -2.95 13.21
C ASP B 188 -21.25 -3.17 14.62
N LEU B 189 -20.19 -2.47 15.02
CA LEU B 189 -19.58 -2.73 16.34
C LEU B 189 -20.59 -2.50 17.49
N ALA B 190 -21.64 -1.68 17.35
CA ALA B 190 -22.74 -1.48 18.33
C ALA B 190 -23.34 -2.84 18.66
N LEU B 191 -23.39 -3.75 17.70
CA LEU B 191 -24.05 -5.06 17.90
C LEU B 191 -23.07 -6.07 18.50
N TYR B 192 -21.78 -5.83 18.41
CA TYR B 192 -20.74 -6.76 18.91
C TYR B 192 -20.90 -6.96 20.43
N PHE B 193 -21.02 -5.90 21.19
CA PHE B 193 -20.97 -6.04 22.68
C PHE B 193 -21.98 -7.12 23.15
N GLY B 194 -23.24 -7.05 22.70
CA GLY B 194 -24.30 -8.00 23.05
C GLY B 194 -24.02 -9.40 22.52
N ASN B 195 -23.50 -9.48 21.30
CA ASN B 195 -23.17 -10.80 20.69
C ASN B 195 -22.09 -11.50 21.50
N ARG B 196 -20.96 -10.84 21.72
CA ARG B 196 -19.86 -11.41 22.50
C ARG B 196 -20.33 -11.77 23.92
N LYS B 197 -21.19 -10.96 24.54
CA LYS B 197 -21.65 -11.27 25.92
C LYS B 197 -22.45 -12.58 25.89
N GLN B 198 -23.44 -12.71 25.02
CA GLN B 198 -24.23 -13.97 24.90
C GLN B 198 -23.36 -15.19 24.56
N LEU B 199 -22.25 -15.04 23.83
CA LEU B 199 -21.39 -16.20 23.46
C LEU B 199 -20.51 -16.63 24.62
N GLU B 200 -19.89 -15.67 25.32
CA GLU B 200 -19.11 -15.88 26.54
C GLU B 200 -19.99 -16.66 27.54
N GLU B 201 -21.25 -16.30 27.64
CA GLU B 201 -22.14 -16.90 28.65
C GLU B 201 -22.44 -18.33 28.22
N MET B 202 -22.84 -18.55 26.95
CA MET B 202 -23.13 -19.92 26.45
C MET B 202 -21.85 -20.75 26.49
N TYR B 203 -20.70 -20.23 26.09
CA TYR B 203 -19.47 -21.04 26.09
C TYR B 203 -19.20 -21.48 27.52
N GLN B 204 -19.26 -20.57 28.49
CA GLN B 204 -18.63 -20.83 29.81
C GLN B 204 -19.51 -21.73 30.69
N THR B 205 -20.79 -21.84 30.35
CA THR B 205 -21.75 -22.73 31.00
C THR B 205 -22.00 -23.97 30.14
N GLY B 206 -21.25 -24.12 29.06
CA GLY B 206 -21.25 -25.33 28.24
C GLY B 206 -22.53 -25.53 27.46
N SER B 207 -23.35 -24.51 27.24
CA SER B 207 -24.59 -24.66 26.45
C SER B 207 -24.36 -24.30 24.95
N LEU B 208 -23.14 -23.91 24.52
CA LEU B 208 -22.91 -23.43 23.12
C LEU B 208 -22.99 -24.65 22.23
N ASN B 209 -23.79 -24.56 21.19
CA ASN B 209 -24.15 -25.73 20.34
C ASN B 209 -24.08 -25.33 18.84
N LEU B 210 -22.98 -25.63 18.16
CA LEU B 210 -22.76 -25.28 16.74
C LEU B 210 -23.78 -25.95 15.81
N ASN B 211 -24.60 -26.90 16.26
CA ASN B 211 -25.68 -27.47 15.41
C ASN B 211 -26.95 -26.65 15.58
N ASN B 212 -26.91 -25.64 16.44
CA ASN B 212 -28.04 -24.68 16.60
C ASN B 212 -27.79 -23.48 15.66
N GLN B 213 -28.68 -23.18 14.73
CA GLN B 213 -28.45 -22.14 13.66
C GLN B 213 -28.18 -20.78 14.33
N SER B 214 -29.00 -20.47 15.32
CA SER B 214 -28.90 -19.28 16.18
C SER B 214 -27.50 -19.12 16.76
N HIS B 215 -26.93 -20.20 17.27
CA HIS B 215 -25.58 -20.23 17.85
C HIS B 215 -24.54 -20.01 16.74
N ARG B 216 -24.73 -20.65 15.61
CA ARG B 216 -23.75 -20.58 14.48
C ARG B 216 -23.73 -19.12 14.01
N ASP B 217 -24.91 -18.52 13.88
CA ASP B 217 -25.05 -17.10 13.49
C ASP B 217 -24.20 -16.22 14.43
N ARG B 218 -24.23 -16.50 15.73
CA ARG B 218 -23.54 -15.65 16.70
C ARG B 218 -22.04 -15.84 16.52
N VAL B 219 -21.64 -17.08 16.34
CA VAL B 219 -20.20 -17.39 16.18
C VAL B 219 -19.71 -16.75 14.86
N ILE B 220 -20.52 -16.77 13.81
CA ILE B 220 -20.15 -16.09 12.53
C ILE B 220 -20.06 -14.58 12.79
N GLY B 221 -20.99 -14.02 13.58
CA GLY B 221 -20.93 -12.60 13.93
C GLY B 221 -19.60 -12.25 14.53
N LEU B 222 -19.13 -13.06 15.48
CA LEU B 222 -17.91 -12.74 16.25
C LEU B 222 -16.70 -12.93 15.31
N MET B 223 -16.73 -13.94 14.46
CA MET B 223 -15.71 -14.08 13.38
C MET B 223 -15.63 -12.78 12.54
N MET B 224 -16.77 -12.23 12.16
CA MET B 224 -16.79 -10.98 11.35
C MET B 224 -16.19 -9.83 12.16
N THR B 225 -16.59 -9.62 13.43
CA THR B 225 -15.94 -8.59 14.25
C THR B 225 -14.40 -8.77 14.24
N ALA B 226 -13.92 -9.97 14.56
CA ALA B 226 -12.48 -10.32 14.66
C ALA B 226 -11.72 -10.00 13.35
N CYS B 227 -12.28 -10.39 12.22
CA CYS B 227 -11.69 -10.08 10.89
C CYS B 227 -11.69 -8.54 10.67
N ASP B 228 -12.79 -7.89 11.06
CA ASP B 228 -12.94 -6.44 10.83
C ASP B 228 -11.91 -5.69 11.68
N LEU B 229 -11.56 -6.21 12.88
CA LEU B 229 -10.65 -5.45 13.80
C LEU B 229 -9.22 -5.92 13.60
N CYS B 230 -8.95 -6.70 12.56
CA CYS B 230 -7.73 -7.55 12.51
C CYS B 230 -6.47 -6.71 12.39
N SER B 231 -6.58 -5.39 12.18
CA SER B 231 -5.43 -4.47 12.17
C SER B 231 -4.66 -4.59 13.51
N VAL B 232 -5.37 -4.87 14.61
CA VAL B 232 -4.75 -4.96 15.97
C VAL B 232 -4.00 -6.31 16.10
N THR B 233 -4.05 -7.20 15.10
CA THR B 233 -3.52 -8.61 15.16
C THR B 233 -2.31 -8.77 14.24
N LYS B 234 -1.87 -7.68 13.65
CA LYS B 234 -0.69 -7.72 12.77
C LYS B 234 0.52 -7.48 13.66
N LEU B 235 1.69 -7.66 13.08
CA LEU B 235 2.93 -7.30 13.81
C LEU B 235 2.90 -5.78 14.00
N TRP B 236 3.53 -5.30 15.05
CA TRP B 236 3.49 -3.87 15.48
C TRP B 236 3.69 -2.86 14.34
N PRO B 237 4.73 -2.93 13.49
CA PRO B 237 4.93 -1.90 12.47
C PRO B 237 3.73 -1.69 11.52
N VAL B 238 3.06 -2.80 11.18
CA VAL B 238 1.77 -2.77 10.42
C VAL B 238 0.67 -2.12 11.27
N THR B 239 0.49 -2.56 12.51
CA THR B 239 -0.53 -2.04 13.46
C THR B 239 -0.34 -0.52 13.63
N LYS B 240 0.90 -0.08 13.79
CA LYS B 240 1.24 1.33 14.11
C LYS B 240 0.84 2.19 12.91
N LEU B 241 1.24 1.79 11.71
CA LEU B 241 0.93 2.52 10.46
C LEU B 241 -0.57 2.45 10.14
N THR B 242 -1.23 1.30 10.30
CA THR B 242 -2.69 1.24 10.00
C THR B 242 -3.40 2.24 10.95
N ALA B 243 -2.88 2.48 12.16
CA ALA B 243 -3.58 3.36 13.13
C ALA B 243 -3.61 4.79 12.59
N ASN B 244 -2.60 5.20 11.81
CA ASN B 244 -2.61 6.50 11.09
C ASN B 244 -3.81 6.69 10.17
N ASP B 245 -4.13 5.67 9.40
CA ASP B 245 -5.28 5.66 8.47
C ASP B 245 -6.57 5.77 9.27
N ILE B 246 -6.72 4.90 10.25
CA ILE B 246 -7.93 4.88 11.12
C ILE B 246 -8.19 6.30 11.64
N TYR B 247 -7.19 6.96 12.20
CA TYR B 247 -7.35 8.30 12.84
C TYR B 247 -7.54 9.39 11.78
N ALA B 248 -6.95 9.28 10.59
CA ALA B 248 -7.17 10.24 9.49
C ALA B 248 -8.68 10.27 9.20
N GLU B 249 -9.36 9.12 9.21
CA GLU B 249 -10.85 9.16 9.04
C GLU B 249 -11.49 9.76 10.28
N PHE B 250 -11.13 9.30 11.47
CA PHE B 250 -11.78 9.77 12.71
C PHE B 250 -11.72 11.28 12.79
N TRP B 251 -10.55 11.85 12.48
CA TRP B 251 -10.24 13.30 12.61
C TRP B 251 -11.09 14.08 11.60
N ALA B 252 -11.17 13.63 10.35
CA ALA B 252 -12.04 14.26 9.33
C ALA B 252 -13.50 14.25 9.82
N GLU B 253 -13.95 13.15 10.41
CA GLU B 253 -15.33 13.07 10.93
C GLU B 253 -15.49 14.02 12.13
N GLY B 254 -14.52 14.10 13.04
CA GLY B 254 -14.52 15.15 14.09
C GLY B 254 -14.65 16.54 13.53
N ASP B 255 -13.87 16.85 12.49
CA ASP B 255 -13.94 18.17 11.82
C ASP B 255 -15.39 18.40 11.36
N GLU B 256 -16.02 17.36 10.79
CA GLU B 256 -17.38 17.50 10.23
C GLU B 256 -18.43 17.62 11.35
N MET B 257 -18.26 16.99 12.48
CA MET B 257 -19.11 17.29 13.68
C MET B 257 -18.99 18.76 14.11
N LYS B 258 -17.75 19.29 14.22
CA LYS B 258 -17.49 20.68 14.58
C LYS B 258 -18.24 21.56 13.59
N LYS B 259 -18.29 21.22 12.30
CA LYS B 259 -18.98 22.08 11.30
C LYS B 259 -20.48 22.03 11.53
N LEU B 260 -21.00 20.95 12.12
CA LEU B 260 -22.44 20.86 12.46
C LEU B 260 -22.70 21.55 13.76
N GLY B 261 -21.65 21.95 14.47
CA GLY B 261 -21.76 22.68 15.75
C GLY B 261 -21.76 21.73 16.90
N ILE B 262 -21.18 20.53 16.75
CA ILE B 262 -21.28 19.47 17.79
C ILE B 262 -19.87 19.12 18.20
N GLN B 263 -19.54 19.20 19.49
CA GLN B 263 -18.16 18.87 19.93
C GLN B 263 -18.00 17.38 19.71
N PRO B 264 -16.99 16.88 18.96
CA PRO B 264 -16.92 15.43 18.79
C PRO B 264 -16.32 14.76 20.04
N ILE B 265 -16.46 13.45 20.11
CA ILE B 265 -15.73 12.61 21.10
C ILE B 265 -14.25 12.77 20.86
N PRO B 266 -13.44 12.64 21.93
CA PRO B 266 -12.01 12.97 21.87
C PRO B 266 -11.27 12.20 20.77
N MET B 267 -11.69 10.95 20.56
CA MET B 267 -11.01 10.03 19.64
C MET B 267 -11.04 10.67 18.23
N MET B 268 -12.06 11.46 17.95
CA MET B 268 -12.36 12.08 16.64
C MET B 268 -11.87 13.53 16.57
N ASP B 269 -11.25 14.04 17.63
CA ASP B 269 -10.79 15.45 17.70
C ASP B 269 -9.27 15.52 17.42
N ARG B 270 -8.88 16.09 16.28
CA ARG B 270 -7.46 16.17 15.89
C ARG B 270 -6.70 17.06 16.87
N ASP B 271 -7.39 17.92 17.62
CA ASP B 271 -6.68 18.74 18.64
C ASP B 271 -6.25 17.85 19.80
N LYS B 272 -6.79 16.63 19.96
CA LYS B 272 -6.47 15.74 21.12
C LYS B 272 -5.61 14.55 20.71
N LYS B 273 -4.70 14.75 19.77
CA LYS B 273 -3.79 13.70 19.25
C LYS B 273 -2.90 13.07 20.32
N ASP B 274 -2.53 13.83 21.34
CA ASP B 274 -1.70 13.40 22.50
C ASP B 274 -2.46 12.28 23.25
N GLU B 275 -3.79 12.21 23.11
CA GLU B 275 -4.64 11.21 23.83
C GLU B 275 -4.77 9.88 23.07
N VAL B 276 -4.10 9.72 21.93
CA VAL B 276 -4.35 8.54 21.05
C VAL B 276 -3.83 7.26 21.73
N PRO B 277 -2.61 7.23 22.31
CA PRO B 277 -2.06 6.00 22.86
C PRO B 277 -2.95 5.46 23.98
N GLN B 278 -3.45 6.36 24.82
CA GLN B 278 -4.40 6.00 25.89
C GLN B 278 -5.72 5.52 25.29
N GLY B 279 -6.16 6.11 24.17
CA GLY B 279 -7.39 5.73 23.47
C GLY B 279 -7.25 4.33 22.86
N GLN B 280 -6.08 4.00 22.30
CA GLN B 280 -5.83 2.63 21.78
C GLN B 280 -5.89 1.64 22.97
N LEU B 281 -5.20 1.93 24.07
CA LEU B 281 -5.20 1.12 25.33
C LEU B 281 -6.64 0.80 25.74
N GLY B 282 -7.51 1.81 25.68
CA GLY B 282 -8.90 1.64 26.15
C GLY B 282 -9.67 0.75 25.19
N PHE B 283 -9.38 0.87 23.89
CA PHE B 283 -10.07 0.06 22.88
C PHE B 283 -9.64 -1.44 23.00
N TYR B 284 -8.36 -1.70 23.22
CA TYR B 284 -7.87 -3.11 23.36
C TYR B 284 -8.50 -3.73 24.61
N ASN B 285 -8.54 -3.00 25.74
CA ASN B 285 -9.11 -3.55 27.00
C ASN B 285 -10.62 -3.74 26.88
N ALA B 286 -11.35 -2.83 26.26
CA ALA B 286 -12.84 -2.85 26.23
C ALA B 286 -13.35 -3.70 25.08
N VAL B 287 -12.62 -3.78 23.96
CA VAL B 287 -13.20 -4.35 22.71
C VAL B 287 -12.30 -5.46 22.17
N ALA B 288 -11.06 -5.17 21.76
CA ALA B 288 -10.26 -6.16 20.99
C ALA B 288 -9.93 -7.41 21.85
N ILE B 289 -9.31 -7.22 23.03
CA ILE B 289 -8.87 -8.39 23.88
C ILE B 289 -10.04 -9.30 24.20
N PRO B 290 -11.21 -8.81 24.69
CA PRO B 290 -12.36 -9.70 24.90
C PRO B 290 -12.83 -10.40 23.62
N CYS B 291 -12.89 -9.63 22.54
CA CYS B 291 -13.23 -10.21 21.19
C CYS B 291 -12.38 -11.45 20.94
N TYR B 292 -11.04 -11.34 20.93
CA TYR B 292 -10.11 -12.42 20.52
C TYR B 292 -10.03 -13.49 21.64
N THR B 293 -10.27 -13.11 22.89
CA THR B 293 -10.29 -14.06 24.03
C THR B 293 -11.42 -15.05 23.78
N THR B 294 -12.65 -14.54 23.59
CA THR B 294 -13.87 -15.35 23.36
C THR B 294 -13.73 -16.14 22.05
N LEU B 295 -13.15 -15.54 21.00
CA LEU B 295 -12.97 -16.28 19.72
C LEU B 295 -12.04 -17.48 20.01
N THR B 296 -10.97 -17.30 20.78
CA THR B 296 -9.92 -18.33 20.98
C THR B 296 -10.52 -19.47 21.82
N GLN B 297 -11.39 -19.15 22.76
CA GLN B 297 -12.13 -20.17 23.53
C GLN B 297 -13.01 -20.98 22.58
N ILE B 298 -13.69 -20.37 21.64
CA ILE B 298 -14.64 -21.16 20.80
C ILE B 298 -13.87 -21.85 19.67
N LEU B 299 -12.83 -21.21 19.13
CA LEU B 299 -12.09 -21.65 17.92
C LEU B 299 -10.63 -21.56 18.29
N PRO B 300 -10.13 -22.56 19.07
CA PRO B 300 -8.77 -22.52 19.59
C PRO B 300 -7.65 -22.31 18.60
N PRO B 301 -7.71 -22.81 17.35
CA PRO B 301 -6.70 -22.47 16.34
C PRO B 301 -6.61 -20.96 15.97
N THR B 302 -7.56 -20.11 16.42
CA THR B 302 -7.52 -18.62 16.22
C THR B 302 -6.62 -17.92 17.25
N GLU B 303 -5.89 -18.69 18.03
CA GLU B 303 -5.06 -18.23 19.18
C GLU B 303 -4.04 -17.16 18.76
N PRO B 304 -3.36 -17.32 17.61
CA PRO B 304 -2.35 -16.33 17.20
C PRO B 304 -2.98 -14.92 17.04
N LEU B 305 -4.30 -14.83 16.86
CA LEU B 305 -4.98 -13.50 16.77
C LEU B 305 -4.87 -12.83 18.16
N LEU B 306 -5.24 -13.59 19.19
CA LEU B 306 -5.23 -13.11 20.59
C LEU B 306 -3.78 -12.82 21.01
N LYS B 307 -2.82 -13.67 20.63
CA LYS B 307 -1.40 -13.47 20.99
C LYS B 307 -0.89 -12.17 20.36
N ALA B 308 -1.17 -11.91 19.08
CA ALA B 308 -0.68 -10.70 18.36
C ALA B 308 -1.31 -9.45 19.00
N CYS B 309 -2.59 -9.57 19.36
CA CYS B 309 -3.37 -8.50 20.01
C CYS B 309 -2.76 -8.14 21.38
N ARG B 310 -2.40 -9.14 22.21
CA ARG B 310 -1.72 -8.89 23.52
CA ARG B 310 -1.67 -8.98 23.50
C ARG B 310 -0.36 -8.22 23.24
N ASP B 311 0.39 -8.68 22.24
CA ASP B 311 1.68 -8.01 21.93
C ASP B 311 1.43 -6.53 21.62
N ASN B 312 0.43 -6.20 20.80
CA ASN B 312 0.19 -4.79 20.39
C ASN B 312 -0.33 -3.96 21.58
N LEU B 313 -1.16 -4.53 22.45
CA LEU B 313 -1.54 -3.87 23.73
C LEU B 313 -0.26 -3.42 24.45
N SER B 314 0.66 -4.36 24.62
CA SER B 314 1.93 -4.12 25.32
C SER B 314 2.72 -3.00 24.64
N GLN B 315 2.81 -3.02 23.31
CA GLN B 315 3.49 -1.94 22.55
C GLN B 315 2.80 -0.59 22.83
N TRP B 316 1.49 -0.55 22.97
CA TRP B 316 0.77 0.74 23.23
C TRP B 316 1.13 1.22 24.64
N GLU B 317 1.33 0.26 25.58
CA GLU B 317 1.69 0.56 27.00
C GLU B 317 3.08 1.21 27.01
N LYS B 318 4.02 0.65 26.22
CA LYS B 318 5.36 1.25 25.96
C LYS B 318 5.23 2.68 25.43
N VAL B 319 4.34 2.95 24.47
CA VAL B 319 4.17 4.33 23.94
C VAL B 319 3.64 5.25 25.06
N ILE B 320 2.72 4.79 25.90
CA ILE B 320 2.18 5.66 26.98
C ILE B 320 3.29 6.02 27.97
N ARG B 321 4.31 5.17 28.14
CA ARG B 321 5.46 5.45 29.05
C ARG B 321 6.57 6.20 28.30
N GLY B 322 6.74 6.00 27.00
CA GLY B 322 7.80 6.66 26.21
C GLY B 322 9.08 5.83 26.12
N GLU B 323 9.03 4.56 26.54
CA GLU B 323 9.99 3.52 26.08
C GLU B 323 9.84 3.39 24.54
N GLU B 324 8.86 4.04 23.90
CA GLU B 324 8.71 4.01 22.42
C GLU B 324 7.95 5.24 21.89
N THR B 325 8.19 5.57 20.60
CA THR B 325 7.58 6.68 19.81
C THR B 325 6.93 6.09 18.54
N GLY C 12 5.02 19.12 -41.49
CA GLY C 12 6.03 20.10 -41.01
C GLY C 12 5.48 21.51 -41.03
N LEU C 13 4.29 21.69 -41.60
CA LEU C 13 3.55 22.99 -41.66
C LEU C 13 3.39 23.62 -40.24
N MET C 14 2.87 22.86 -39.28
CA MET C 14 2.56 23.30 -37.88
C MET C 14 3.78 23.18 -36.97
N GLN C 15 4.31 24.30 -36.49
CA GLN C 15 5.38 24.25 -35.47
C GLN C 15 4.85 24.76 -34.13
N PHE C 16 5.47 24.28 -33.08
CA PHE C 16 5.10 24.68 -31.71
C PHE C 16 5.90 25.92 -31.40
N THR C 17 5.30 26.90 -30.75
CA THR C 17 6.02 28.05 -30.15
C THR C 17 5.67 28.10 -28.67
N LEU C 18 6.58 28.63 -27.89
CA LEU C 18 6.40 28.78 -26.43
C LEU C 18 6.30 30.27 -26.17
N PRO C 19 5.56 30.68 -25.12
CA PRO C 19 5.61 32.05 -24.64
C PRO C 19 7.08 32.41 -24.55
N VAL C 20 7.36 33.69 -24.68
CA VAL C 20 8.73 34.27 -24.73
C VAL C 20 9.58 33.76 -23.58
N ARG C 21 9.09 33.85 -22.33
CA ARG C 21 9.91 33.48 -21.15
C ARG C 21 10.32 32.00 -21.32
N LEU C 22 9.44 31.12 -21.81
CA LEU C 22 9.74 29.66 -21.94
C LEU C 22 10.70 29.46 -23.13
N CYS C 23 10.50 30.19 -24.24
CA CYS C 23 11.30 30.05 -25.50
CA CYS C 23 11.31 30.11 -25.49
C CYS C 23 12.78 30.25 -25.12
N LYS C 24 13.05 31.20 -24.25
CA LYS C 24 14.38 31.66 -23.82
C LYS C 24 14.96 30.72 -22.75
N GLU C 25 14.22 30.54 -21.67
CA GLU C 25 14.61 29.72 -20.50
C GLU C 25 14.79 28.25 -20.89
N ILE C 26 14.00 27.73 -21.82
CA ILE C 26 14.04 26.26 -22.11
C ILE C 26 15.44 25.83 -22.57
N GLU C 27 16.23 26.76 -23.10
CA GLU C 27 17.54 26.45 -23.72
C GLU C 27 18.58 26.24 -22.61
N LEU C 28 18.25 26.65 -21.38
CA LEU C 28 19.12 26.56 -20.17
C LEU C 28 18.97 25.19 -19.48
N PHE C 29 20.09 24.66 -19.03
CA PHE C 29 20.18 23.37 -18.31
C PHE C 29 19.26 23.37 -17.07
N HIS C 30 19.09 24.51 -16.40
CA HIS C 30 18.41 24.59 -15.07
C HIS C 30 16.90 24.90 -15.23
N PHE C 31 16.41 25.04 -16.44
CA PHE C 31 14.96 25.29 -16.68
C PHE C 31 14.07 24.34 -15.86
N ASP C 32 12.95 24.86 -15.36
CA ASP C 32 11.92 24.08 -14.62
C ASP C 32 10.67 24.05 -15.52
N ILE C 33 10.05 22.90 -15.77
CA ILE C 33 8.95 22.87 -16.79
C ILE C 33 7.65 23.53 -16.26
N GLY C 34 7.60 23.88 -14.98
CA GLY C 34 6.43 24.55 -14.40
C GLY C 34 5.32 23.60 -13.96
N PRO C 35 4.28 24.12 -13.26
CA PRO C 35 3.25 23.31 -12.63
C PRO C 35 2.03 23.09 -13.55
N PHE C 36 2.03 23.57 -14.80
CA PHE C 36 0.86 23.43 -15.67
C PHE C 36 1.01 22.17 -16.51
N GLU C 37 0.43 21.07 -16.04
CA GLU C 37 0.57 19.74 -16.69
C GLU C 37 0.21 19.81 -18.17
N ASN C 38 -0.84 20.55 -18.52
CA ASN C 38 -1.34 20.51 -19.91
C ASN C 38 -0.36 21.16 -20.86
N MET C 39 0.66 21.84 -20.36
CA MET C 39 1.70 22.42 -21.25
C MET C 39 2.85 21.45 -21.53
N TRP C 40 2.97 20.33 -20.82
CA TRP C 40 4.20 19.50 -20.90
C TRP C 40 4.27 18.82 -22.25
N PRO C 41 3.16 18.25 -22.77
CA PRO C 41 3.18 17.62 -24.08
C PRO C 41 3.74 18.56 -25.13
N GLY C 42 3.22 19.78 -25.18
CA GLY C 42 3.66 20.75 -26.20
C GLY C 42 5.12 21.16 -26.05
N ILE C 43 5.60 21.28 -24.81
CA ILE C 43 7.02 21.56 -24.50
C ILE C 43 7.89 20.41 -25.05
N PHE C 44 7.40 19.17 -24.93
CA PHE C 44 8.12 17.97 -25.41
C PHE C 44 8.15 18.01 -26.96
N VAL C 45 7.02 18.29 -27.57
CA VAL C 45 6.97 18.40 -29.06
C VAL C 45 7.94 19.50 -29.51
N TYR C 46 7.93 20.65 -28.87
CA TYR C 46 8.84 21.77 -29.21
C TYR C 46 10.29 21.28 -29.20
N MET C 47 10.64 20.54 -28.17
CA MET C 47 12.03 20.05 -27.99
C MET C 47 12.32 19.06 -29.09
N VAL C 48 11.37 18.18 -29.41
CA VAL C 48 11.58 17.21 -30.52
C VAL C 48 11.81 17.95 -31.85
N HIS C 49 11.02 18.97 -32.18
CA HIS C 49 11.08 19.71 -33.48
C HIS C 49 12.43 20.40 -33.59
N ARG C 50 12.93 21.02 -32.51
CA ARG C 50 14.21 21.76 -32.57
C ARG C 50 15.41 20.80 -32.51
N SER C 51 15.21 19.65 -31.88
CA SER C 51 16.27 18.71 -31.45
C SER C 51 16.58 17.73 -32.57
N CYS C 52 15.50 17.26 -33.17
CA CYS C 52 15.45 16.14 -34.15
C CYS C 52 15.09 16.73 -35.51
N GLY C 53 14.00 17.47 -35.57
CA GLY C 53 13.48 18.19 -36.75
C GLY C 53 11.98 17.98 -36.86
N THR C 54 11.27 18.90 -37.54
CA THR C 54 9.79 18.84 -37.70
C THR C 54 9.35 17.62 -38.53
N SER C 55 10.28 16.94 -39.16
CA SER C 55 10.02 15.81 -40.06
C SER C 55 10.11 14.47 -39.29
N CYS C 56 10.97 14.32 -38.28
CA CYS C 56 11.38 12.96 -37.83
C CYS C 56 10.19 12.11 -37.41
N PHE C 57 9.11 12.72 -36.91
CA PHE C 57 7.86 12.02 -36.52
C PHE C 57 6.66 12.71 -37.12
N GLU C 58 5.63 11.92 -37.44
CA GLU C 58 4.29 12.41 -37.83
C GLU C 58 3.60 12.96 -36.55
N LEU C 59 3.18 14.25 -36.56
CA LEU C 59 2.60 14.96 -35.39
C LEU C 59 1.46 14.16 -34.81
N GLU C 60 0.47 13.74 -35.60
CA GLU C 60 -0.70 12.99 -35.07
C GLU C 60 -0.20 11.76 -34.30
N LYS C 61 0.74 10.99 -34.89
CA LYS C 61 1.27 9.75 -34.26
C LYS C 61 1.99 10.13 -32.97
N LEU C 62 2.79 11.19 -33.02
CA LEU C 62 3.60 11.60 -31.86
C LEU C 62 2.65 11.93 -30.70
N CME C 63 1.64 12.73 -30.98
CA CME C 63 0.68 13.22 -29.97
CB CME C 63 -0.22 14.33 -30.48
SG CME C 63 0.62 15.96 -30.54
SD CME C 63 0.70 16.41 -28.48
CE CME C 63 0.29 18.17 -28.36
CZ CME C 63 -0.70 18.32 -27.27
OH CME C 63 -1.23 19.62 -27.27
C CME C 63 -0.06 12.02 -29.38
O CME C 63 -0.25 12.04 -28.15
N ARG C 64 -0.45 11.01 -30.14
CA ARG C 64 -1.16 9.93 -29.43
C ARG C 64 -0.15 9.03 -28.70
N PHE C 65 1.09 8.92 -29.17
CA PHE C 65 2.17 8.21 -28.42
C PHE C 65 2.39 8.87 -27.05
N ILE C 66 2.51 10.20 -27.07
CA ILE C 66 2.79 11.05 -25.87
C ILE C 66 1.65 10.88 -24.88
N MET C 67 0.40 10.81 -25.34
CA MET C 67 -0.75 10.81 -24.40
C MET C 67 -0.94 9.39 -23.84
N SER C 68 -0.50 8.39 -24.56
CA SER C 68 -0.49 6.98 -24.05
C SER C 68 0.63 6.79 -23.01
N VAL C 69 1.80 7.36 -23.29
CA VAL C 69 2.92 7.34 -22.30
C VAL C 69 2.44 8.00 -21.01
N LYS C 70 1.87 9.21 -21.07
CA LYS C 70 1.38 9.96 -19.87
C LYS C 70 0.41 9.08 -19.06
N LYS C 71 -0.55 8.47 -19.74
CA LYS C 71 -1.60 7.60 -19.17
C LYS C 71 -0.91 6.48 -18.37
N ASN C 72 0.30 6.07 -18.75
CA ASN C 72 0.91 4.86 -18.13
C ASN C 72 1.94 5.27 -17.07
N TYR C 73 2.03 6.57 -16.75
CA TYR C 73 2.70 7.07 -15.52
C TYR C 73 1.64 7.18 -14.41
N ARG C 74 2.03 6.83 -13.19
CA ARG C 74 1.13 6.79 -12.02
C ARG C 74 1.27 8.05 -11.17
N ARG C 75 0.31 8.26 -10.28
CA ARG C 75 0.22 9.46 -9.41
C ARG C 75 1.01 9.16 -8.16
N VAL C 76 2.32 9.11 -8.32
CA VAL C 76 3.30 8.97 -7.21
C VAL C 76 3.98 10.32 -7.06
N PRO C 77 4.65 10.55 -5.94
CA PRO C 77 5.24 11.86 -5.65
C PRO C 77 6.42 12.35 -6.51
N TYR C 78 7.26 11.45 -6.96
CA TYR C 78 8.47 11.83 -7.70
C TYR C 78 8.52 11.16 -9.06
N HIS C 79 8.44 9.83 -9.11
CA HIS C 79 8.56 9.05 -10.38
C HIS C 79 7.28 9.13 -11.22
N ASN C 80 6.93 10.35 -11.62
CA ASN C 80 5.64 10.70 -12.28
C ASN C 80 5.92 11.29 -13.66
N TRP C 81 4.86 11.68 -14.34
CA TRP C 81 4.88 12.34 -15.67
C TRP C 81 5.79 13.57 -15.65
N LYS C 82 5.77 14.34 -14.57
CA LYS C 82 6.61 15.56 -14.46
C LYS C 82 8.09 15.17 -14.52
N HIS C 83 8.49 14.09 -13.86
CA HIS C 83 9.90 13.60 -13.86
C HIS C 83 10.31 13.19 -15.29
N ALA C 84 9.47 12.45 -15.95
CA ALA C 84 9.64 12.03 -17.36
C ALA C 84 9.93 13.24 -18.28
N VAL C 85 9.10 14.28 -18.28
CA VAL C 85 9.35 15.44 -19.18
C VAL C 85 10.61 16.21 -18.72
N THR C 86 10.84 16.37 -17.42
CA THR C 86 12.02 17.08 -16.88
C THR C 86 13.30 16.36 -17.32
N VAL C 87 13.28 15.01 -17.30
CA VAL C 87 14.47 14.22 -17.73
C VAL C 87 14.68 14.40 -19.25
N ALA C 88 13.62 14.35 -20.04
CA ALA C 88 13.68 14.65 -21.48
C ALA C 88 14.25 16.04 -21.72
N HIS C 89 13.86 17.05 -20.93
CA HIS C 89 14.33 18.46 -21.09
C HIS C 89 15.84 18.51 -20.86
N CYS C 90 16.38 17.77 -19.89
CA CYS C 90 17.84 17.79 -19.66
C CYS C 90 18.55 17.23 -20.89
N MET C 91 18.02 16.15 -21.45
CA MET C 91 18.54 15.52 -22.67
C MET C 91 18.47 16.52 -23.83
N TYR C 92 17.35 17.26 -24.00
CA TYR C 92 17.24 18.41 -24.95
C TYR C 92 18.49 19.31 -24.82
N ALA C 93 18.78 19.75 -23.61
CA ALA C 93 19.87 20.71 -23.37
C ALA C 93 21.23 20.06 -23.76
N ILE C 94 21.47 18.79 -23.41
CA ILE C 94 22.76 18.11 -23.71
C ILE C 94 22.92 18.04 -25.23
N LEU C 95 21.89 17.61 -25.93
CA LEU C 95 21.89 17.40 -27.40
C LEU C 95 22.09 18.73 -28.12
N GLN C 96 21.36 19.76 -27.72
CA GLN C 96 21.43 21.09 -28.40
C GLN C 96 22.78 21.73 -28.10
N ASN C 97 23.46 21.39 -27.00
CA ASN C 97 24.78 22.01 -26.73
C ASN C 97 25.90 21.16 -27.33
N ASN C 98 25.58 20.04 -27.99
CA ASN C 98 26.57 19.06 -28.53
C ASN C 98 26.09 18.61 -29.91
N HIS C 99 25.49 19.49 -30.72
CA HIS C 99 24.58 19.05 -31.81
C HIS C 99 25.36 18.25 -32.87
N THR C 100 26.67 18.44 -32.99
CA THR C 100 27.46 17.77 -34.07
C THR C 100 27.80 16.33 -33.68
N LEU C 101 27.63 15.90 -32.43
CA LEU C 101 28.15 14.60 -31.95
C LEU C 101 27.18 13.42 -32.14
N PHE C 102 25.88 13.64 -32.37
CA PHE C 102 24.92 12.50 -32.39
C PHE C 102 24.23 12.32 -33.73
N THR C 103 23.92 11.06 -33.98
CA THR C 103 23.24 10.59 -35.22
C THR C 103 21.78 11.03 -35.20
N ASP C 104 21.15 10.80 -36.33
CA ASP C 104 19.70 11.06 -36.55
C ASP C 104 18.93 10.08 -35.64
N LEU C 105 19.24 8.80 -35.80
CA LEU C 105 18.59 7.75 -35.01
C LEU C 105 18.77 8.10 -33.52
N GLU C 106 19.95 8.55 -33.09
CA GLU C 106 20.22 8.85 -31.65
C GLU C 106 19.35 10.00 -31.18
N ARG C 107 19.21 11.05 -31.97
CA ARG C 107 18.40 12.23 -31.57
C ARG C 107 16.94 11.81 -31.29
N LYS C 108 16.34 11.12 -32.28
CA LYS C 108 15.03 10.45 -32.22
C LYS C 108 14.89 9.62 -30.95
N GLY C 109 15.79 8.66 -30.79
CA GLY C 109 15.70 7.63 -29.73
C GLY C 109 15.74 8.24 -28.34
N LEU C 110 16.60 9.24 -28.12
CA LEU C 110 17.05 9.60 -26.74
C LEU C 110 15.91 10.37 -26.07
N LEU C 111 15.28 11.32 -26.76
CA LEU C 111 14.17 12.11 -26.17
C LEU C 111 13.02 11.14 -25.86
N ILE C 112 12.73 10.20 -26.77
CA ILE C 112 11.69 9.15 -26.57
C ILE C 112 12.07 8.29 -25.37
N ALA C 113 13.30 7.80 -25.31
CA ALA C 113 13.75 6.97 -24.18
C ALA C 113 13.57 7.73 -22.85
N CYS C 114 13.93 9.01 -22.78
CA CYS C 114 13.84 9.82 -21.53
C CYS C 114 12.37 9.94 -21.11
N LEU C 115 11.51 10.18 -22.08
CA LEU C 115 10.04 10.29 -21.79
C LEU C 115 9.54 8.96 -21.28
N CYS C 116 10.12 7.86 -21.77
CA CYS C 116 9.57 6.52 -21.40
C CYS C 116 10.30 5.85 -20.23
N HIS C 117 11.37 6.44 -19.66
CA HIS C 117 12.36 5.67 -18.86
C HIS C 117 11.80 5.25 -17.53
N ASP C 118 10.72 5.87 -16.99
CA ASP C 118 10.15 5.36 -15.72
C ASP C 118 8.69 4.96 -15.91
N LEU C 119 8.34 4.51 -17.10
CA LEU C 119 6.95 4.07 -17.42
C LEU C 119 6.47 3.09 -16.36
N ASP C 120 5.33 3.40 -15.77
CA ASP C 120 4.54 2.48 -14.94
C ASP C 120 5.30 2.22 -13.63
N HIS C 121 6.11 3.19 -13.20
CA HIS C 121 6.83 3.11 -11.91
C HIS C 121 5.83 3.17 -10.75
N ARG C 122 6.08 2.45 -9.67
CA ARG C 122 5.09 2.38 -8.56
C ARG C 122 5.63 3.13 -7.34
N GLY C 123 6.75 3.83 -7.45
CA GLY C 123 7.39 4.56 -6.34
C GLY C 123 8.27 3.68 -5.45
N PHE C 124 8.56 2.45 -5.88
CA PHE C 124 9.40 1.49 -5.12
C PHE C 124 10.61 1.06 -5.94
N SER C 125 11.70 0.83 -5.24
CA SER C 125 13.01 0.51 -5.82
C SER C 125 13.06 -0.96 -6.18
N ASN C 126 14.08 -1.30 -6.97
CA ASN C 126 14.35 -2.70 -7.36
C ASN C 126 14.54 -3.52 -6.07
N SER C 127 15.18 -2.95 -5.05
CA SER C 127 15.43 -3.64 -3.75
CA SER C 127 15.43 -3.59 -3.73
C SER C 127 14.10 -4.05 -3.12
N TYR C 128 13.17 -3.11 -2.98
CA TYR C 128 11.85 -3.44 -2.39
C TYR C 128 11.10 -4.50 -3.23
N LEU C 129 11.07 -4.43 -4.57
CA LEU C 129 10.39 -5.47 -5.40
C LEU C 129 11.03 -6.83 -5.10
N GLN C 130 12.35 -6.87 -4.96
CA GLN C 130 13.08 -8.13 -4.80
C GLN C 130 12.67 -8.68 -3.43
N LYS C 131 12.72 -7.85 -2.40
CA LYS C 131 12.38 -8.29 -1.01
C LYS C 131 10.91 -8.68 -0.86
N PHE C 132 10.01 -7.95 -1.49
CA PHE C 132 8.56 -8.21 -1.49
C PHE C 132 8.30 -9.52 -2.21
N ASP C 133 9.14 -9.85 -3.19
CA ASP C 133 8.98 -11.04 -4.05
C ASP C 133 7.87 -10.75 -5.08
N HIS C 134 7.95 -9.58 -5.69
CA HIS C 134 6.98 -9.11 -6.72
C HIS C 134 7.16 -9.94 -7.97
N PRO C 135 6.10 -10.34 -8.69
CA PRO C 135 6.25 -11.04 -9.96
C PRO C 135 7.33 -10.44 -10.90
N LEU C 136 7.38 -9.10 -11.07
CA LEU C 136 8.40 -8.45 -11.93
C LEU C 136 9.82 -8.93 -11.59
N ALA C 137 10.11 -9.26 -10.35
CA ALA C 137 11.44 -9.68 -9.85
C ALA C 137 11.82 -11.09 -10.32
N ALA C 138 10.83 -11.97 -10.54
CA ALA C 138 10.99 -13.32 -11.14
C ALA C 138 11.31 -13.19 -12.64
N LEU C 139 10.56 -12.33 -13.32
CA LEU C 139 10.70 -12.10 -14.78
C LEU C 139 12.03 -11.41 -15.15
N TYR C 140 12.53 -10.54 -14.30
CA TYR C 140 13.65 -9.61 -14.57
C TYR C 140 14.48 -9.57 -13.31
N SER C 141 15.45 -10.47 -13.29
CA SER C 141 16.30 -10.76 -12.10
CA SER C 141 16.26 -10.74 -12.07
C SER C 141 17.12 -9.54 -11.74
N THR C 142 17.64 -8.82 -12.75
CA THR C 142 18.42 -7.57 -12.52
C THR C 142 17.75 -6.41 -13.27
N SER C 143 18.02 -5.18 -12.85
CA SER C 143 17.42 -3.95 -13.44
C SER C 143 15.90 -4.22 -13.62
N THR C 144 15.26 -4.75 -12.59
CA THR C 144 13.85 -5.22 -12.61
C THR C 144 12.94 -4.11 -13.20
N MET C 145 12.94 -2.89 -12.64
CA MET C 145 11.93 -1.86 -13.01
C MET C 145 12.28 -1.37 -14.40
N GLU C 146 13.59 -1.26 -14.69
CA GLU C 146 14.10 -0.76 -15.99
C GLU C 146 13.73 -1.73 -17.11
N GLN C 147 13.90 -3.02 -16.94
CA GLN C 147 13.41 -3.97 -17.99
C GLN C 147 11.87 -3.81 -18.13
N HIS C 148 11.10 -3.57 -17.06
CA HIS C 148 9.64 -3.28 -17.19
C HIS C 148 9.40 -1.98 -17.98
N HIS C 149 10.16 -0.92 -17.71
CA HIS C 149 9.97 0.38 -18.40
C HIS C 149 10.14 0.15 -19.89
N PHE C 150 11.16 -0.62 -20.28
CA PHE C 150 11.41 -0.80 -21.71
C PHE C 150 10.23 -1.62 -22.32
N SER C 151 9.82 -2.65 -21.61
CA SER C 151 8.74 -3.55 -22.07
C SER C 151 7.42 -2.77 -22.23
N GLN C 152 7.12 -1.85 -21.32
CA GLN C 152 5.93 -0.94 -21.44
C GLN C 152 6.07 -0.02 -22.64
N THR C 153 7.29 0.45 -22.89
CA THR C 153 7.60 1.32 -24.06
C THR C 153 7.19 0.57 -25.34
N VAL C 154 7.67 -0.67 -25.46
CA VAL C 154 7.43 -1.52 -26.68
C VAL C 154 5.90 -1.73 -26.83
N SER C 155 5.21 -2.07 -25.75
CA SER C 155 3.74 -2.27 -25.73
C SER C 155 3.02 -1.05 -26.32
N ILE C 156 3.43 0.16 -25.93
CA ILE C 156 2.84 1.43 -26.44
C ILE C 156 3.13 1.57 -27.93
N LEU C 157 4.37 1.32 -28.37
CA LEU C 157 4.76 1.49 -29.79
C LEU C 157 3.93 0.55 -30.68
N GLN C 158 3.43 -0.54 -30.13
CA GLN C 158 2.69 -1.60 -30.87
C GLN C 158 1.19 -1.37 -30.77
N LEU C 159 0.74 -0.41 -29.99
CA LEU C 159 -0.66 0.06 -30.04
C LEU C 159 -0.97 0.56 -31.46
N GLU C 160 -2.23 0.42 -31.89
CA GLU C 160 -2.68 0.89 -33.21
C GLU C 160 -2.51 2.41 -33.27
N GLY C 161 -1.93 2.90 -34.35
CA GLY C 161 -1.74 4.32 -34.63
C GLY C 161 -0.63 4.93 -33.77
N HIS C 162 0.14 4.12 -33.03
CA HIS C 162 1.16 4.62 -32.07
C HIS C 162 2.58 4.37 -32.57
N ASN C 163 2.81 3.75 -33.74
CA ASN C 163 4.20 3.50 -34.21
C ASN C 163 4.78 4.77 -34.83
N ILE C 164 5.31 5.64 -33.97
CA ILE C 164 6.06 6.85 -34.37
C ILE C 164 7.32 6.53 -35.18
N PHE C 165 7.74 5.28 -35.26
CA PHE C 165 8.98 4.88 -35.99
C PHE C 165 8.62 4.21 -37.33
N SER C 166 7.37 4.32 -37.75
CA SER C 166 6.76 3.46 -38.82
C SER C 166 7.45 3.70 -40.17
N THR C 167 8.13 4.83 -40.40
CA THR C 167 8.79 5.16 -41.69
C THR C 167 10.17 4.52 -41.80
N LEU C 168 10.78 4.10 -40.69
CA LEU C 168 12.19 3.63 -40.67
C LEU C 168 12.22 2.28 -41.35
N SER C 169 13.34 1.88 -41.96
CA SER C 169 13.60 0.48 -42.42
C SER C 169 13.58 -0.46 -41.21
N SER C 170 13.34 -1.75 -41.40
CA SER C 170 13.39 -2.78 -40.32
C SER C 170 14.74 -2.69 -39.58
N SER C 171 15.80 -2.34 -40.30
CA SER C 171 17.18 -2.20 -39.77
C SER C 171 17.23 -1.09 -38.74
N GLU C 172 16.93 0.11 -39.22
CA GLU C 172 16.93 1.38 -38.48
C GLU C 172 15.99 1.25 -37.28
N TYR C 173 14.82 0.65 -37.47
CA TYR C 173 13.83 0.36 -36.41
C TYR C 173 14.46 -0.50 -35.31
N GLU C 174 15.14 -1.58 -35.66
CA GLU C 174 15.84 -2.45 -34.67
C GLU C 174 16.97 -1.65 -33.98
N GLN C 175 17.54 -0.70 -34.68
CA GLN C 175 18.67 0.11 -34.17
C GLN C 175 18.16 1.11 -33.13
N VAL C 176 17.06 1.81 -33.41
CA VAL C 176 16.53 2.91 -32.57
C VAL C 176 15.95 2.25 -31.32
N LEU C 177 15.31 1.10 -31.47
CA LEU C 177 14.78 0.35 -30.28
C LEU C 177 15.92 -0.18 -29.41
N GLU C 178 17.07 -0.44 -29.98
CA GLU C 178 18.24 -0.92 -29.19
C GLU C 178 18.97 0.28 -28.51
N ILE C 179 19.00 1.44 -29.15
CA ILE C 179 19.44 2.70 -28.51
C ILE C 179 18.55 2.95 -27.29
N ILE C 180 17.24 2.76 -27.44
CA ILE C 180 16.21 3.08 -26.39
C ILE C 180 16.34 2.08 -25.25
N ARG C 181 16.41 0.78 -25.56
CA ARG C 181 16.63 -0.29 -24.55
C ARG C 181 17.85 0.05 -23.69
N LYS C 182 18.99 0.19 -24.32
CA LYS C 182 20.28 0.41 -23.62
C LYS C 182 20.17 1.67 -22.74
N ALA C 183 19.57 2.76 -23.26
CA ALA C 183 19.49 4.06 -22.56
C ALA C 183 18.58 3.88 -21.33
N ILE C 184 17.48 3.13 -21.45
CA ILE C 184 16.52 2.94 -20.32
C ILE C 184 17.16 2.05 -19.28
N ILE C 185 17.85 0.99 -19.68
CA ILE C 185 18.52 0.09 -18.70
C ILE C 185 19.60 0.89 -17.93
N ALA C 186 20.25 1.84 -18.62
CA ALA C 186 21.37 2.65 -18.06
C ALA C 186 20.89 3.43 -16.83
N THR C 187 19.58 3.76 -16.74
CA THR C 187 19.00 4.56 -15.64
C THR C 187 18.92 3.71 -14.36
N ASP C 188 19.32 2.45 -14.42
CA ASP C 188 19.54 1.68 -13.17
C ASP C 188 20.84 2.21 -12.53
N LEU C 189 20.71 2.94 -11.47
CA LEU C 189 21.85 3.55 -10.81
C LEU C 189 22.85 2.46 -10.37
N ALA C 190 22.40 1.22 -10.16
CA ALA C 190 23.33 0.14 -9.75
C ALA C 190 24.32 -0.08 -10.89
N LEU C 191 23.96 0.28 -12.12
CA LEU C 191 24.85 0.08 -13.30
C LEU C 191 25.72 1.33 -13.51
N TYR C 192 25.34 2.48 -12.93
CA TYR C 192 26.05 3.76 -13.19
C TYR C 192 27.51 3.58 -12.70
N PHE C 193 27.74 2.96 -11.54
CA PHE C 193 29.05 3.02 -10.85
C PHE C 193 30.14 2.44 -11.76
N GLY C 194 29.90 1.22 -12.26
CA GLY C 194 30.71 0.50 -13.26
C GLY C 194 30.86 1.23 -14.58
N ASN C 195 29.78 1.81 -15.09
CA ASN C 195 29.78 2.52 -16.38
C ASN C 195 30.75 3.71 -16.25
N ARG C 196 30.56 4.54 -15.24
CA ARG C 196 31.35 5.77 -15.03
C ARG C 196 32.82 5.42 -14.84
N LYS C 197 33.12 4.36 -14.08
CA LYS C 197 34.52 3.97 -13.80
C LYS C 197 35.21 3.55 -15.13
N GLN C 198 34.59 2.70 -15.93
CA GLN C 198 35.08 2.39 -17.30
C GLN C 198 35.18 3.66 -18.13
N LEU C 199 34.16 4.49 -18.20
CA LEU C 199 34.26 5.70 -19.04
C LEU C 199 35.47 6.53 -18.61
N GLU C 200 35.59 6.77 -17.31
CA GLU C 200 36.71 7.56 -16.72
C GLU C 200 38.08 6.99 -17.15
N GLU C 201 38.29 5.70 -17.05
CA GLU C 201 39.56 5.11 -17.52
C GLU C 201 39.78 5.30 -19.04
N MET C 202 38.75 5.15 -19.87
CA MET C 202 38.83 5.36 -21.33
C MET C 202 39.30 6.79 -21.61
N TYR C 203 38.70 7.75 -20.93
CA TYR C 203 38.93 9.18 -21.14
C TYR C 203 40.39 9.50 -20.75
N GLN C 204 40.79 9.09 -19.55
CA GLN C 204 42.11 9.40 -18.95
C GLN C 204 43.23 8.76 -19.80
N THR C 205 43.08 7.52 -20.26
CA THR C 205 44.05 6.81 -21.13
C THR C 205 43.98 7.32 -22.57
N GLY C 206 43.02 8.16 -22.92
CA GLY C 206 42.88 8.69 -24.29
C GLY C 206 42.32 7.65 -25.25
N SER C 207 41.86 6.48 -24.76
CA SER C 207 41.41 5.35 -25.61
C SER C 207 39.94 5.55 -25.99
N LEU C 208 39.22 6.50 -25.37
CA LEU C 208 37.81 6.82 -25.67
C LEU C 208 37.65 7.18 -27.15
N ASN C 209 36.71 6.54 -27.81
CA ASN C 209 36.54 6.71 -29.27
C ASN C 209 35.05 6.66 -29.63
N LEU C 210 34.47 7.80 -29.98
CA LEU C 210 33.02 7.90 -30.34
C LEU C 210 32.69 7.24 -31.69
N ASN C 211 33.66 6.66 -32.40
CA ASN C 211 33.36 5.80 -33.57
C ASN C 211 33.25 4.36 -33.09
N ASN C 212 33.72 4.04 -31.89
CA ASN C 212 33.43 2.69 -31.35
C ASN C 212 32.01 2.67 -30.75
N GLN C 213 31.14 1.71 -31.11
CA GLN C 213 29.70 1.68 -30.73
C GLN C 213 29.55 1.39 -29.23
N SER C 214 30.39 0.52 -28.69
CA SER C 214 30.41 0.15 -27.26
C SER C 214 30.83 1.34 -26.36
N HIS C 215 31.72 2.21 -26.88
CA HIS C 215 32.08 3.50 -26.23
C HIS C 215 30.89 4.44 -26.32
N ARG C 216 30.30 4.60 -27.49
CA ARG C 216 29.14 5.53 -27.66
C ARG C 216 28.09 5.10 -26.62
N ASP C 217 27.91 3.79 -26.46
CA ASP C 217 26.85 3.20 -25.64
C ASP C 217 27.11 3.63 -24.19
N ARG C 218 28.37 3.65 -23.76
CA ARG C 218 28.71 4.06 -22.38
C ARG C 218 28.44 5.54 -22.15
N VAL C 219 28.87 6.37 -23.08
CA VAL C 219 28.63 7.84 -23.03
C VAL C 219 27.11 8.13 -22.92
N ILE C 220 26.29 7.48 -23.75
CA ILE C 220 24.81 7.72 -23.76
C ILE C 220 24.29 7.32 -22.38
N GLY C 221 24.82 6.22 -21.83
CA GLY C 221 24.43 5.74 -20.48
C GLY C 221 24.71 6.73 -19.39
N LEU C 222 25.87 7.38 -19.43
CA LEU C 222 26.22 8.43 -18.46
C LEU C 222 25.31 9.65 -18.68
N MET C 223 25.06 10.01 -19.93
CA MET C 223 24.09 11.08 -20.28
C MET C 223 22.75 10.78 -19.61
N MET C 224 22.30 9.50 -19.62
CA MET C 224 20.99 9.10 -19.06
C MET C 224 20.99 9.24 -17.53
N THR C 225 22.08 8.85 -16.86
CA THR C 225 22.24 9.03 -15.41
C THR C 225 22.17 10.52 -15.10
N ALA C 226 22.88 11.31 -15.89
CA ALA C 226 23.01 12.77 -15.70
C ALA C 226 21.63 13.40 -15.87
N CYS C 227 20.84 12.95 -16.84
CA CYS C 227 19.46 13.53 -17.03
C CYS C 227 18.56 13.01 -15.91
N ASP C 228 18.72 11.77 -15.51
CA ASP C 228 17.85 11.19 -14.46
C ASP C 228 18.04 11.91 -13.11
N LEU C 229 19.26 12.37 -12.80
CA LEU C 229 19.56 13.03 -11.52
C LEU C 229 19.43 14.54 -11.58
N CYS C 230 18.90 15.11 -12.65
CA CYS C 230 19.07 16.55 -12.97
C CYS C 230 18.34 17.41 -11.93
N SER C 231 17.52 16.82 -11.06
CA SER C 231 16.89 17.61 -9.96
C SER C 231 17.97 18.26 -9.09
N VAL C 232 19.19 17.73 -9.08
CA VAL C 232 20.35 18.23 -8.26
C VAL C 232 21.06 19.36 -9.01
N THR C 233 20.64 19.73 -10.24
CA THR C 233 21.26 20.78 -11.08
C THR C 233 20.30 21.94 -11.31
N LYS C 234 19.25 22.04 -10.50
CA LYS C 234 18.27 23.13 -10.68
C LYS C 234 18.71 24.26 -9.76
N LEU C 235 18.06 25.41 -9.87
CA LEU C 235 18.18 26.49 -8.86
C LEU C 235 17.68 25.98 -7.51
N TRP C 236 18.28 26.48 -6.45
CA TRP C 236 18.19 25.88 -5.09
C TRP C 236 16.74 25.66 -4.68
N PRO C 237 15.84 26.63 -4.87
CA PRO C 237 14.45 26.44 -4.46
C PRO C 237 13.77 25.25 -5.17
N VAL C 238 14.13 25.01 -6.43
CA VAL C 238 13.59 23.85 -7.18
C VAL C 238 14.21 22.58 -6.60
N THR C 239 15.51 22.55 -6.34
CA THR C 239 16.25 21.36 -5.88
C THR C 239 15.72 20.96 -4.49
N LYS C 240 15.41 21.96 -3.69
CA LYS C 240 14.95 21.79 -2.29
C LYS C 240 13.55 21.22 -2.28
N LEU C 241 12.63 21.80 -3.03
CA LEU C 241 11.22 21.29 -3.06
C LEU C 241 11.17 19.90 -3.66
N THR C 242 11.89 19.63 -4.75
CA THR C 242 11.88 18.31 -5.42
C THR C 242 12.33 17.25 -4.41
N ALA C 243 13.29 17.59 -3.54
CA ALA C 243 13.85 16.65 -2.54
C ALA C 243 12.75 16.19 -1.56
N ASN C 244 11.76 17.04 -1.28
CA ASN C 244 10.56 16.61 -0.51
C ASN C 244 9.81 15.47 -1.21
N ASP C 245 9.70 15.53 -2.54
CA ASP C 245 8.92 14.53 -3.32
C ASP C 245 9.72 13.23 -3.31
N ILE C 246 11.02 13.34 -3.50
CA ILE C 246 11.96 12.19 -3.53
C ILE C 246 11.81 11.43 -2.20
N TYR C 247 11.87 12.15 -1.09
CA TYR C 247 11.82 11.52 0.26
C TYR C 247 10.40 11.04 0.60
N ALA C 248 9.38 11.71 0.14
CA ALA C 248 8.01 11.18 0.35
C ALA C 248 7.95 9.76 -0.21
N GLU C 249 8.55 9.49 -1.39
CA GLU C 249 8.66 8.09 -1.91
C GLU C 249 9.58 7.20 -1.06
N PHE C 250 10.79 7.65 -0.73
CA PHE C 250 11.71 6.88 0.10
C PHE C 250 10.98 6.45 1.40
N TRP C 251 10.31 7.39 2.06
CA TRP C 251 9.71 7.14 3.39
C TRP C 251 8.56 6.13 3.29
N ALA C 252 7.70 6.20 2.28
CA ALA C 252 6.67 5.17 2.03
C ALA C 252 7.31 3.80 1.82
N GLU C 253 8.42 3.73 1.07
CA GLU C 253 9.10 2.44 0.80
C GLU C 253 9.66 1.90 2.13
N GLY C 254 10.26 2.76 2.92
CA GLY C 254 10.69 2.43 4.29
C GLY C 254 9.53 1.89 5.14
N ASP C 255 8.38 2.55 5.07
CA ASP C 255 7.18 2.10 5.78
C ASP C 255 6.92 0.68 5.34
N GLU C 256 6.97 0.41 4.02
CA GLU C 256 6.61 -0.91 3.46
C GLU C 256 7.70 -1.93 3.86
N MET C 257 8.94 -1.49 4.01
CA MET C 257 10.05 -2.38 4.44
C MET C 257 9.73 -2.80 5.87
N LYS C 258 9.34 -1.85 6.73
CA LYS C 258 8.99 -2.13 8.15
C LYS C 258 7.89 -3.19 8.18
N LYS C 259 6.96 -3.10 7.22
CA LYS C 259 5.81 -4.03 7.16
C LYS C 259 6.25 -5.42 6.73
N LEU C 260 7.44 -5.56 6.12
CA LEU C 260 7.93 -6.87 5.64
C LEU C 260 8.68 -7.54 6.80
N GLY C 261 9.01 -6.79 7.85
CA GLY C 261 9.87 -7.29 8.94
C GLY C 261 11.32 -6.87 8.75
N ILE C 262 11.60 -5.91 7.87
CA ILE C 262 12.98 -5.48 7.50
C ILE C 262 13.16 -4.02 7.90
N GLN C 263 14.11 -3.71 8.78
CA GLN C 263 14.43 -2.29 9.14
C GLN C 263 14.94 -1.71 7.82
N PRO C 264 14.44 -0.55 7.36
CA PRO C 264 14.98 0.04 6.13
C PRO C 264 16.33 0.73 6.37
N ILE C 265 17.05 1.00 5.30
CA ILE C 265 18.22 1.92 5.35
C ILE C 265 17.73 3.29 5.82
N PRO C 266 18.53 4.03 6.61
CA PRO C 266 18.10 5.30 7.20
C PRO C 266 17.51 6.31 6.22
N MET C 267 18.00 6.32 4.98
CA MET C 267 17.52 7.24 3.92
C MET C 267 16.00 7.05 3.76
N MET C 268 15.46 5.86 4.05
CA MET C 268 14.02 5.52 3.84
C MET C 268 13.30 5.35 5.17
N ASP C 269 13.92 5.76 6.26
CA ASP C 269 13.26 5.69 7.59
C ASP C 269 12.73 7.08 7.93
N ARG C 270 11.42 7.26 8.04
CA ARG C 270 10.88 8.63 8.25
C ARG C 270 11.13 9.09 9.69
N ASP C 271 11.52 8.18 10.59
CA ASP C 271 11.96 8.53 11.97
C ASP C 271 13.38 9.10 11.96
N LYS C 272 14.11 9.07 10.84
CA LYS C 272 15.52 9.55 10.75
C LYS C 272 15.65 10.71 9.77
N LYS C 273 14.59 11.52 9.68
CA LYS C 273 14.40 12.73 8.85
C LYS C 273 15.47 13.80 9.10
N ASP C 274 15.93 13.91 10.34
CA ASP C 274 16.99 14.84 10.79
C ASP C 274 18.28 14.59 9.99
N GLU C 275 18.56 13.36 9.57
CA GLU C 275 19.79 12.95 8.83
C GLU C 275 19.71 13.28 7.32
N VAL C 276 18.65 13.97 6.87
CA VAL C 276 18.40 14.20 5.41
C VAL C 276 19.53 15.05 4.84
N PRO C 277 19.89 16.21 5.44
CA PRO C 277 20.97 17.03 4.88
C PRO C 277 22.30 16.27 4.77
N GLN C 278 22.66 15.50 5.78
CA GLN C 278 23.88 14.66 5.73
C GLN C 278 23.73 13.64 4.60
N GLY C 279 22.49 13.17 4.38
CA GLY C 279 22.21 12.10 3.41
C GLY C 279 22.43 12.61 2.00
N GLN C 280 21.96 13.83 1.73
CA GLN C 280 22.15 14.52 0.43
C GLN C 280 23.64 14.77 0.17
N LEU C 281 24.37 15.30 1.16
CA LEU C 281 25.83 15.56 1.08
C LEU C 281 26.50 14.30 0.58
N GLY C 282 26.23 13.23 1.29
CA GLY C 282 26.75 11.91 0.96
C GLY C 282 26.38 11.52 -0.46
N PHE C 283 25.17 11.82 -0.91
CA PHE C 283 24.75 11.35 -2.26
C PHE C 283 25.48 12.18 -3.33
N TYR C 284 25.57 13.49 -3.09
CA TYR C 284 26.26 14.41 -4.01
C TYR C 284 27.73 14.00 -4.14
N ASN C 285 28.39 13.68 -3.03
CA ASN C 285 29.86 13.39 -2.99
C ASN C 285 30.11 12.06 -3.68
N ALA C 286 29.24 11.10 -3.47
CA ALA C 286 29.44 9.70 -3.91
C ALA C 286 28.89 9.45 -5.33
N VAL C 287 27.90 10.22 -5.78
CA VAL C 287 27.14 9.92 -7.03
C VAL C 287 27.14 11.13 -7.97
N ALA C 288 26.49 12.21 -7.59
CA ALA C 288 26.12 13.30 -8.52
C ALA C 288 27.39 14.02 -8.99
N ILE C 289 28.32 14.40 -8.09
CA ILE C 289 29.54 15.20 -8.46
C ILE C 289 30.41 14.37 -9.39
N PRO C 290 30.79 13.12 -9.07
CA PRO C 290 31.54 12.28 -10.01
C PRO C 290 30.86 12.11 -11.37
N CYS C 291 29.52 12.00 -11.35
CA CYS C 291 28.71 11.81 -12.57
C CYS C 291 28.87 13.05 -13.47
N TYR C 292 28.55 14.23 -12.95
CA TYR C 292 28.68 15.48 -13.74
C TYR C 292 30.15 15.82 -14.05
N THR C 293 31.10 15.34 -13.25
CA THR C 293 32.56 15.61 -13.43
C THR C 293 33.06 14.89 -14.68
N THR C 294 32.77 13.57 -14.75
CA THR C 294 33.06 12.68 -15.89
C THR C 294 32.33 13.16 -17.14
N LEU C 295 31.07 13.55 -17.03
CA LEU C 295 30.30 14.03 -18.20
C LEU C 295 30.91 15.33 -18.73
N THR C 296 31.32 16.23 -17.86
CA THR C 296 31.94 17.51 -18.31
C THR C 296 33.29 17.25 -18.99
N GLN C 297 34.05 16.25 -18.55
CA GLN C 297 35.34 15.89 -19.21
C GLN C 297 35.06 15.37 -20.62
N ILE C 298 34.03 14.54 -20.82
CA ILE C 298 33.72 14.02 -22.18
C ILE C 298 32.98 15.08 -22.98
N LEU C 299 32.07 15.85 -22.38
CA LEU C 299 31.21 16.80 -23.11
C LEU C 299 31.29 18.12 -22.37
N PRO C 300 32.32 18.93 -22.66
CA PRO C 300 32.55 20.20 -21.97
C PRO C 300 31.39 21.19 -21.95
N PRO C 301 30.56 21.26 -23.00
CA PRO C 301 29.40 22.15 -22.94
C PRO C 301 28.37 21.79 -21.84
N THR C 302 28.53 20.66 -21.12
CA THR C 302 27.56 20.24 -20.06
C THR C 302 27.98 20.81 -18.72
N GLU C 303 29.06 21.59 -18.75
CA GLU C 303 29.71 22.21 -17.56
CA GLU C 303 29.71 22.21 -17.55
C GLU C 303 28.66 22.83 -16.65
N PRO C 304 27.68 23.62 -17.13
CA PRO C 304 26.68 24.19 -16.22
C PRO C 304 25.98 23.19 -15.26
N LEU C 305 25.81 21.92 -15.66
CA LEU C 305 25.14 20.91 -14.82
C LEU C 305 26.04 20.72 -13.60
N LEU C 306 27.33 20.45 -13.82
CA LEU C 306 28.33 20.27 -12.73
C LEU C 306 28.35 21.52 -11.82
N LYS C 307 28.33 22.73 -12.40
CA LYS C 307 28.45 24.00 -11.63
C LYS C 307 27.22 24.12 -10.73
N ALA C 308 26.06 23.72 -11.23
CA ALA C 308 24.79 23.86 -10.52
C ALA C 308 24.76 22.83 -9.39
N CYS C 309 25.28 21.64 -9.68
CA CYS C 309 25.38 20.56 -8.68
C CYS C 309 26.33 21.03 -7.52
N ARG C 310 27.49 21.61 -7.82
CA ARG C 310 28.43 22.14 -6.78
CA ARG C 310 28.43 22.21 -6.82
C ARG C 310 27.69 23.26 -6.00
N ASP C 311 26.99 24.17 -6.64
CA ASP C 311 26.21 25.19 -5.90
C ASP C 311 25.25 24.52 -4.91
N ASN C 312 24.57 23.47 -5.32
CA ASN C 312 23.51 22.85 -4.46
C ASN C 312 24.21 22.10 -3.31
N LEU C 313 25.38 21.49 -3.58
CA LEU C 313 26.17 20.78 -2.53
C LEU C 313 26.52 21.79 -1.41
N SER C 314 26.83 23.03 -1.81
CA SER C 314 27.23 24.13 -0.90
C SER C 314 25.98 24.61 -0.13
N GLN C 315 24.79 24.60 -0.76
CA GLN C 315 23.53 24.87 -0.03
C GLN C 315 23.28 23.80 1.03
N TRP C 316 23.53 22.54 0.72
CA TRP C 316 23.30 21.46 1.70
C TRP C 316 24.28 21.61 2.87
N GLU C 317 25.55 21.88 2.62
CA GLU C 317 26.52 22.12 3.73
C GLU C 317 26.01 23.26 4.63
N LYS C 318 25.49 24.32 4.02
CA LYS C 318 24.95 25.51 4.72
C LYS C 318 23.77 25.13 5.61
N VAL C 319 22.87 24.28 5.11
CA VAL C 319 21.71 23.74 5.91
C VAL C 319 22.22 22.87 7.07
N ILE C 320 23.25 22.03 6.87
CA ILE C 320 23.86 21.18 7.93
C ILE C 320 24.51 22.08 9.00
N ARG C 321 24.91 23.31 8.68
CA ARG C 321 25.62 24.17 9.66
C ARG C 321 24.59 25.06 10.35
N GLY C 322 23.30 24.77 10.23
CA GLY C 322 22.22 25.58 10.82
C GLY C 322 22.08 26.98 10.23
N GLU C 323 22.82 27.35 9.15
CA GLU C 323 22.71 28.67 8.46
C GLU C 323 21.47 28.68 7.55
N GLU C 324 20.71 27.58 7.54
CA GLU C 324 19.41 27.37 6.84
C GLU C 324 18.98 25.91 6.99
N TRP D 10 41.50 -41.82 -8.92
CA TRP D 10 42.00 -42.91 -9.83
C TRP D 10 41.21 -44.20 -9.55
N GLN D 11 40.96 -44.46 -8.27
CA GLN D 11 40.16 -45.62 -7.74
C GLN D 11 38.98 -45.10 -6.89
N GLY D 12 38.75 -43.76 -6.86
CA GLY D 12 37.61 -43.04 -6.22
C GLY D 12 36.61 -42.52 -7.26
N LEU D 13 36.54 -43.23 -8.40
CA LEU D 13 35.59 -43.02 -9.53
C LEU D 13 34.29 -43.79 -9.20
N MET D 14 34.22 -44.32 -7.99
CA MET D 14 33.16 -45.25 -7.50
C MET D 14 32.04 -44.45 -6.84
N GLN D 15 30.85 -44.46 -7.42
CA GLN D 15 29.71 -43.65 -6.95
C GLN D 15 28.56 -44.58 -6.66
N PHE D 16 27.61 -44.13 -5.88
CA PHE D 16 26.39 -44.91 -5.56
C PHE D 16 25.26 -44.43 -6.43
N THR D 17 24.50 -45.38 -6.95
CA THR D 17 23.23 -45.15 -7.68
C THR D 17 22.12 -45.92 -6.97
N LEU D 18 20.92 -45.40 -7.07
CA LEU D 18 19.70 -46.02 -6.53
C LEU D 18 18.88 -46.50 -7.72
N PRO D 19 17.97 -47.47 -7.56
CA PRO D 19 16.98 -47.70 -8.60
C PRO D 19 16.22 -46.40 -8.90
N VAL D 20 15.82 -46.25 -10.16
CA VAL D 20 15.09 -45.06 -10.68
C VAL D 20 14.13 -44.54 -9.61
N ARG D 21 13.17 -45.34 -9.14
CA ARG D 21 12.08 -44.75 -8.31
C ARG D 21 12.71 -44.09 -7.07
N LEU D 22 13.78 -44.66 -6.52
CA LEU D 22 14.37 -44.14 -5.26
C LEU D 22 15.16 -42.88 -5.61
N CYS D 23 15.88 -42.94 -6.73
CA CYS D 23 16.70 -41.84 -7.30
C CYS D 23 15.84 -40.59 -7.42
N LYS D 24 14.65 -40.74 -7.97
CA LYS D 24 13.64 -39.65 -8.13
C LYS D 24 13.01 -39.29 -6.77
N GLU D 25 12.61 -40.28 -5.96
CA GLU D 25 11.70 -39.99 -4.80
C GLU D 25 12.51 -39.54 -3.57
N ILE D 26 13.82 -39.82 -3.55
CA ILE D 26 14.69 -39.51 -2.38
C ILE D 26 14.80 -38.00 -2.23
N GLU D 27 14.56 -37.28 -3.32
CA GLU D 27 14.66 -35.81 -3.38
C GLU D 27 13.44 -35.16 -2.73
N LEU D 28 12.35 -35.89 -2.53
CA LEU D 28 11.11 -35.34 -1.89
C LEU D 28 11.20 -35.39 -0.34
N PHE D 29 10.60 -34.44 0.35
CA PHE D 29 10.63 -34.42 1.84
C PHE D 29 9.98 -35.69 2.40
N HIS D 30 8.99 -36.27 1.71
CA HIS D 30 8.09 -37.29 2.32
C HIS D 30 8.59 -38.70 1.99
N PHE D 31 9.68 -38.80 1.26
CA PHE D 31 10.27 -40.10 0.94
C PHE D 31 10.34 -40.99 2.18
N ASP D 32 10.04 -42.26 1.96
CA ASP D 32 10.17 -43.34 2.98
C ASP D 32 11.30 -44.23 2.51
N ILE D 33 12.20 -44.62 3.40
CA ILE D 33 13.45 -45.36 3.03
C ILE D 33 13.13 -46.87 2.80
N GLY D 34 11.91 -47.31 3.08
CA GLY D 34 11.46 -48.68 2.78
C GLY D 34 11.83 -49.70 3.86
N PRO D 35 11.37 -50.96 3.71
CA PRO D 35 11.63 -52.02 4.68
C PRO D 35 12.87 -52.89 4.48
N PHE D 36 13.69 -52.62 3.47
CA PHE D 36 14.97 -53.34 3.20
C PHE D 36 16.14 -52.70 3.96
N GLU D 37 16.26 -53.01 5.26
CA GLU D 37 17.40 -52.73 6.17
CA GLU D 37 17.39 -52.71 6.17
C GLU D 37 18.71 -52.68 5.38
N ASN D 38 18.98 -53.66 4.54
CA ASN D 38 20.30 -53.74 3.85
C ASN D 38 20.50 -52.65 2.79
N MET D 39 19.49 -51.88 2.44
CA MET D 39 19.68 -50.79 1.47
C MET D 39 19.92 -49.45 2.17
N TRP D 40 19.78 -49.37 3.48
CA TRP D 40 19.83 -48.07 4.20
C TRP D 40 21.26 -47.52 4.23
N PRO D 41 22.33 -48.31 4.49
CA PRO D 41 23.69 -47.77 4.41
C PRO D 41 24.04 -47.17 3.05
N GLY D 42 23.67 -47.85 1.96
CA GLY D 42 23.87 -47.37 0.57
C GLY D 42 23.09 -46.09 0.31
N ILE D 43 21.87 -45.99 0.85
CA ILE D 43 21.03 -44.77 0.76
C ILE D 43 21.70 -43.63 1.53
N PHE D 44 22.36 -43.93 2.65
CA PHE D 44 23.05 -42.88 3.45
C PHE D 44 24.27 -42.36 2.69
N VAL D 45 25.15 -43.24 2.21
CA VAL D 45 26.32 -42.85 1.37
C VAL D 45 25.89 -42.05 0.15
N TYR D 46 24.83 -42.44 -0.56
CA TYR D 46 24.30 -41.73 -1.75
C TYR D 46 24.04 -40.29 -1.33
N MET D 47 23.41 -40.13 -0.16
CA MET D 47 22.95 -38.79 0.33
C MET D 47 24.21 -37.97 0.67
N VAL D 48 25.21 -38.61 1.28
CA VAL D 48 26.43 -37.91 1.76
C VAL D 48 27.20 -37.43 0.52
N HIS D 49 27.20 -38.23 -0.57
CA HIS D 49 27.90 -37.88 -1.83
C HIS D 49 27.23 -36.70 -2.52
N ARG D 50 25.92 -36.74 -2.71
CA ARG D 50 25.19 -35.66 -3.44
C ARG D 50 25.17 -34.38 -2.58
N SER D 51 25.33 -34.51 -1.28
CA SER D 51 24.99 -33.49 -0.25
C SER D 51 26.21 -32.64 0.12
N CYS D 52 27.37 -33.26 0.23
CA CYS D 52 28.61 -32.48 0.50
C CYS D 52 29.75 -32.85 -0.45
N GLY D 53 29.70 -33.98 -1.16
CA GLY D 53 30.67 -34.30 -2.23
C GLY D 53 31.19 -35.73 -2.13
N THR D 54 31.67 -36.27 -3.24
CA THR D 54 32.20 -37.66 -3.39
C THR D 54 33.47 -37.82 -2.55
N SER D 55 34.05 -36.68 -2.18
CA SER D 55 35.43 -36.50 -1.68
C SER D 55 35.41 -36.16 -0.19
N CYS D 56 34.30 -35.72 0.38
CA CYS D 56 34.34 -35.25 1.78
CA CYS D 56 34.20 -35.30 1.81
C CYS D 56 34.74 -36.43 2.71
N PHE D 57 34.38 -37.67 2.42
CA PHE D 57 34.82 -38.79 3.28
C PHE D 57 35.48 -39.87 2.44
N GLU D 58 36.44 -40.56 3.06
CA GLU D 58 37.13 -41.75 2.52
C GLU D 58 36.15 -42.93 2.60
N LEU D 59 35.82 -43.56 1.48
CA LEU D 59 34.68 -44.53 1.40
C LEU D 59 34.79 -45.59 2.48
N GLU D 60 35.97 -46.15 2.74
CA GLU D 60 36.12 -47.35 3.60
C GLU D 60 35.95 -46.97 5.08
N LYS D 61 36.49 -45.83 5.49
CA LYS D 61 36.25 -45.28 6.85
C LYS D 61 34.76 -44.99 7.04
N LEU D 62 34.10 -44.48 5.99
CA LEU D 62 32.69 -44.08 6.05
C LEU D 62 31.88 -45.36 6.26
N CME D 63 32.10 -46.34 5.40
CA CME D 63 31.39 -47.66 5.48
CB CME D 63 31.68 -48.58 4.31
SG CME D 63 30.88 -48.08 2.75
SD CME D 63 28.87 -48.07 3.21
CE CME D 63 28.37 -49.80 3.40
CZ CME D 63 27.52 -50.20 2.22
OH CME D 63 27.44 -51.60 2.07
C CME D 63 31.62 -48.29 6.84
O CME D 63 30.63 -48.76 7.46
N ARG D 64 32.83 -48.23 7.38
CA ARG D 64 33.02 -48.96 8.65
C ARG D 64 32.38 -48.16 9.79
N PHE D 65 32.38 -46.83 9.71
CA PHE D 65 31.68 -45.92 10.67
C PHE D 65 30.16 -46.24 10.70
N ILE D 66 29.55 -46.35 9.53
CA ILE D 66 28.08 -46.58 9.37
C ILE D 66 27.71 -47.92 10.03
N MET D 67 28.57 -48.93 9.84
CA MET D 67 28.31 -50.31 10.31
C MET D 67 28.49 -50.38 11.83
N SER D 68 29.41 -49.61 12.40
CA SER D 68 29.56 -49.51 13.88
C SER D 68 28.39 -48.70 14.50
N VAL D 69 27.97 -47.63 13.85
CA VAL D 69 26.77 -46.87 14.30
C VAL D 69 25.56 -47.80 14.32
N LYS D 70 25.24 -48.43 13.21
CA LYS D 70 24.11 -49.39 13.11
C LYS D 70 24.15 -50.36 14.30
N LYS D 71 25.35 -50.89 14.55
CA LYS D 71 25.52 -51.95 15.55
C LYS D 71 25.21 -51.39 16.94
N ASN D 72 25.36 -50.08 17.20
CA ASN D 72 25.12 -49.46 18.52
C ASN D 72 23.73 -48.84 18.62
N TYR D 73 22.86 -49.00 17.62
CA TYR D 73 21.39 -48.85 17.82
C TYR D 73 20.81 -50.21 18.23
N ARG D 74 19.78 -50.18 19.04
CA ARG D 74 19.11 -51.36 19.60
C ARG D 74 17.79 -51.64 18.91
N ARG D 75 17.28 -52.84 19.21
CA ARG D 75 16.08 -53.44 18.56
C ARG D 75 14.88 -52.99 19.37
N VAL D 76 14.55 -51.71 19.29
CA VAL D 76 13.44 -51.09 20.04
C VAL D 76 12.40 -50.70 18.99
N PRO D 77 11.12 -50.55 19.35
CA PRO D 77 10.07 -50.31 18.35
C PRO D 77 10.23 -49.04 17.47
N TYR D 78 10.83 -47.98 18.00
CA TYR D 78 10.85 -46.65 17.30
C TYR D 78 12.26 -46.05 17.27
N HIS D 79 13.00 -46.02 18.39
CA HIS D 79 14.31 -45.31 18.52
C HIS D 79 15.43 -46.22 18.03
N ASN D 80 15.38 -46.52 16.73
CA ASN D 80 16.14 -47.63 16.12
C ASN D 80 16.83 -47.16 14.85
N TRP D 81 17.61 -48.06 14.27
CA TRP D 81 18.46 -47.74 13.08
C TRP D 81 17.61 -47.05 12.01
N LYS D 82 16.37 -47.49 11.83
CA LYS D 82 15.50 -46.96 10.75
C LYS D 82 15.18 -45.48 11.03
N HIS D 83 14.89 -45.12 12.27
CA HIS D 83 14.70 -43.72 12.70
C HIS D 83 15.97 -42.89 12.44
N ALA D 84 17.13 -43.38 12.82
CA ALA D 84 18.45 -42.78 12.49
C ALA D 84 18.53 -42.36 11.00
N VAL D 85 18.25 -43.25 10.06
CA VAL D 85 18.49 -43.00 8.61
C VAL D 85 17.38 -42.08 8.06
N THR D 86 16.17 -42.22 8.59
CA THR D 86 14.97 -41.40 8.24
C THR D 86 15.21 -39.95 8.63
N VAL D 87 15.71 -39.74 9.85
CA VAL D 87 16.08 -38.37 10.31
C VAL D 87 17.17 -37.79 9.39
N ALA D 88 18.18 -38.57 9.04
CA ALA D 88 19.24 -38.08 8.12
C ALA D 88 18.66 -37.74 6.75
N HIS D 89 17.71 -38.53 6.24
CA HIS D 89 17.06 -38.25 4.93
C HIS D 89 16.36 -36.89 4.98
N CYS D 90 15.65 -36.54 6.06
CA CYS D 90 14.96 -35.23 6.16
C CYS D 90 16.04 -34.14 6.12
N MET D 91 17.16 -34.31 6.84
CA MET D 91 18.24 -33.31 6.84
C MET D 91 18.77 -33.23 5.41
N TYR D 92 18.91 -34.39 4.73
CA TYR D 92 19.36 -34.40 3.32
C TYR D 92 18.50 -33.43 2.49
N ALA D 93 17.19 -33.59 2.57
CA ALA D 93 16.21 -32.86 1.74
C ALA D 93 16.24 -31.38 2.15
N ILE D 94 16.43 -31.06 3.42
CA ILE D 94 16.61 -29.64 3.85
C ILE D 94 17.87 -29.11 3.17
N LEU D 95 18.97 -29.85 3.26
CA LEU D 95 20.28 -29.35 2.78
C LEU D 95 20.25 -29.19 1.25
N GLN D 96 19.61 -30.09 0.50
CA GLN D 96 19.62 -29.98 -0.98
C GLN D 96 18.80 -28.76 -1.39
N ASN D 97 17.81 -28.36 -0.60
CA ASN D 97 16.79 -27.37 -1.00
C ASN D 97 17.18 -25.99 -0.46
N ASN D 98 18.28 -25.90 0.27
CA ASN D 98 18.84 -24.67 0.86
C ASN D 98 20.37 -24.68 0.71
N HIS D 99 20.88 -25.11 -0.46
CA HIS D 99 22.29 -25.58 -0.62
C HIS D 99 23.31 -24.43 -0.51
N THR D 100 22.92 -23.19 -0.79
CA THR D 100 23.78 -21.98 -0.74
C THR D 100 23.95 -21.48 0.70
N LEU D 101 23.09 -21.90 1.63
CA LEU D 101 23.02 -21.35 3.03
C LEU D 101 24.04 -22.01 3.99
N PHE D 102 24.55 -23.22 3.73
CA PHE D 102 25.36 -23.99 4.72
C PHE D 102 26.82 -24.13 4.31
N THR D 103 27.69 -24.07 5.30
CA THR D 103 29.16 -24.22 5.17
C THR D 103 29.53 -25.69 4.92
N ASP D 104 30.75 -25.93 4.48
CA ASP D 104 31.27 -27.27 4.07
C ASP D 104 31.30 -28.18 5.30
N LEU D 105 31.65 -27.63 6.47
CA LEU D 105 31.71 -28.33 7.78
C LEU D 105 30.30 -28.70 8.27
N GLU D 106 29.35 -27.75 8.18
CA GLU D 106 27.93 -27.98 8.53
C GLU D 106 27.43 -29.15 7.68
N ARG D 107 27.76 -29.14 6.40
CA ARG D 107 27.29 -30.18 5.45
C ARG D 107 27.71 -31.56 5.97
N LYS D 108 29.02 -31.79 6.14
CA LYS D 108 29.62 -33.04 6.69
C LYS D 108 28.95 -33.38 8.01
N GLY D 109 29.10 -32.46 8.97
CA GLY D 109 28.64 -32.60 10.36
C GLY D 109 27.17 -32.98 10.50
N LEU D 110 26.24 -32.42 9.71
CA LEU D 110 24.80 -32.49 10.05
C LEU D 110 24.21 -33.87 9.70
N LEU D 111 24.57 -34.44 8.56
CA LEU D 111 24.16 -35.83 8.22
C LEU D 111 24.73 -36.78 9.28
N ILE D 112 26.00 -36.65 9.65
CA ILE D 112 26.61 -37.52 10.71
C ILE D 112 25.80 -37.32 12.01
N ALA D 113 25.55 -36.10 12.46
CA ALA D 113 24.79 -35.84 13.71
C ALA D 113 23.44 -36.56 13.64
N CYS D 114 22.73 -36.46 12.53
CA CYS D 114 21.36 -37.07 12.38
C CYS D 114 21.48 -38.60 12.51
N LEU D 115 22.48 -39.21 11.85
CA LEU D 115 22.66 -40.71 11.91
C LEU D 115 22.92 -41.18 13.34
N CYS D 116 23.60 -40.35 14.13
CA CYS D 116 24.10 -40.69 15.49
C CYS D 116 23.19 -40.16 16.59
N HIS D 117 22.14 -39.37 16.29
CA HIS D 117 21.49 -38.46 17.28
C HIS D 117 20.81 -39.25 18.40
N ASP D 118 20.51 -40.53 18.17
CA ASP D 118 19.83 -41.39 19.16
C ASP D 118 20.61 -42.67 19.48
N LEU D 119 21.94 -42.65 19.33
CA LEU D 119 22.82 -43.83 19.61
C LEU D 119 22.56 -44.42 21.03
N ASP D 120 22.27 -45.71 21.05
CA ASP D 120 22.20 -46.58 22.25
C ASP D 120 20.95 -46.20 23.03
N HIS D 121 19.93 -45.66 22.36
CA HIS D 121 18.59 -45.42 22.96
C HIS D 121 18.01 -46.74 23.48
N ARG D 122 17.41 -46.72 24.65
CA ARG D 122 16.76 -47.91 25.25
C ARG D 122 15.25 -47.85 25.07
N GLY D 123 14.69 -46.77 24.53
CA GLY D 123 13.24 -46.64 24.29
C GLY D 123 12.58 -45.98 25.48
N PHE D 124 13.40 -45.31 26.28
CA PHE D 124 12.97 -44.61 27.50
C PHE D 124 13.40 -43.14 27.46
N SER D 125 12.45 -42.29 27.89
CA SER D 125 12.57 -40.82 28.06
C SER D 125 13.59 -40.48 29.16
N ASN D 126 14.20 -39.30 29.05
CA ASN D 126 14.99 -38.63 30.12
C ASN D 126 14.25 -38.71 31.46
N SER D 127 12.93 -38.44 31.48
CA SER D 127 12.11 -38.49 32.74
C SER D 127 12.30 -39.83 33.42
N TYR D 128 12.12 -40.91 32.64
CA TYR D 128 12.03 -42.26 33.23
C TYR D 128 13.42 -42.62 33.79
N LEU D 129 14.51 -42.28 33.10
CA LEU D 129 15.86 -42.58 33.66
C LEU D 129 15.96 -41.87 35.03
N GLN D 130 15.35 -40.69 35.13
CA GLN D 130 15.44 -39.86 36.35
C GLN D 130 14.68 -40.55 37.51
N LYS D 131 13.46 -41.02 37.27
CA LYS D 131 12.60 -41.68 38.29
C LYS D 131 13.14 -43.07 38.65
N PHE D 132 13.76 -43.76 37.70
CA PHE D 132 14.36 -45.10 37.92
C PHE D 132 15.61 -44.95 38.80
N ASP D 133 16.21 -43.77 38.75
CA ASP D 133 17.53 -43.48 39.36
C ASP D 133 18.63 -44.17 38.56
N HIS D 134 18.53 -44.07 37.23
CA HIS D 134 19.53 -44.68 36.31
C HIS D 134 20.90 -43.99 36.46
N PRO D 135 22.02 -44.76 36.49
CA PRO D 135 23.37 -44.18 36.47
C PRO D 135 23.59 -43.04 35.47
N LEU D 136 23.04 -43.13 34.26
CA LEU D 136 23.21 -42.05 33.23
C LEU D 136 22.65 -40.72 33.76
N ALA D 137 21.60 -40.73 34.58
CA ALA D 137 20.93 -39.52 35.15
C ALA D 137 21.83 -38.90 36.23
N ALA D 138 22.76 -39.66 36.81
CA ALA D 138 23.74 -39.15 37.78
C ALA D 138 24.87 -38.45 37.00
N LEU D 139 25.28 -39.03 35.88
CA LEU D 139 26.43 -38.56 35.07
C LEU D 139 26.03 -37.31 34.25
N TYR D 140 24.75 -37.21 33.85
CA TYR D 140 24.16 -36.18 32.93
C TYR D 140 22.81 -35.76 33.50
N SER D 141 22.79 -34.66 34.27
CA SER D 141 21.62 -34.14 35.03
C SER D 141 20.55 -33.60 34.07
N THR D 142 20.95 -32.99 32.96
CA THR D 142 20.01 -32.49 31.91
C THR D 142 20.36 -33.09 30.55
N SER D 143 19.34 -33.19 29.70
CA SER D 143 19.42 -33.75 28.34
C SER D 143 20.17 -35.11 28.46
N THR D 144 19.68 -35.95 29.36
CA THR D 144 20.46 -37.13 29.87
C THR D 144 20.86 -38.04 28.69
N MET D 145 19.87 -38.53 27.94
CA MET D 145 20.11 -39.46 26.82
C MET D 145 20.93 -38.73 25.77
N GLU D 146 20.66 -37.44 25.54
CA GLU D 146 21.31 -36.71 24.41
C GLU D 146 22.83 -36.60 24.65
N GLN D 147 23.25 -36.34 25.88
CA GLN D 147 24.69 -36.31 26.23
C GLN D 147 25.25 -37.72 26.04
N HIS D 148 24.49 -38.76 26.40
CA HIS D 148 24.88 -40.17 26.12
C HIS D 148 25.10 -40.35 24.61
N HIS D 149 24.17 -39.88 23.77
CA HIS D 149 24.25 -40.12 22.31
C HIS D 149 25.55 -39.52 21.77
N PHE D 150 25.85 -38.29 22.17
CA PHE D 150 27.09 -37.57 21.76
C PHE D 150 28.33 -38.36 22.23
N SER D 151 28.28 -38.89 23.47
CA SER D 151 29.38 -39.66 24.10
C SER D 151 29.66 -40.89 23.23
N GLN D 152 28.58 -41.62 22.87
CA GLN D 152 28.62 -42.83 22.00
C GLN D 152 29.21 -42.46 20.62
N THR D 153 28.83 -41.32 20.06
CA THR D 153 29.31 -40.84 18.75
C THR D 153 30.85 -40.71 18.82
N VAL D 154 31.32 -40.07 19.89
CA VAL D 154 32.76 -39.78 20.09
C VAL D 154 33.47 -41.14 20.25
N SER D 155 32.99 -41.99 21.14
CA SER D 155 33.53 -43.36 21.25
C SER D 155 33.78 -43.98 19.87
N ILE D 156 32.79 -43.91 18.97
CA ILE D 156 32.86 -44.64 17.69
C ILE D 156 33.92 -44.00 16.79
N LEU D 157 34.03 -42.67 16.75
CA LEU D 157 34.99 -41.95 15.87
C LEU D 157 36.42 -42.27 16.30
N GLN D 158 36.60 -42.72 17.53
CA GLN D 158 37.92 -42.99 18.15
C GLN D 158 38.21 -44.50 18.12
N LEU D 159 37.35 -45.27 17.44
CA LEU D 159 37.59 -46.69 17.08
C LEU D 159 38.64 -46.69 15.96
N GLU D 160 39.55 -47.66 15.96
CA GLU D 160 40.58 -47.79 14.89
C GLU D 160 39.92 -47.84 13.51
N GLY D 161 40.39 -47.02 12.59
CA GLY D 161 39.93 -47.00 11.19
C GLY D 161 38.61 -46.27 11.01
N HIS D 162 38.06 -45.61 12.03
CA HIS D 162 36.67 -45.07 12.00
C HIS D 162 36.65 -43.54 11.95
N ASN D 163 37.81 -42.86 11.96
CA ASN D 163 37.82 -41.37 12.03
C ASN D 163 37.70 -40.81 10.62
N ILE D 164 36.44 -40.57 10.24
CA ILE D 164 35.99 -40.03 8.94
C ILE D 164 36.37 -38.57 8.81
N PHE D 165 36.87 -37.96 9.88
CA PHE D 165 37.28 -36.53 9.86
C PHE D 165 38.80 -36.39 9.89
N SER D 166 39.53 -37.48 9.65
CA SER D 166 41.01 -37.53 9.75
C SER D 166 41.67 -36.52 8.80
N THR D 167 41.02 -36.08 7.74
CA THR D 167 41.64 -35.16 6.76
C THR D 167 41.44 -33.69 7.19
N LEU D 168 40.72 -33.38 8.29
CA LEU D 168 40.45 -31.98 8.72
C LEU D 168 41.57 -31.50 9.65
N SER D 169 41.92 -30.20 9.63
CA SER D 169 42.81 -29.57 10.65
C SER D 169 42.32 -29.93 12.05
N SER D 170 43.14 -29.67 13.05
CA SER D 170 42.78 -29.82 14.48
C SER D 170 41.63 -28.87 14.86
N SER D 171 41.55 -27.75 14.13
CA SER D 171 40.59 -26.64 14.36
C SER D 171 39.24 -26.96 13.76
N GLU D 172 39.24 -27.29 12.46
CA GLU D 172 38.04 -27.68 11.67
C GLU D 172 37.46 -28.91 12.32
N TYR D 173 38.31 -29.81 12.78
CA TYR D 173 37.90 -31.05 13.45
C TYR D 173 37.16 -30.72 14.75
N GLU D 174 37.72 -29.80 15.52
CA GLU D 174 37.13 -29.42 16.81
C GLU D 174 35.81 -28.69 16.55
N GLN D 175 35.75 -28.03 15.41
CA GLN D 175 34.59 -27.23 15.01
C GLN D 175 33.44 -28.16 14.59
N VAL D 176 33.70 -29.16 13.75
CA VAL D 176 32.67 -30.10 13.24
C VAL D 176 32.12 -30.93 14.41
N LEU D 177 32.99 -31.24 15.39
CA LEU D 177 32.58 -32.02 16.58
C LEU D 177 31.63 -31.17 17.41
N GLU D 178 31.84 -29.86 17.40
CA GLU D 178 31.00 -28.83 18.07
C GLU D 178 29.64 -28.70 17.37
N ILE D 179 29.61 -28.64 16.06
CA ILE D 179 28.34 -28.72 15.26
C ILE D 179 27.55 -29.96 15.72
N ILE D 180 28.21 -31.11 15.77
CA ILE D 180 27.51 -32.40 16.03
C ILE D 180 26.92 -32.39 17.43
N ARG D 181 27.70 -31.89 18.39
CA ARG D 181 27.32 -31.88 19.81
C ARG D 181 26.07 -31.01 19.97
N LYS D 182 26.12 -29.79 19.45
CA LYS D 182 25.00 -28.82 19.59
C LYS D 182 23.76 -29.44 18.95
N ALA D 183 23.93 -29.97 17.74
CA ALA D 183 22.84 -30.60 16.96
C ALA D 183 22.24 -31.76 17.75
N ILE D 184 23.05 -32.62 18.37
CA ILE D 184 22.49 -33.83 19.05
C ILE D 184 21.75 -33.35 20.29
N ILE D 185 22.33 -32.41 21.03
CA ILE D 185 21.71 -31.84 22.26
C ILE D 185 20.37 -31.19 21.91
N ALA D 186 20.24 -30.60 20.73
CA ALA D 186 19.03 -29.81 20.38
C ALA D 186 17.84 -30.77 20.18
N THR D 187 18.10 -32.08 19.97
CA THR D 187 17.04 -33.12 19.80
C THR D 187 16.36 -33.45 21.12
N ASP D 188 16.78 -32.84 22.21
CA ASP D 188 16.03 -32.89 23.49
C ASP D 188 14.83 -31.96 23.30
N LEU D 189 13.63 -32.51 23.17
CA LEU D 189 12.43 -31.69 22.89
C LEU D 189 12.24 -30.67 24.02
N ALA D 190 12.63 -30.95 25.25
CA ALA D 190 12.45 -29.98 26.37
C ALA D 190 13.08 -28.62 25.99
N LEU D 191 14.14 -28.63 25.17
CA LEU D 191 14.93 -27.43 24.77
C LEU D 191 14.34 -26.71 23.55
N TYR D 192 13.65 -27.43 22.67
CA TYR D 192 13.03 -26.92 21.43
C TYR D 192 12.11 -25.71 21.69
N PHE D 193 11.25 -25.81 22.71
CA PHE D 193 10.15 -24.85 22.99
C PHE D 193 10.68 -23.43 23.08
N GLY D 194 11.65 -23.24 23.99
CA GLY D 194 12.49 -22.04 24.15
C GLY D 194 13.21 -21.63 22.89
N ASN D 195 13.80 -22.57 22.14
CA ASN D 195 14.59 -22.27 20.90
C ASN D 195 13.65 -21.70 19.81
N ARG D 196 12.46 -22.25 19.69
CA ARG D 196 11.48 -21.83 18.64
C ARG D 196 10.93 -20.42 18.92
N LYS D 197 10.54 -20.17 20.17
CA LYS D 197 10.05 -18.88 20.69
C LYS D 197 11.07 -17.78 20.41
N GLN D 198 12.37 -18.06 20.63
CA GLN D 198 13.50 -17.14 20.33
C GLN D 198 13.54 -16.81 18.82
N LEU D 199 13.61 -17.82 17.95
CA LEU D 199 13.72 -17.67 16.47
C LEU D 199 12.50 -16.91 15.89
N GLU D 200 11.31 -17.19 16.42
CA GLU D 200 10.06 -16.54 15.96
C GLU D 200 10.23 -15.04 16.19
N GLU D 201 10.63 -14.65 17.40
CA GLU D 201 10.84 -13.23 17.80
CA GLU D 201 10.79 -13.21 17.76
C GLU D 201 11.89 -12.60 16.88
N MET D 202 13.07 -13.21 16.81
CA MET D 202 14.15 -12.72 15.93
C MET D 202 13.62 -12.57 14.51
N TYR D 203 13.02 -13.61 13.91
CA TYR D 203 12.68 -13.59 12.46
C TYR D 203 11.54 -12.57 12.19
N GLN D 204 10.51 -12.50 13.05
CA GLN D 204 9.32 -11.60 12.91
C GLN D 204 9.77 -10.14 12.99
N THR D 205 10.63 -9.81 13.97
CA THR D 205 11.16 -8.43 14.19
C THR D 205 12.34 -8.14 13.27
N GLY D 206 12.74 -9.07 12.39
CA GLY D 206 13.82 -8.88 11.40
C GLY D 206 15.25 -8.79 11.96
N SER D 207 15.51 -9.14 13.23
CA SER D 207 16.87 -9.20 13.85
C SER D 207 17.61 -10.55 13.61
N LEU D 208 16.99 -11.56 13.02
CA LEU D 208 17.67 -12.86 12.78
C LEU D 208 18.79 -12.63 11.76
N ASN D 209 19.99 -13.15 12.03
CA ASN D 209 21.23 -12.88 11.25
C ASN D 209 22.08 -14.15 11.12
N LEU D 210 22.10 -14.76 9.94
CA LEU D 210 22.85 -16.03 9.69
C LEU D 210 24.37 -15.82 9.71
N ASN D 211 24.85 -14.58 9.85
CA ASN D 211 26.31 -14.28 9.93
C ASN D 211 26.69 -14.36 11.41
N ASN D 212 25.70 -14.51 12.28
CA ASN D 212 25.91 -14.54 13.75
C ASN D 212 25.90 -16.03 14.12
N GLN D 213 27.04 -16.58 14.55
CA GLN D 213 27.19 -18.03 14.83
C GLN D 213 26.09 -18.49 15.80
N SER D 214 25.80 -17.63 16.77
CA SER D 214 24.85 -17.86 17.88
C SER D 214 23.45 -18.11 17.31
N HIS D 215 23.13 -17.45 16.19
CA HIS D 215 21.83 -17.53 15.49
C HIS D 215 21.81 -18.80 14.64
N ARG D 216 22.91 -19.05 13.95
CA ARG D 216 23.12 -20.25 13.12
C ARG D 216 22.80 -21.48 13.97
N ASP D 217 23.35 -21.54 15.17
CA ASP D 217 23.19 -22.73 16.05
C ASP D 217 21.72 -22.93 16.38
N ARG D 218 21.00 -21.83 16.62
CA ARG D 218 19.54 -21.87 16.88
C ARG D 218 18.81 -22.45 15.67
N VAL D 219 19.12 -21.96 14.47
CA VAL D 219 18.50 -22.46 13.21
C VAL D 219 18.81 -23.96 13.04
N ILE D 220 20.05 -24.40 13.32
CA ILE D 220 20.40 -25.84 13.23
C ILE D 220 19.58 -26.62 14.28
N GLY D 221 19.52 -26.10 15.50
CA GLY D 221 18.67 -26.63 16.57
C GLY D 221 17.28 -26.96 16.07
N LEU D 222 16.65 -26.02 15.39
CA LEU D 222 15.26 -26.18 14.91
C LEU D 222 15.23 -27.18 13.76
N MET D 223 16.19 -27.08 12.83
CA MET D 223 16.24 -28.07 11.73
C MET D 223 16.28 -29.48 12.36
N MET D 224 17.04 -29.63 13.44
CA MET D 224 17.18 -30.96 14.13
C MET D 224 15.82 -31.44 14.69
N THR D 225 15.09 -30.60 15.43
CA THR D 225 13.71 -30.97 15.89
C THR D 225 12.87 -31.40 14.68
N ALA D 226 12.91 -30.58 13.64
CA ALA D 226 12.09 -30.73 12.41
C ALA D 226 12.33 -32.11 11.81
N CYS D 227 13.62 -32.45 11.63
CA CYS D 227 14.11 -33.77 11.15
C CYS D 227 13.66 -34.90 12.08
N ASP D 228 13.86 -34.67 13.37
CA ASP D 228 13.54 -35.62 14.44
C ASP D 228 12.05 -35.95 14.47
N LEU D 229 11.16 -35.02 14.12
CA LEU D 229 9.69 -35.23 14.25
C LEU D 229 9.11 -35.66 12.90
N CYS D 230 9.96 -35.89 11.90
CA CYS D 230 9.59 -35.85 10.48
C CYS D 230 8.68 -37.03 10.11
N SER D 231 8.36 -37.95 11.03
CA SER D 231 7.28 -38.95 10.81
C SER D 231 5.90 -38.25 10.64
N VAL D 232 5.69 -37.06 11.20
CA VAL D 232 4.42 -36.28 11.03
C VAL D 232 4.30 -35.64 9.65
N THR D 233 5.37 -35.69 8.84
CA THR D 233 5.45 -34.98 7.54
C THR D 233 5.47 -35.98 6.37
N LYS D 234 5.24 -37.25 6.68
CA LYS D 234 5.14 -38.32 5.69
C LYS D 234 3.69 -38.40 5.21
N LEU D 235 3.47 -39.16 4.14
CA LEU D 235 2.11 -39.47 3.65
C LEU D 235 1.36 -40.26 4.74
N TRP D 236 0.04 -40.08 4.82
CA TRP D 236 -0.77 -40.50 5.98
C TRP D 236 -0.53 -41.98 6.37
N PRO D 237 -0.47 -42.94 5.44
CA PRO D 237 -0.27 -44.35 5.79
C PRO D 237 1.08 -44.67 6.48
N VAL D 238 2.16 -43.97 6.10
CA VAL D 238 3.49 -43.98 6.79
C VAL D 238 3.32 -43.39 8.20
N THR D 239 2.71 -42.20 8.28
CA THR D 239 2.54 -41.40 9.50
C THR D 239 1.71 -42.18 10.54
N LYS D 240 0.66 -42.85 10.08
CA LYS D 240 -0.29 -43.61 10.94
C LYS D 240 0.41 -44.90 11.43
N LEU D 241 1.16 -45.57 10.58
CA LEU D 241 1.85 -46.83 10.96
C LEU D 241 3.06 -46.52 11.86
N THR D 242 3.73 -45.37 11.74
CA THR D 242 4.88 -45.03 12.58
C THR D 242 4.37 -44.72 14.00
N ALA D 243 3.17 -44.14 14.10
CA ALA D 243 2.53 -43.78 15.39
C ALA D 243 2.45 -45.02 16.28
N ASN D 244 2.16 -46.20 15.71
CA ASN D 244 2.06 -47.51 16.41
C ASN D 244 3.41 -47.87 17.05
N ASP D 245 4.52 -47.63 16.34
CA ASP D 245 5.89 -47.81 16.88
C ASP D 245 6.11 -46.85 18.06
N ILE D 246 5.79 -45.59 17.89
CA ILE D 246 6.07 -44.54 18.90
C ILE D 246 5.35 -44.93 20.19
N TYR D 247 4.09 -45.35 20.06
CA TYR D 247 3.19 -45.62 21.20
C TYR D 247 3.60 -46.95 21.83
N ALA D 248 4.14 -47.88 21.03
CA ALA D 248 4.66 -49.14 21.58
C ALA D 248 5.67 -48.81 22.67
N GLU D 249 6.52 -47.83 22.41
CA GLU D 249 7.56 -47.39 23.37
C GLU D 249 6.92 -46.61 24.53
N PHE D 250 6.09 -45.62 24.22
CA PHE D 250 5.42 -44.79 25.28
C PHE D 250 4.75 -45.73 26.28
N TRP D 251 4.04 -46.74 25.78
CA TRP D 251 3.24 -47.65 26.65
C TRP D 251 4.16 -48.54 27.50
N ALA D 252 5.24 -49.06 26.91
CA ALA D 252 6.30 -49.83 27.63
C ALA D 252 6.76 -48.98 28.82
N GLU D 253 6.99 -47.68 28.57
CA GLU D 253 7.57 -46.77 29.59
C GLU D 253 6.48 -46.51 30.63
N GLY D 254 5.24 -46.37 30.18
CA GLY D 254 4.09 -46.27 31.10
C GLY D 254 4.07 -47.43 32.05
N ASP D 255 4.14 -48.66 31.52
CA ASP D 255 4.21 -49.93 32.30
C ASP D 255 5.33 -49.83 33.34
N GLU D 256 6.52 -49.39 32.91
CA GLU D 256 7.68 -49.29 33.80
C GLU D 256 7.41 -48.23 34.89
N MET D 257 6.65 -47.17 34.56
CA MET D 257 6.30 -46.11 35.54
C MET D 257 5.38 -46.74 36.60
N LYS D 258 4.44 -47.58 36.18
CA LYS D 258 3.48 -48.21 37.11
C LYS D 258 4.23 -49.18 38.02
N LYS D 259 5.15 -49.96 37.47
CA LYS D 259 6.11 -50.76 38.24
C LYS D 259 6.91 -49.87 39.20
N LEU D 260 7.15 -48.58 38.93
CA LEU D 260 7.89 -47.74 39.92
C LEU D 260 6.92 -47.27 41.03
N GLY D 261 5.62 -47.42 40.85
CA GLY D 261 4.61 -46.93 41.81
C GLY D 261 4.02 -45.60 41.34
N ILE D 262 4.42 -45.11 40.17
CA ILE D 262 3.97 -43.82 39.58
C ILE D 262 2.91 -43.99 38.47
N GLN D 263 1.91 -43.12 38.46
CA GLN D 263 0.83 -43.13 37.45
C GLN D 263 1.42 -42.37 36.29
N PRO D 264 1.57 -42.96 35.09
CA PRO D 264 2.21 -42.24 33.99
C PRO D 264 1.20 -41.23 33.44
N ILE D 265 1.69 -40.20 32.74
CA ILE D 265 0.81 -39.30 31.93
C ILE D 265 0.02 -40.19 30.99
N PRO D 266 -1.18 -39.75 30.59
CA PRO D 266 -2.10 -40.58 29.80
C PRO D 266 -1.55 -41.15 28.48
N MET D 267 -0.65 -40.40 27.86
CA MET D 267 -0.08 -40.65 26.50
C MET D 267 0.71 -41.99 26.50
N MET D 268 1.31 -42.30 27.66
CA MET D 268 2.14 -43.49 27.96
C MET D 268 1.28 -44.57 28.64
N ASP D 269 -0.01 -44.32 28.87
CA ASP D 269 -0.89 -45.29 29.57
C ASP D 269 -1.64 -46.13 28.54
N ARG D 270 -1.44 -47.44 28.56
CA ARG D 270 -1.99 -48.33 27.50
C ARG D 270 -3.43 -48.68 27.83
N ASP D 271 -3.87 -48.38 29.06
CA ASP D 271 -5.31 -48.44 29.44
C ASP D 271 -6.08 -47.25 28.82
N LYS D 272 -5.40 -46.19 28.38
CA LYS D 272 -6.00 -44.95 27.83
C LYS D 272 -5.74 -44.89 26.31
N LYS D 273 -5.83 -46.04 25.65
CA LYS D 273 -5.57 -46.21 24.21
C LYS D 273 -6.59 -45.46 23.32
N ASP D 274 -7.85 -45.48 23.70
CA ASP D 274 -8.94 -44.66 23.09
C ASP D 274 -8.50 -43.19 22.95
N GLU D 275 -7.74 -42.61 23.89
CA GLU D 275 -7.38 -41.15 23.94
C GLU D 275 -6.27 -40.77 22.95
N VAL D 276 -5.82 -41.69 22.09
CA VAL D 276 -4.63 -41.47 21.22
C VAL D 276 -4.93 -40.38 20.19
N PRO D 277 -6.00 -40.47 19.39
CA PRO D 277 -6.27 -39.46 18.37
C PRO D 277 -6.28 -38.04 18.98
N GLN D 278 -6.85 -37.90 20.18
CA GLN D 278 -6.98 -36.59 20.88
C GLN D 278 -5.57 -36.10 21.27
N GLY D 279 -4.68 -37.04 21.62
CA GLY D 279 -3.30 -36.76 22.08
C GLY D 279 -2.41 -36.30 20.93
N GLN D 280 -2.59 -36.90 19.76
CA GLN D 280 -1.89 -36.52 18.50
C GLN D 280 -2.32 -35.12 18.07
N LEU D 281 -3.63 -34.87 18.09
CA LEU D 281 -4.24 -33.53 17.84
C LEU D 281 -3.44 -32.54 18.66
N GLY D 282 -3.34 -32.79 19.96
CA GLY D 282 -2.69 -31.92 20.95
C GLY D 282 -1.25 -31.67 20.59
N PHE D 283 -0.56 -32.71 20.10
CA PHE D 283 0.89 -32.68 19.80
C PHE D 283 1.16 -31.88 18.51
N TYR D 284 0.36 -32.09 17.46
CA TYR D 284 0.41 -31.25 16.23
C TYR D 284 0.18 -29.75 16.54
N ASN D 285 -0.85 -29.44 17.32
CA ASN D 285 -1.21 -28.04 17.68
C ASN D 285 -0.11 -27.43 18.59
N ALA D 286 0.36 -28.13 19.63
CA ALA D 286 1.37 -27.61 20.61
C ALA D 286 2.82 -27.74 20.10
N VAL D 287 3.16 -28.69 19.23
CA VAL D 287 4.60 -28.98 18.94
C VAL D 287 4.90 -29.02 17.44
N ALA D 288 4.28 -29.94 16.70
CA ALA D 288 4.65 -30.17 15.28
C ALA D 288 4.35 -28.90 14.43
N ILE D 289 3.11 -28.41 14.43
CA ILE D 289 2.72 -27.29 13.50
C ILE D 289 3.58 -26.07 13.82
N PRO D 290 3.68 -25.61 15.08
CA PRO D 290 4.55 -24.45 15.32
C PRO D 290 5.97 -24.72 14.77
N CYS D 291 6.50 -25.94 14.96
CA CYS D 291 7.89 -26.27 14.56
C CYS D 291 8.13 -25.93 13.08
N TYR D 292 7.34 -26.56 12.22
CA TYR D 292 7.39 -26.48 10.73
C TYR D 292 6.93 -25.10 10.23
N THR D 293 6.03 -24.42 10.96
CA THR D 293 5.61 -23.00 10.68
C THR D 293 6.88 -22.11 10.78
N THR D 294 7.54 -22.11 11.92
CA THR D 294 8.74 -21.27 12.12
C THR D 294 9.83 -21.63 11.11
N LEU D 295 9.98 -22.91 10.80
CA LEU D 295 11.11 -23.36 9.95
C LEU D 295 10.85 -22.88 8.50
N THR D 296 9.60 -23.01 8.03
CA THR D 296 9.14 -22.56 6.69
C THR D 296 9.29 -21.04 6.56
N GLN D 297 9.01 -20.27 7.62
CA GLN D 297 9.35 -18.82 7.67
C GLN D 297 10.84 -18.68 7.31
N ILE D 298 11.74 -19.35 8.03
CA ILE D 298 13.21 -19.07 7.99
C ILE D 298 13.85 -19.65 6.72
N LEU D 299 13.44 -20.86 6.30
CA LEU D 299 13.93 -21.58 5.10
C LEU D 299 12.73 -22.00 4.24
N PRO D 300 12.12 -21.05 3.49
CA PRO D 300 10.94 -21.33 2.66
C PRO D 300 10.93 -22.62 1.86
N PRO D 301 12.05 -23.12 1.30
CA PRO D 301 11.96 -24.36 0.51
C PRO D 301 11.60 -25.60 1.37
N THR D 302 11.54 -25.48 2.71
CA THR D 302 11.10 -26.57 3.64
C THR D 302 9.57 -26.68 3.78
N GLU D 303 8.82 -25.71 3.26
CA GLU D 303 7.33 -25.65 3.29
C GLU D 303 6.67 -27.01 3.02
N PRO D 304 7.12 -27.88 2.09
CA PRO D 304 6.44 -29.17 1.94
C PRO D 304 6.27 -29.96 3.25
N LEU D 305 7.17 -29.79 4.20
CA LEU D 305 7.03 -30.44 5.53
C LEU D 305 5.77 -29.92 6.21
N LEU D 306 5.54 -28.59 6.10
CA LEU D 306 4.46 -27.91 6.85
C LEU D 306 3.11 -28.34 6.25
N LYS D 307 3.00 -28.25 4.92
CA LYS D 307 1.86 -28.81 4.12
C LYS D 307 1.50 -30.23 4.60
N ALA D 308 2.46 -31.17 4.54
CA ALA D 308 2.23 -32.61 4.86
C ALA D 308 1.81 -32.73 6.35
N CYS D 309 2.41 -31.93 7.24
CA CYS D 309 2.02 -31.92 8.66
C CYS D 309 0.56 -31.44 8.83
N ARG D 310 0.14 -30.44 8.06
CA ARG D 310 -1.26 -29.95 8.20
CA ARG D 310 -1.26 -29.91 8.12
C ARG D 310 -2.20 -31.03 7.66
N ASP D 311 -1.83 -31.68 6.58
CA ASP D 311 -2.68 -32.76 6.03
C ASP D 311 -2.92 -33.81 7.11
N ASN D 312 -1.84 -34.27 7.78
CA ASN D 312 -1.92 -35.36 8.78
C ASN D 312 -2.74 -34.88 9.99
N LEU D 313 -2.64 -33.59 10.37
CA LEU D 313 -3.52 -32.98 11.43
C LEU D 313 -4.99 -33.24 11.04
N SER D 314 -5.32 -33.00 9.78
CA SER D 314 -6.73 -33.06 9.29
C SER D 314 -7.14 -34.53 9.18
N GLN D 315 -6.18 -35.44 8.95
CA GLN D 315 -6.39 -36.91 9.02
C GLN D 315 -6.71 -37.34 10.47
N TRP D 316 -5.96 -36.85 11.47
CA TRP D 316 -6.26 -37.15 12.91
C TRP D 316 -7.66 -36.59 13.27
N GLU D 317 -7.98 -35.35 12.87
CA GLU D 317 -9.32 -34.74 13.02
C GLU D 317 -10.40 -35.67 12.42
N LYS D 318 -10.18 -36.29 11.26
CA LYS D 318 -11.15 -37.27 10.67
C LYS D 318 -11.30 -38.55 11.51
N VAL D 319 -10.22 -39.06 12.13
CA VAL D 319 -10.26 -40.31 12.94
C VAL D 319 -11.14 -40.04 14.17
N ILE D 320 -10.97 -38.87 14.78
CA ILE D 320 -11.70 -38.43 16.00
C ILE D 320 -13.22 -38.42 15.79
N ARG D 321 -13.74 -38.48 14.55
CA ARG D 321 -15.19 -38.66 14.27
C ARG D 321 -15.43 -39.88 13.35
N GLY D 322 -14.83 -39.93 12.17
CA GLY D 322 -14.93 -41.08 11.24
C GLY D 322 -14.91 -40.63 9.78
ZN ZN E . -14.49 31.82 -6.39
MG MG F . -12.09 33.23 -9.09
N3 KI8 G . -8.41 35.45 1.88
C6 KI8 G . -6.91 37.29 -1.19
C7 KI8 G . -6.16 37.33 -0.06
C8 KI8 G . -6.45 36.32 2.52
C13 KI8 G . -9.67 34.83 1.94
C15 KI8 G . -5.49 39.97 -1.63
C17 KI8 G . -5.91 41.31 -2.24
C20 KI8 G . -5.26 36.75 3.39
C22 KI8 G . -5.59 43.06 -5.40
C24 KI8 G . -10.40 34.60 0.78
C26 KI8 G . -3.52 44.68 -1.13
C28 KI8 G . -5.38 45.47 -5.14
C1 KI8 G . -7.96 36.07 0.74
C2 KI8 G . -6.72 36.67 1.10
N4 KI8 G . -7.50 35.59 2.96
S5 KI8 G . -8.39 36.31 -1.01
C9 KI8 G . -6.49 37.82 -2.50
N10 KI8 G . -5.78 38.98 -2.74
N11 KI8 G . -5.11 41.55 -3.49
C12 KI8 G . -5.19 42.90 -4.03
C14 KI8 G . -5.36 39.19 -4.16
O16 KI8 G . -6.68 37.04 -3.41
C18 KI8 G . -5.51 40.64 -4.57
C19 KI8 G . -4.86 44.07 -3.20
O21 KI8 G . -4.49 43.90 -1.85
C23 KI8 G . -10.12 34.48 3.19
C25 KI8 G . -4.99 45.36 -3.78
C27 KI8 G . -5.67 44.35 -5.97
C29 KI8 G . -11.36 33.91 3.23
C30 KI8 G . -11.63 34.02 0.83
C31 KI8 G . -12.09 33.68 2.07
ZN ZN H . -14.81 -2.92 8.00
MG MG I . -18.10 -1.30 8.45
C1 GOL J . -20.32 11.09 -1.96
O1 GOL J . -21.58 11.16 -1.30
C2 GOL J . -19.25 10.65 -0.97
O2 GOL J . -19.97 10.21 0.18
C3 GOL J . -18.24 11.74 -0.63
O3 GOL J . -17.87 11.69 0.74
N3 KI8 K . -10.21 1.58 16.82
C6 KI8 K . -14.01 2.25 17.39
C7 KI8 K . -13.14 2.94 18.22
C8 KI8 K . -10.46 2.99 18.51
C13 KI8 K . -9.64 0.63 15.98
C15 KI8 K . -15.93 2.99 19.76
C17 KI8 K . -16.86 1.92 20.39
C20 KI8 K . -10.19 3.93 19.69
C22 KI8 K . -20.64 1.49 20.13
C24 KI8 K . -10.43 0.03 14.98
C26 KI8 K . -18.81 3.25 24.17
C28 KI8 K . -21.93 1.19 22.19
C1 KI8 K . -11.57 1.79 16.91
C2 KI8 K . -11.76 2.64 18.03
N4 KI8 K . -9.53 2.33 17.77
S5 KI8 K . -13.15 1.31 16.16
C9 KI8 K . -15.46 2.49 17.31
N10 KI8 K . -16.31 2.94 18.31
N11 KI8 K . -18.28 2.41 20.14
C12 KI8 K . -19.47 1.95 20.84
C14 KI8 K . -17.72 3.33 17.92
O16 KI8 K . -15.81 2.46 16.10
C18 KI8 K . -18.72 2.53 18.72
C19 KI8 K . -19.58 2.07 22.26
O21 KI8 K . -18.50 2.53 22.97
C23 KI8 K . -8.30 0.29 16.22
C25 KI8 K . -20.80 1.67 22.91
C27 KI8 K . -21.84 1.10 20.79
C29 KI8 K . -7.71 -0.69 15.38
C30 KI8 K . -9.86 -0.97 14.18
C31 KI8 K . -8.50 -1.34 14.37
ZN ZN L . 13.95 8.46 -13.50
MG MG M . 14.08 4.70 -13.02
N3 KI8 N . 18.96 11.07 -4.24
C6 KI8 N . 19.49 7.25 -4.50
C7 KI8 N . 19.75 7.78 -3.26
C8 KI8 N . 19.72 10.29 -2.26
C13 KI8 N . 18.50 11.94 -5.24
C15 KI8 N . 21.43 5.25 -3.30
C17 KI8 N . 22.65 4.65 -4.01
C20 KI8 N . 20.22 10.25 -0.80
C22 KI8 N . 23.20 1.22 -5.28
C24 KI8 N . 18.24 11.41 -6.53
C26 KI8 N . 26.15 4.46 -3.07
C28 KI8 N . 25.42 0.36 -5.20
C1 KI8 N . 19.09 9.71 -4.39
C2 KI8 N . 19.58 9.17 -3.17
N4 KI8 N . 19.34 11.39 -2.91
S5 KI8 N . 18.91 8.45 -5.61
C9 KI8 N . 19.52 5.81 -4.81
N10 KI8 N . 20.34 4.90 -4.23
N11 KI8 N . 22.49 3.16 -3.92
C12 KI8 N . 23.54 2.26 -4.36
C14 KI8 N . 20.04 3.52 -4.60
O16 KI8 N . 18.62 5.43 -5.55
C18 KI8 N . 21.20 2.54 -4.31
C19 KI8 N . 24.88 2.34 -3.82
O21 KI8 N . 25.24 3.33 -2.87
C23 KI8 N . 18.36 13.29 -4.89
C25 KI8 N . 25.79 1.36 -4.27
C27 KI8 N . 24.13 0.26 -5.73
C29 KI8 N . 17.90 14.17 -5.87
C30 KI8 N . 17.77 12.26 -7.48
C31 KI8 N . 17.61 13.61 -7.17
ZN ZN O . 15.22 -39.10 17.43
MG MG P . 16.43 -38.60 20.98
N3 KI8 Q . 4.68 -37.72 19.49
C6 KI8 Q . 6.37 -36.35 22.69
C7 KI8 Q . 5.02 -36.60 22.85
C8 KI8 Q . 3.12 -37.51 21.11
C13 KI8 Q . 5.37 -37.90 18.29
C15 KI8 Q . 5.66 -34.39 24.91
C17 KI8 Q . 6.03 -32.95 25.30
C20 KI8 Q . 1.82 -37.50 21.89
C22 KI8 Q . 8.17 -31.20 27.66
C24 KI8 Q . 6.78 -37.73 18.28
C26 KI8 Q . 3.79 -29.81 25.85
C28 KI8 Q . 7.42 -28.94 28.18
C1 KI8 Q . 5.31 -37.26 20.58
C2 KI8 Q . 4.40 -37.09 21.65
N4 KI8 Q . 3.31 -37.89 19.85
S5 KI8 Q . 6.93 -36.81 21.04
C9 KI8 Q . 7.27 -35.92 23.75
N10 KI8 Q . 6.98 -35.08 24.80
N11 KI8 Q . 6.70 -32.89 26.62
C12 KI8 Q . 6.88 -31.55 27.14
C14 KI8 Q . 8.05 -34.86 25.81
O16 KI8 Q . 8.36 -36.46 23.67
C18 KI8 Q . 7.98 -33.61 26.67
C19 KI8 Q . 5.84 -30.54 27.15
O21 KI8 Q . 4.54 -30.79 26.64
C23 KI8 Q . 4.63 -38.22 17.15
C25 KI8 Q . 6.14 -29.25 27.68
C27 KI8 Q . 8.44 -29.91 28.18
C29 KI8 Q . 5.32 -38.40 15.99
C30 KI8 Q . 7.46 -37.91 17.10
C31 KI8 Q . 6.72 -38.23 15.95
#